data_2OPU
#
_entry.id   2OPU
#
_entity_poly.entity_id   1
_entity_poly.type   'polypeptide(L)'
_entity_poly.pdbx_seq_one_letter_code
;ISSQLGPIHPPPRTSMTEEYRVPDGMVGLIIGRGGEQINKIQQDSGCKVQISPDSGGLPERSVSLTGAPESVQKAKMMLD
DIVSRGRGG
;
_entity_poly.pdbx_strand_id   A
#
# COMPACT_ATOMS: atom_id res chain seq x y z
N ILE A 1 -11.74 -10.24 -4.30
CA ILE A 1 -10.91 -9.26 -5.00
C ILE A 1 -9.67 -8.88 -4.17
N SER A 2 -8.52 -8.85 -4.82
CA SER A 2 -7.26 -8.47 -4.17
C SER A 2 -6.28 -7.91 -5.21
N SER A 3 -5.32 -7.09 -4.74
CA SER A 3 -4.30 -6.47 -5.59
C SER A 3 -4.87 -5.35 -6.46
N GLN A 4 -6.11 -5.52 -6.93
CA GLN A 4 -6.84 -4.53 -7.73
C GLN A 4 -6.22 -4.33 -9.12
N LEU A 5 -5.03 -3.75 -9.16
CA LEU A 5 -4.34 -3.37 -10.39
C LEU A 5 -5.03 -2.18 -11.07
N GLY A 6 -6.01 -2.46 -11.91
CA GLY A 6 -6.68 -1.41 -12.64
C GLY A 6 -7.11 -1.86 -14.03
N PRO A 7 -8.38 -2.23 -14.19
CA PRO A 7 -8.93 -2.66 -15.49
C PRO A 7 -9.10 -1.48 -16.46
N ILE A 8 -9.10 -0.27 -15.91
CA ILE A 8 -9.28 0.93 -16.70
C ILE A 8 -7.92 1.58 -16.96
N HIS A 9 -7.77 2.21 -18.12
CA HIS A 9 -6.49 2.74 -18.56
C HIS A 9 -6.18 4.20 -18.14
N PRO A 10 -7.18 5.05 -17.76
CA PRO A 10 -6.95 6.37 -17.15
C PRO A 10 -5.74 6.40 -16.19
N PRO A 11 -5.25 7.61 -15.87
CA PRO A 11 -4.11 7.83 -14.96
C PRO A 11 -4.13 6.94 -13.70
N PRO A 12 -2.96 6.80 -13.04
CA PRO A 12 -2.77 5.87 -11.89
C PRO A 12 -3.68 6.16 -10.69
N ARG A 13 -4.56 7.14 -10.84
CA ARG A 13 -5.60 7.42 -9.85
C ARG A 13 -6.47 6.17 -9.66
N THR A 14 -6.43 5.30 -10.66
CA THR A 14 -7.18 4.05 -10.60
C THR A 14 -6.48 2.95 -11.40
N SER A 15 -5.60 3.33 -12.34
CA SER A 15 -4.85 2.35 -13.12
C SER A 15 -3.66 1.82 -12.34
N MET A 16 -3.49 2.35 -11.14
CA MET A 16 -2.44 1.89 -10.26
C MET A 16 -2.99 1.68 -8.88
N THR A 17 -4.19 1.15 -8.82
CA THR A 17 -4.77 0.80 -7.56
C THR A 17 -4.16 -0.51 -7.13
N GLU A 18 -3.38 -0.50 -6.08
CA GLU A 18 -2.77 -1.70 -5.61
C GLU A 18 -3.35 -2.03 -4.26
N GLU A 19 -4.02 -3.14 -4.14
CA GLU A 19 -4.51 -3.56 -2.85
C GLU A 19 -3.57 -4.59 -2.28
N TYR A 20 -2.77 -4.14 -1.33
CA TYR A 20 -1.65 -4.90 -0.83
C TYR A 20 -2.07 -5.79 0.33
N ARG A 21 -1.97 -7.08 0.11
CA ARG A 21 -2.29 -8.06 1.13
C ARG A 21 -1.09 -8.19 2.06
N VAL A 22 -1.16 -7.47 3.17
CA VAL A 22 -0.04 -7.38 4.10
C VAL A 22 -0.42 -7.89 5.48
N PRO A 23 0.37 -8.84 6.00
CA PRO A 23 0.19 -9.38 7.35
C PRO A 23 0.10 -8.27 8.38
N ASP A 24 -0.86 -8.41 9.29
CA ASP A 24 -1.21 -7.34 10.23
C ASP A 24 -0.02 -6.97 11.12
N GLY A 25 0.85 -7.93 11.40
CA GLY A 25 2.05 -7.64 12.16
C GLY A 25 3.06 -6.87 11.33
N MET A 26 3.06 -7.12 10.02
CA MET A 26 3.98 -6.44 9.13
C MET A 26 3.48 -5.02 8.86
N VAL A 27 2.21 -4.78 9.19
CA VAL A 27 1.66 -3.43 9.17
C VAL A 27 2.16 -2.66 10.38
N GLY A 28 2.30 -3.36 11.50
CA GLY A 28 2.95 -2.77 12.65
C GLY A 28 4.37 -2.36 12.32
N LEU A 29 4.98 -3.05 11.37
CA LEU A 29 6.32 -2.72 10.91
C LEU A 29 6.34 -1.71 9.76
N ILE A 30 5.28 -1.67 8.95
CA ILE A 30 5.23 -0.75 7.81
C ILE A 30 5.10 0.69 8.32
N ILE A 31 4.50 0.82 9.49
CA ILE A 31 4.40 2.10 10.16
C ILE A 31 5.68 2.40 10.94
N GLY A 32 6.48 1.36 11.13
CA GLY A 32 7.79 1.48 11.75
C GLY A 32 7.75 2.06 13.14
N ARG A 33 7.84 3.38 13.22
CA ARG A 33 7.86 4.11 14.48
C ARG A 33 6.48 4.16 15.14
N GLY A 34 5.56 3.39 14.59
CA GLY A 34 4.25 3.26 15.19
C GLY A 34 3.17 3.97 14.40
N GLY A 35 3.50 4.42 13.20
CA GLY A 35 2.51 5.01 12.32
C GLY A 35 3.06 6.08 11.42
N GLU A 36 3.96 6.90 11.96
CA GLU A 36 4.45 8.08 11.27
C GLU A 36 5.23 7.74 10.00
N GLN A 37 5.88 6.57 9.96
CA GLN A 37 6.73 6.22 8.82
C GLN A 37 5.94 6.19 7.53
N ILE A 38 4.82 5.46 7.52
CA ILE A 38 4.01 5.37 6.32
C ILE A 38 3.45 6.73 5.95
N ASN A 39 3.08 7.52 6.96
CA ASN A 39 2.55 8.86 6.72
C ASN A 39 3.58 9.73 6.03
N LYS A 40 4.83 9.65 6.50
CA LYS A 40 5.92 10.38 5.88
C LYS A 40 5.99 10.07 4.39
N ILE A 41 6.06 8.79 4.07
CA ILE A 41 6.27 8.34 2.70
C ILE A 41 5.06 8.61 1.81
N GLN A 42 3.85 8.33 2.32
CA GLN A 42 2.65 8.51 1.51
C GLN A 42 2.35 10.00 1.30
N GLN A 43 2.73 10.83 2.26
CA GLN A 43 2.53 12.26 2.16
C GLN A 43 3.63 12.89 1.30
N ASP A 44 4.82 12.30 1.38
CA ASP A 44 5.98 12.77 0.64
C ASP A 44 5.84 12.46 -0.85
N SER A 45 5.46 11.24 -1.15
CA SER A 45 5.32 10.77 -2.52
C SER A 45 4.17 11.49 -3.23
N GLY A 46 3.09 11.71 -2.49
CA GLY A 46 1.89 12.26 -3.07
C GLY A 46 0.89 11.17 -3.40
N CYS A 47 1.20 9.97 -2.95
CA CYS A 47 0.35 8.82 -3.17
C CYS A 47 -0.72 8.71 -2.09
N LYS A 48 -1.89 8.25 -2.49
CA LYS A 48 -3.03 8.10 -1.60
C LYS A 48 -2.97 6.72 -0.94
N VAL A 49 -2.02 6.54 -0.06
CA VAL A 49 -1.82 5.27 0.61
C VAL A 49 -2.70 5.20 1.85
N GLN A 50 -3.71 4.34 1.81
CA GLN A 50 -4.61 4.19 2.93
C GLN A 50 -4.49 2.80 3.53
N ILE A 51 -4.19 2.75 4.83
CA ILE A 51 -4.15 1.49 5.56
C ILE A 51 -5.57 1.06 5.93
N SER A 52 -5.96 -0.14 5.54
CA SER A 52 -7.29 -0.64 5.87
C SER A 52 -7.20 -1.81 6.84
N PRO A 53 -7.63 -1.59 8.10
CA PRO A 53 -7.75 -2.67 9.09
C PRO A 53 -8.97 -3.53 8.82
N ASP A 54 -9.87 -3.03 7.99
CA ASP A 54 -11.07 -3.75 7.63
C ASP A 54 -10.74 -4.78 6.56
N SER A 55 -9.79 -4.41 5.71
CA SER A 55 -9.26 -5.27 4.67
C SER A 55 -10.27 -5.48 3.55
N GLY A 56 -11.28 -6.30 3.81
CA GLY A 56 -12.32 -6.53 2.83
C GLY A 56 -12.44 -7.98 2.44
N GLY A 57 -11.38 -8.53 1.87
CA GLY A 57 -11.38 -9.93 1.47
C GLY A 57 -10.25 -10.72 2.11
N LEU A 58 -9.33 -10.02 2.76
CA LEU A 58 -8.16 -10.65 3.36
C LEU A 58 -8.31 -10.66 4.87
N PRO A 59 -7.68 -11.63 5.55
CA PRO A 59 -7.71 -11.71 7.01
C PRO A 59 -6.70 -10.75 7.64
N GLU A 60 -5.65 -10.48 6.91
CA GLU A 60 -4.65 -9.52 7.32
C GLU A 60 -5.02 -8.15 6.77
N ARG A 61 -4.12 -7.19 6.87
CA ARG A 61 -4.43 -5.85 6.47
C ARG A 61 -4.34 -5.69 4.96
N SER A 62 -5.09 -4.75 4.43
CA SER A 62 -5.00 -4.44 3.02
C SER A 62 -4.70 -2.96 2.85
N VAL A 63 -3.56 -2.66 2.26
CA VAL A 63 -3.16 -1.29 2.04
C VAL A 63 -3.51 -0.90 0.61
N SER A 64 -4.28 0.16 0.44
CA SER A 64 -4.64 0.58 -0.89
C SER A 64 -3.72 1.67 -1.40
N LEU A 65 -3.19 1.42 -2.57
CA LEU A 65 -2.25 2.31 -3.21
C LEU A 65 -2.89 3.01 -4.40
N THR A 66 -2.86 4.34 -4.42
CA THR A 66 -3.32 5.10 -5.58
C THR A 66 -2.62 6.45 -5.69
N GLY A 67 -2.55 7.01 -6.89
CA GLY A 67 -2.00 8.34 -7.04
C GLY A 67 -1.47 8.61 -8.43
N ALA A 68 -0.23 9.06 -8.49
CA ALA A 68 0.43 9.35 -9.75
C ALA A 68 1.54 8.33 -9.96
N PRO A 69 2.10 8.21 -11.19
CA PRO A 69 3.03 7.11 -11.51
C PRO A 69 4.23 7.04 -10.58
N GLU A 70 4.77 8.19 -10.23
CA GLU A 70 5.96 8.24 -9.38
C GLU A 70 5.60 8.18 -7.91
N SER A 71 4.44 8.73 -7.53
CA SER A 71 4.00 8.69 -6.15
C SER A 71 3.61 7.28 -5.78
N VAL A 72 2.84 6.66 -6.65
CA VAL A 72 2.39 5.29 -6.47
C VAL A 72 3.59 4.35 -6.50
N GLN A 73 4.67 4.79 -7.15
CA GLN A 73 5.90 4.01 -7.20
C GLN A 73 6.59 4.04 -5.84
N LYS A 74 6.86 5.25 -5.34
CA LYS A 74 7.48 5.44 -4.03
C LYS A 74 6.67 4.72 -2.94
N ALA A 75 5.36 4.90 -2.99
CA ALA A 75 4.46 4.27 -2.04
C ALA A 75 4.59 2.75 -2.06
N LYS A 76 4.50 2.17 -3.25
CA LYS A 76 4.50 0.73 -3.40
C LYS A 76 5.88 0.16 -3.20
N MET A 77 6.89 1.01 -3.35
CA MET A 77 8.26 0.65 -3.05
C MET A 77 8.40 0.25 -1.57
N MET A 78 7.88 1.08 -0.67
CA MET A 78 7.93 0.75 0.77
C MET A 78 7.08 -0.48 1.07
N LEU A 79 5.93 -0.56 0.40
CA LEU A 79 5.04 -1.71 0.56
C LEU A 79 5.73 -2.98 0.10
N ASP A 80 6.40 -2.90 -1.04
CA ASP A 80 7.16 -4.02 -1.58
C ASP A 80 8.20 -4.47 -0.59
N ASP A 81 8.91 -3.51 -0.01
CA ASP A 81 9.97 -3.78 0.95
C ASP A 81 9.47 -4.65 2.10
N ILE A 82 8.47 -4.16 2.83
CA ILE A 82 7.98 -4.85 4.02
C ILE A 82 7.19 -6.10 3.67
N VAL A 83 6.37 -6.04 2.65
CA VAL A 83 5.56 -7.18 2.27
C VAL A 83 6.44 -8.28 1.67
N SER A 84 7.58 -7.90 1.10
CA SER A 84 8.54 -8.88 0.62
C SER A 84 9.24 -9.55 1.81
N ARG A 85 9.58 -8.76 2.82
CA ARG A 85 10.26 -9.30 4.00
C ARG A 85 9.27 -10.02 4.92
N GLY A 86 7.98 -9.93 4.61
CA GLY A 86 6.97 -10.60 5.42
C GLY A 86 6.30 -11.76 4.70
N ARG A 87 5.90 -11.55 3.45
CA ARG A 87 5.18 -12.57 2.69
C ARG A 87 6.10 -13.25 1.66
N GLY A 88 7.34 -12.77 1.57
CA GLY A 88 8.26 -13.33 0.61
C GLY A 88 8.11 -12.71 -0.76
N GLY A 89 7.00 -12.99 -1.41
CA GLY A 89 6.75 -12.47 -2.73
C GLY A 89 5.67 -13.24 -3.46
N ILE A 1 -10.79 -7.60 -6.37
CA ILE A 1 -10.41 -6.19 -6.35
C ILE A 1 -9.09 -5.96 -5.64
N SER A 2 -8.56 -7.01 -5.02
CA SER A 2 -7.29 -6.90 -4.32
C SER A 2 -6.14 -7.21 -5.27
N SER A 3 -4.90 -7.10 -4.77
CA SER A 3 -3.69 -7.29 -5.56
C SER A 3 -3.47 -6.09 -6.49
N GLN A 4 -4.32 -5.96 -7.49
CA GLN A 4 -4.21 -4.87 -8.45
C GLN A 4 -5.53 -4.68 -9.18
N LEU A 5 -6.23 -3.62 -8.85
CA LEU A 5 -7.47 -3.29 -9.51
C LEU A 5 -7.18 -2.36 -10.67
N GLY A 6 -7.07 -2.92 -11.86
CA GLY A 6 -6.77 -2.10 -13.02
C GLY A 6 -7.86 -2.16 -14.09
N PRO A 7 -9.04 -1.56 -13.83
CA PRO A 7 -10.13 -1.53 -14.80
C PRO A 7 -9.84 -0.55 -15.94
N ILE A 8 -9.24 0.57 -15.59
CA ILE A 8 -8.90 1.60 -16.56
C ILE A 8 -7.41 1.88 -16.54
N HIS A 9 -6.90 2.32 -17.68
CA HIS A 9 -5.48 2.57 -17.87
C HIS A 9 -5.02 4.00 -17.49
N PRO A 10 -5.90 5.05 -17.53
CA PRO A 10 -5.53 6.41 -17.08
C PRO A 10 -4.65 6.43 -15.82
N PRO A 11 -3.93 7.56 -15.59
CA PRO A 11 -3.02 7.73 -14.46
C PRO A 11 -3.55 7.12 -13.15
N PRO A 12 -2.62 6.57 -12.35
CA PRO A 12 -2.92 5.85 -11.09
C PRO A 12 -3.52 6.72 -9.99
N ARG A 13 -4.26 7.75 -10.36
CA ARG A 13 -4.92 8.59 -9.38
C ARG A 13 -6.24 7.95 -8.95
N THR A 14 -6.51 6.78 -9.51
CA THR A 14 -7.72 6.03 -9.18
C THR A 14 -7.77 4.71 -9.96
N SER A 15 -6.99 4.63 -11.04
CA SER A 15 -7.08 3.50 -11.94
C SER A 15 -6.38 2.28 -11.38
N MET A 16 -5.06 2.22 -11.52
CA MET A 16 -4.30 1.08 -11.04
C MET A 16 -4.15 1.11 -9.52
N THR A 17 -5.21 0.76 -8.84
CA THR A 17 -5.18 0.69 -7.40
C THR A 17 -4.58 -0.65 -6.98
N GLU A 18 -3.43 -0.61 -6.35
CA GLU A 18 -2.76 -1.83 -5.94
C GLU A 18 -3.15 -2.12 -4.51
N GLU A 19 -3.81 -3.23 -4.31
CA GLU A 19 -4.31 -3.57 -3.00
C GLU A 19 -3.35 -4.54 -2.34
N TYR A 20 -2.60 -4.03 -1.41
CA TYR A 20 -1.47 -4.76 -0.87
C TYR A 20 -1.86 -5.59 0.33
N ARG A 21 -1.69 -6.90 0.20
CA ARG A 21 -1.95 -7.82 1.29
C ARG A 21 -0.76 -7.86 2.21
N VAL A 22 -0.86 -7.13 3.30
CA VAL A 22 0.20 -7.08 4.28
C VAL A 22 -0.30 -7.65 5.61
N PRO A 23 0.38 -8.67 6.12
CA PRO A 23 -0.05 -9.37 7.32
C PRO A 23 0.00 -8.48 8.55
N ASP A 24 -0.85 -8.78 9.53
CA ASP A 24 -1.10 -7.88 10.65
C ASP A 24 0.19 -7.43 11.35
N GLY A 25 1.12 -8.36 11.55
CA GLY A 25 2.39 -8.01 12.17
C GLY A 25 3.22 -7.09 11.29
N MET A 26 3.18 -7.33 9.99
CA MET A 26 4.04 -6.59 9.06
C MET A 26 3.48 -5.21 8.78
N VAL A 27 2.18 -5.01 8.95
CA VAL A 27 1.63 -3.67 8.83
C VAL A 27 2.00 -2.84 10.06
N GLY A 28 2.15 -3.51 11.19
CA GLY A 28 2.69 -2.85 12.35
C GLY A 28 4.11 -2.36 12.09
N LEU A 29 4.80 -3.07 11.20
CA LEU A 29 6.14 -2.65 10.78
C LEU A 29 6.12 -1.70 9.56
N ILE A 30 5.07 -1.73 8.76
CA ILE A 30 5.01 -0.87 7.56
C ILE A 30 4.83 0.58 7.99
N ILE A 31 4.25 0.75 9.17
CA ILE A 31 4.15 2.05 9.78
C ILE A 31 5.42 2.37 10.57
N GLY A 32 6.22 1.33 10.80
CA GLY A 32 7.51 1.47 11.44
C GLY A 32 7.44 2.13 12.79
N ARG A 33 7.59 3.45 12.77
CA ARG A 33 7.53 4.26 13.97
C ARG A 33 6.09 4.47 14.46
N GLY A 34 5.33 3.39 14.47
CA GLY A 34 3.99 3.40 15.02
C GLY A 34 2.96 4.09 14.15
N GLY A 35 3.31 4.36 12.89
CA GLY A 35 2.34 4.94 11.98
C GLY A 35 2.91 6.07 11.16
N GLU A 36 3.79 6.84 11.79
CA GLU A 36 4.37 8.03 11.18
C GLU A 36 5.09 7.72 9.86
N GLN A 37 5.71 6.55 9.76
CA GLN A 37 6.55 6.23 8.60
C GLN A 37 5.74 6.27 7.30
N ILE A 38 4.62 5.56 7.27
CA ILE A 38 3.79 5.51 6.09
C ILE A 38 3.25 6.91 5.78
N ASN A 39 2.84 7.63 6.82
CA ASN A 39 2.34 8.98 6.69
C ASN A 39 3.38 9.88 6.04
N LYS A 40 4.63 9.69 6.44
CA LYS A 40 5.73 10.41 5.84
C LYS A 40 5.82 10.10 4.36
N ILE A 41 6.01 8.83 4.04
CA ILE A 41 6.27 8.40 2.67
C ILE A 41 5.11 8.72 1.72
N GLN A 42 3.87 8.49 2.16
CA GLN A 42 2.72 8.71 1.29
C GLN A 42 2.53 10.20 1.00
N GLN A 43 2.84 11.05 1.97
CA GLN A 43 2.77 12.49 1.78
C GLN A 43 3.98 12.97 0.99
N ASP A 44 5.12 12.35 1.29
CA ASP A 44 6.39 12.68 0.68
C ASP A 44 6.39 12.35 -0.81
N SER A 45 5.55 11.41 -1.20
CA SER A 45 5.42 11.03 -2.61
C SER A 45 4.20 11.69 -3.25
N GLY A 46 3.08 11.67 -2.54
CA GLY A 46 1.85 12.24 -3.06
C GLY A 46 0.81 11.19 -3.36
N CYS A 47 1.09 9.97 -2.94
CA CYS A 47 0.17 8.85 -3.17
C CYS A 47 -0.78 8.67 -2.00
N LYS A 48 -2.04 8.45 -2.31
CA LYS A 48 -3.06 8.23 -1.30
C LYS A 48 -2.99 6.79 -0.80
N VAL A 49 -2.05 6.54 0.08
CA VAL A 49 -1.87 5.22 0.65
C VAL A 49 -2.85 5.02 1.80
N GLN A 50 -3.82 4.18 1.57
CA GLN A 50 -4.89 3.97 2.54
C GLN A 50 -4.67 2.69 3.33
N ILE A 51 -4.48 2.85 4.63
CA ILE A 51 -4.25 1.72 5.49
C ILE A 51 -5.59 1.21 6.02
N SER A 52 -6.13 0.18 5.38
CA SER A 52 -7.41 -0.37 5.78
C SER A 52 -7.22 -1.47 6.83
N PRO A 53 -7.54 -1.16 8.10
CA PRO A 53 -7.38 -2.10 9.22
C PRO A 53 -8.46 -3.17 9.22
N ASP A 54 -9.56 -2.86 8.57
CA ASP A 54 -10.68 -3.78 8.47
C ASP A 54 -10.41 -4.83 7.40
N SER A 55 -9.78 -4.35 6.32
CA SER A 55 -9.39 -5.19 5.19
C SER A 55 -10.60 -5.64 4.36
N GLY A 56 -11.57 -6.25 5.03
CA GLY A 56 -12.79 -6.66 4.36
C GLY A 56 -12.67 -8.01 3.68
N GLY A 57 -11.91 -8.05 2.59
CA GLY A 57 -11.79 -9.28 1.82
C GLY A 57 -10.61 -10.13 2.23
N LEU A 58 -9.75 -9.57 3.08
CA LEU A 58 -8.56 -10.27 3.53
C LEU A 58 -8.58 -10.39 5.05
N PRO A 59 -7.90 -11.40 5.62
CA PRO A 59 -7.83 -11.61 7.08
C PRO A 59 -6.72 -10.79 7.72
N GLU A 60 -5.96 -10.11 6.87
CA GLU A 60 -4.79 -9.38 7.29
C GLU A 60 -5.05 -7.88 7.14
N ARG A 61 -4.05 -7.13 6.70
CA ARG A 61 -4.22 -5.73 6.44
C ARG A 61 -4.24 -5.49 4.94
N SER A 62 -5.10 -4.61 4.48
CA SER A 62 -5.14 -4.28 3.07
C SER A 62 -4.79 -2.81 2.86
N VAL A 63 -3.64 -2.58 2.26
CA VAL A 63 -3.17 -1.24 2.02
C VAL A 63 -3.44 -0.85 0.57
N SER A 64 -4.22 0.19 0.36
CA SER A 64 -4.52 0.62 -0.98
C SER A 64 -3.49 1.61 -1.47
N LEU A 65 -2.95 1.32 -2.63
CA LEU A 65 -1.99 2.18 -3.27
C LEU A 65 -2.60 2.91 -4.46
N THR A 66 -2.84 4.21 -4.33
CA THR A 66 -3.36 5.00 -5.43
C THR A 66 -2.90 6.46 -5.32
N GLY A 67 -2.16 6.95 -6.32
CA GLY A 67 -1.68 8.32 -6.27
C GLY A 67 -1.32 8.86 -7.64
N ALA A 68 -0.04 9.00 -7.90
CA ALA A 68 0.45 9.45 -9.20
C ALA A 68 1.52 8.47 -9.68
N PRO A 69 1.89 8.48 -10.97
CA PRO A 69 2.89 7.55 -11.52
C PRO A 69 4.13 7.43 -10.63
N GLU A 70 4.71 8.56 -10.27
CA GLU A 70 5.88 8.58 -9.41
C GLU A 70 5.49 8.25 -7.97
N SER A 71 4.43 8.87 -7.51
CA SER A 71 4.01 8.77 -6.11
C SER A 71 3.63 7.34 -5.74
N VAL A 72 2.86 6.70 -6.61
CA VAL A 72 2.31 5.39 -6.33
C VAL A 72 3.42 4.33 -6.36
N GLN A 73 4.45 4.58 -7.15
CA GLN A 73 5.57 3.64 -7.25
C GLN A 73 6.46 3.74 -6.02
N LYS A 74 6.69 4.97 -5.56
CA LYS A 74 7.47 5.21 -4.35
C LYS A 74 6.76 4.61 -3.14
N ALA A 75 5.46 4.88 -3.06
CA ALA A 75 4.63 4.32 -2.01
C ALA A 75 4.74 2.79 -2.01
N LYS A 76 4.64 2.20 -3.19
CA LYS A 76 4.66 0.75 -3.34
C LYS A 76 6.06 0.17 -3.14
N MET A 77 7.11 0.96 -3.31
CA MET A 77 8.45 0.42 -3.11
C MET A 77 8.67 0.18 -1.61
N MET A 78 8.03 1.00 -0.78
CA MET A 78 8.03 0.75 0.67
C MET A 78 7.22 -0.49 1.00
N LEU A 79 6.02 -0.59 0.41
CA LEU A 79 5.13 -1.70 0.65
C LEU A 79 5.77 -3.02 0.21
N ASP A 80 6.30 -3.01 -1.00
CA ASP A 80 6.98 -4.18 -1.55
C ASP A 80 8.08 -4.64 -0.62
N ASP A 81 8.79 -3.68 -0.05
CA ASP A 81 9.88 -3.97 0.87
C ASP A 81 9.41 -4.78 2.08
N ILE A 82 8.44 -4.24 2.81
CA ILE A 82 7.98 -4.87 4.05
C ILE A 82 7.17 -6.13 3.77
N VAL A 83 6.31 -6.09 2.77
CA VAL A 83 5.50 -7.25 2.44
C VAL A 83 6.39 -8.40 1.97
N SER A 84 7.49 -8.06 1.32
CA SER A 84 8.42 -9.09 0.87
C SER A 84 9.20 -9.67 2.05
N ARG A 85 9.56 -8.81 3.01
CA ARG A 85 10.33 -9.27 4.16
C ARG A 85 9.44 -10.00 5.17
N GLY A 86 8.13 -9.95 4.93
CA GLY A 86 7.20 -10.67 5.77
C GLY A 86 6.62 -11.88 5.06
N ARG A 87 5.86 -11.64 4.01
CA ARG A 87 5.19 -12.72 3.26
C ARG A 87 6.14 -13.37 2.27
N GLY A 88 7.04 -12.59 1.72
CA GLY A 88 7.92 -13.08 0.66
C GLY A 88 7.27 -12.91 -0.69
N GLY A 89 6.02 -12.49 -0.69
CA GLY A 89 5.26 -12.30 -1.90
C GLY A 89 3.83 -12.74 -1.73
N ILE A 1 -0.55 -11.84 -4.20
CA ILE A 1 -0.36 -11.07 -2.96
C ILE A 1 -0.64 -9.60 -3.21
N SER A 2 -0.37 -9.17 -4.44
CA SER A 2 -0.71 -7.83 -4.87
C SER A 2 -2.03 -7.86 -5.64
N SER A 3 -3.12 -7.67 -4.93
CA SER A 3 -4.44 -7.74 -5.52
C SER A 3 -4.75 -6.45 -6.29
N GLN A 4 -5.92 -6.40 -6.91
CA GLN A 4 -6.33 -5.30 -7.80
C GLN A 4 -5.30 -5.05 -8.90
N LEU A 5 -5.38 -3.89 -9.52
CA LEU A 5 -4.46 -3.47 -10.59
C LEU A 5 -4.95 -2.15 -11.18
N GLY A 6 -6.08 -2.21 -11.87
CA GLY A 6 -6.62 -1.06 -12.53
C GLY A 6 -6.78 -1.27 -14.02
N PRO A 7 -7.96 -1.73 -14.46
CA PRO A 7 -8.25 -1.94 -15.88
C PRO A 7 -8.38 -0.61 -16.63
N ILE A 8 -8.73 0.43 -15.88
CA ILE A 8 -8.85 1.77 -16.44
C ILE A 8 -7.44 2.36 -16.60
N HIS A 9 -6.98 2.47 -17.84
CA HIS A 9 -5.58 2.79 -18.10
C HIS A 9 -5.20 4.28 -18.20
N PRO A 10 -6.09 5.26 -17.90
CA PRO A 10 -5.67 6.62 -17.55
C PRO A 10 -4.52 6.63 -16.52
N PRO A 11 -4.08 7.84 -16.05
CA PRO A 11 -3.06 7.96 -15.00
C PRO A 11 -3.26 6.97 -13.84
N PRO A 12 -2.18 6.71 -13.08
CA PRO A 12 -2.16 5.73 -11.99
C PRO A 12 -3.09 6.06 -10.81
N ARG A 13 -4.02 6.97 -11.05
CA ARG A 13 -5.07 7.28 -10.10
C ARG A 13 -6.11 6.16 -10.08
N THR A 14 -5.94 5.20 -10.99
CA THR A 14 -6.79 4.03 -11.03
C THR A 14 -6.10 2.89 -11.78
N SER A 15 -5.17 3.25 -12.69
CA SER A 15 -4.42 2.25 -13.44
C SER A 15 -3.29 1.67 -12.61
N MET A 16 -3.26 2.03 -11.33
CA MET A 16 -2.26 1.51 -10.43
C MET A 16 -2.82 1.31 -9.04
N THR A 17 -4.07 0.95 -8.94
CA THR A 17 -4.63 0.61 -7.66
C THR A 17 -4.21 -0.81 -7.33
N GLU A 18 -3.35 -0.95 -6.35
CA GLU A 18 -2.84 -2.25 -5.96
C GLU A 18 -3.30 -2.54 -4.55
N GLU A 19 -4.08 -3.59 -4.38
CA GLU A 19 -4.54 -3.95 -3.08
C GLU A 19 -3.48 -4.79 -2.40
N TYR A 20 -2.78 -4.17 -1.48
CA TYR A 20 -1.66 -4.79 -0.83
C TYR A 20 -2.10 -5.51 0.41
N ARG A 21 -2.06 -6.83 0.35
CA ARG A 21 -2.42 -7.66 1.47
C ARG A 21 -1.21 -7.87 2.35
N VAL A 22 -1.14 -7.09 3.40
CA VAL A 22 0.01 -7.05 4.28
C VAL A 22 -0.32 -7.61 5.65
N PRO A 23 0.50 -8.55 6.12
CA PRO A 23 0.32 -9.21 7.42
C PRO A 23 0.36 -8.22 8.57
N ASP A 24 -0.46 -8.45 9.59
CA ASP A 24 -0.68 -7.47 10.66
C ASP A 24 0.64 -6.97 11.26
N GLY A 25 1.52 -7.88 11.64
CA GLY A 25 2.80 -7.51 12.22
C GLY A 25 3.67 -6.72 11.26
N MET A 26 3.50 -6.98 9.97
CA MET A 26 4.26 -6.27 8.96
C MET A 26 3.68 -4.88 8.75
N VAL A 27 2.42 -4.72 9.15
CA VAL A 27 1.81 -3.39 9.19
C VAL A 27 2.51 -2.57 10.26
N GLY A 28 2.86 -3.22 11.36
CA GLY A 28 3.61 -2.57 12.41
C GLY A 28 4.98 -2.14 11.93
N LEU A 29 5.52 -2.87 10.96
CA LEU A 29 6.81 -2.52 10.38
C LEU A 29 6.68 -1.52 9.22
N ILE A 30 5.52 -1.50 8.55
CA ILE A 30 5.32 -0.56 7.44
C ILE A 30 5.08 0.85 7.99
N ILE A 31 4.51 0.91 9.19
CA ILE A 31 4.37 2.17 9.90
C ILE A 31 5.65 2.49 10.65
N GLY A 32 6.52 1.48 10.75
CA GLY A 32 7.84 1.66 11.32
C GLY A 32 7.81 2.06 12.78
N ARG A 33 7.80 3.36 13.01
CA ARG A 33 7.78 3.93 14.35
C ARG A 33 6.43 3.71 15.03
N GLY A 34 5.45 3.26 14.26
CA GLY A 34 4.15 2.96 14.83
C GLY A 34 3.02 3.69 14.14
N GLY A 35 3.34 4.43 13.07
CA GLY A 35 2.29 5.08 12.31
C GLY A 35 2.81 6.15 11.37
N GLU A 36 3.47 7.15 11.93
CA GLU A 36 3.91 8.34 11.19
C GLU A 36 4.76 8.02 9.96
N GLN A 37 5.39 6.85 9.90
CA GLN A 37 6.26 6.54 8.78
C GLN A 37 5.47 6.45 7.49
N ILE A 38 4.36 5.70 7.49
CA ILE A 38 3.55 5.57 6.28
C ILE A 38 2.98 6.94 5.94
N ASN A 39 2.60 7.69 6.97
CA ASN A 39 2.14 9.06 6.80
C ASN A 39 3.16 9.86 6.02
N LYS A 40 4.40 9.78 6.45
CA LYS A 40 5.50 10.48 5.81
C LYS A 40 5.78 9.95 4.42
N ILE A 41 5.76 8.64 4.25
CA ILE A 41 6.10 8.03 2.98
C ILE A 41 5.07 8.35 1.90
N GLN A 42 3.79 8.34 2.26
CA GLN A 42 2.74 8.61 1.28
C GLN A 42 2.55 10.12 1.10
N GLN A 43 2.95 10.90 2.09
CA GLN A 43 2.92 12.36 2.00
C GLN A 43 4.09 12.87 1.17
N ASP A 44 5.25 12.27 1.43
CA ASP A 44 6.49 12.59 0.72
C ASP A 44 6.34 12.34 -0.77
N SER A 45 5.73 11.22 -1.12
CA SER A 45 5.57 10.84 -2.51
C SER A 45 4.35 11.52 -3.12
N GLY A 46 3.25 11.53 -2.38
CA GLY A 46 2.01 12.08 -2.89
C GLY A 46 1.00 10.99 -3.19
N CYS A 47 1.30 9.78 -2.74
CA CYS A 47 0.44 8.65 -2.98
C CYS A 47 -0.72 8.65 -1.99
N LYS A 48 -1.89 8.27 -2.47
CA LYS A 48 -3.08 8.20 -1.65
C LYS A 48 -3.24 6.80 -1.11
N VAL A 49 -2.32 6.41 -0.24
CA VAL A 49 -2.34 5.09 0.35
C VAL A 49 -3.31 5.09 1.54
N GLN A 50 -4.03 4.00 1.72
CA GLN A 50 -4.96 3.92 2.83
C GLN A 50 -4.85 2.57 3.51
N ILE A 51 -4.43 2.60 4.76
CA ILE A 51 -4.30 1.39 5.56
C ILE A 51 -5.67 0.99 6.09
N SER A 52 -6.27 -0.04 5.51
CA SER A 52 -7.57 -0.52 5.96
C SER A 52 -7.39 -1.62 6.99
N PRO A 53 -7.63 -1.29 8.28
CA PRO A 53 -7.40 -2.20 9.40
C PRO A 53 -8.48 -3.28 9.51
N ASP A 54 -9.70 -2.94 9.11
CA ASP A 54 -10.81 -3.89 9.16
C ASP A 54 -10.69 -4.86 7.99
N SER A 55 -10.12 -4.37 6.90
CA SER A 55 -9.80 -5.17 5.73
C SER A 55 -11.04 -5.56 4.93
N GLY A 56 -11.89 -6.39 5.51
CA GLY A 56 -13.07 -6.85 4.80
C GLY A 56 -12.72 -7.93 3.79
N GLY A 57 -12.52 -9.14 4.30
CA GLY A 57 -12.14 -10.25 3.44
C GLY A 57 -10.87 -10.92 3.91
N LEU A 58 -9.80 -10.13 3.99
CA LEU A 58 -8.52 -10.63 4.45
C LEU A 58 -8.44 -10.50 5.97
N PRO A 59 -7.78 -11.48 6.64
CA PRO A 59 -7.59 -11.44 8.08
C PRO A 59 -6.46 -10.48 8.43
N GLU A 60 -5.60 -10.29 7.46
CA GLU A 60 -4.49 -9.36 7.55
C GLU A 60 -4.95 -7.99 7.07
N ARG A 61 -4.00 -7.10 6.89
CA ARG A 61 -4.30 -5.73 6.54
C ARG A 61 -4.42 -5.60 5.03
N SER A 62 -5.39 -4.82 4.58
CA SER A 62 -5.53 -4.58 3.15
C SER A 62 -5.34 -3.09 2.86
N VAL A 63 -4.24 -2.78 2.20
CA VAL A 63 -3.87 -1.41 1.94
C VAL A 63 -4.04 -1.06 0.48
N SER A 64 -4.68 0.06 0.20
CA SER A 64 -4.84 0.49 -1.18
C SER A 64 -3.72 1.40 -1.60
N LEU A 65 -3.08 1.03 -2.68
CA LEU A 65 -2.01 1.81 -3.26
C LEU A 65 -2.50 2.53 -4.51
N THR A 66 -2.61 3.86 -4.45
CA THR A 66 -3.01 4.63 -5.63
C THR A 66 -2.42 6.05 -5.57
N GLY A 67 -2.11 6.64 -6.72
CA GLY A 67 -1.61 8.01 -6.73
C GLY A 67 -1.02 8.42 -8.07
N ALA A 68 -0.13 9.41 -8.04
CA ALA A 68 0.55 9.86 -9.25
C ALA A 68 1.69 8.89 -9.57
N PRO A 69 2.21 8.89 -10.82
CA PRO A 69 3.22 7.92 -11.28
C PRO A 69 4.39 7.76 -10.31
N GLU A 70 5.04 8.86 -9.98
CA GLU A 70 6.17 8.83 -9.06
C GLU A 70 5.72 8.51 -7.63
N SER A 71 4.56 9.02 -7.27
CA SER A 71 4.02 8.86 -5.94
C SER A 71 3.66 7.41 -5.64
N VAL A 72 2.89 6.82 -6.55
CA VAL A 72 2.41 5.46 -6.36
C VAL A 72 3.56 4.47 -6.43
N GLN A 73 4.61 4.86 -7.15
CA GLN A 73 5.80 4.04 -7.29
C GLN A 73 6.59 4.01 -5.97
N LYS A 74 6.75 5.18 -5.37
CA LYS A 74 7.49 5.32 -4.12
C LYS A 74 6.73 4.65 -2.98
N ALA A 75 5.41 4.81 -2.99
CA ALA A 75 4.55 4.20 -1.98
C ALA A 75 4.66 2.67 -2.03
N LYS A 76 4.70 2.13 -3.24
CA LYS A 76 4.70 0.70 -3.42
C LYS A 76 6.10 0.17 -3.22
N MET A 77 7.07 1.06 -3.35
CA MET A 77 8.44 0.75 -3.06
C MET A 77 8.57 0.27 -1.61
N MET A 78 8.02 1.05 -0.68
CA MET A 78 8.07 0.68 0.74
C MET A 78 7.20 -0.54 1.01
N LEU A 79 6.04 -0.60 0.38
CA LEU A 79 5.10 -1.69 0.56
C LEU A 79 5.70 -3.01 0.09
N ASP A 80 6.28 -2.99 -1.09
CA ASP A 80 6.94 -4.16 -1.66
C ASP A 80 8.00 -4.68 -0.71
N ASP A 81 8.79 -3.75 -0.20
CA ASP A 81 9.88 -4.07 0.71
C ASP A 81 9.40 -4.86 1.93
N ILE A 82 8.41 -4.32 2.63
CA ILE A 82 7.93 -4.92 3.86
C ILE A 82 7.07 -6.16 3.60
N VAL A 83 6.22 -6.09 2.60
CA VAL A 83 5.28 -7.17 2.34
C VAL A 83 6.00 -8.38 1.75
N SER A 84 7.13 -8.15 1.13
CA SER A 84 7.98 -9.26 0.67
C SER A 84 8.70 -9.91 1.84
N ARG A 85 9.20 -9.08 2.77
CA ARG A 85 9.89 -9.61 3.95
C ARG A 85 8.88 -10.15 4.96
N GLY A 86 7.60 -9.92 4.67
CA GLY A 86 6.55 -10.34 5.58
C GLY A 86 5.79 -11.56 5.08
N ARG A 87 5.28 -11.50 3.85
CA ARG A 87 4.46 -12.57 3.33
C ARG A 87 5.29 -13.71 2.74
N GLY A 88 5.52 -14.71 3.56
CA GLY A 88 6.08 -15.95 3.08
C GLY A 88 4.97 -16.97 2.88
N GLY A 89 3.79 -16.61 3.36
CA GLY A 89 2.61 -17.41 3.19
C GLY A 89 1.38 -16.56 3.05
N ILE A 1 -11.08 -7.51 -3.80
CA ILE A 1 -10.01 -7.92 -4.72
C ILE A 1 -8.65 -7.54 -4.14
N SER A 2 -8.26 -8.24 -3.09
CA SER A 2 -7.00 -7.96 -2.40
C SER A 2 -5.81 -8.44 -3.23
N SER A 3 -5.33 -7.55 -4.10
CA SER A 3 -4.23 -7.84 -5.02
C SER A 3 -3.83 -6.55 -5.74
N GLN A 4 -4.59 -6.20 -6.77
CA GLN A 4 -4.37 -4.99 -7.57
C GLN A 4 -5.46 -4.83 -8.61
N LEU A 5 -5.57 -3.63 -9.15
CA LEU A 5 -6.53 -3.34 -10.19
C LEU A 5 -5.91 -2.45 -11.26
N GLY A 6 -5.64 -3.02 -12.42
CA GLY A 6 -5.22 -2.22 -13.57
C GLY A 6 -6.08 -2.49 -14.80
N PRO A 7 -7.41 -2.29 -14.72
CA PRO A 7 -8.32 -2.54 -15.84
C PRO A 7 -8.58 -1.28 -16.66
N ILE A 8 -8.01 -0.16 -16.22
CA ILE A 8 -8.16 1.11 -16.91
C ILE A 8 -6.80 1.70 -17.21
N HIS A 9 -6.69 2.45 -18.29
CA HIS A 9 -5.42 3.02 -18.70
C HIS A 9 -5.14 4.45 -18.16
N PRO A 10 -6.15 5.24 -17.70
CA PRO A 10 -5.91 6.52 -17.02
C PRO A 10 -4.70 6.52 -16.07
N PRO A 11 -4.20 7.70 -15.70
CA PRO A 11 -3.13 7.84 -14.70
C PRO A 11 -3.44 7.06 -13.41
N PRO A 12 -2.39 6.64 -12.69
CA PRO A 12 -2.52 5.75 -11.51
C PRO A 12 -3.24 6.41 -10.34
N ARG A 13 -3.79 7.60 -10.56
CA ARG A 13 -4.53 8.31 -9.53
C ARG A 13 -5.81 7.57 -9.19
N THR A 14 -6.19 6.64 -10.05
CA THR A 14 -7.31 5.76 -9.81
C THR A 14 -7.21 4.51 -10.67
N SER A 15 -6.07 4.37 -11.36
CA SER A 15 -5.86 3.27 -12.29
C SER A 15 -5.17 2.10 -11.61
N MET A 16 -3.88 1.93 -11.91
CA MET A 16 -3.07 0.82 -11.38
C MET A 16 -2.94 0.90 -9.86
N THR A 17 -4.03 0.56 -9.20
CA THR A 17 -4.11 0.56 -7.76
C THR A 17 -3.69 -0.79 -7.23
N GLU A 18 -2.93 -0.82 -6.15
CA GLU A 18 -2.72 -2.07 -5.47
C GLU A 18 -3.72 -2.16 -4.35
N GLU A 19 -4.11 -3.37 -4.05
CA GLU A 19 -4.72 -3.65 -2.79
C GLU A 19 -3.82 -4.68 -2.15
N TYR A 20 -2.97 -4.20 -1.28
CA TYR A 20 -1.80 -4.95 -0.88
C TYR A 20 -2.08 -5.77 0.37
N ARG A 21 -1.84 -7.07 0.26
CA ARG A 21 -2.04 -7.99 1.37
C ARG A 21 -0.84 -7.95 2.30
N VAL A 22 -1.06 -7.42 3.48
CA VAL A 22 0.01 -7.24 4.43
C VAL A 22 -0.38 -7.80 5.80
N PRO A 23 0.47 -8.69 6.35
CA PRO A 23 0.25 -9.34 7.64
C PRO A 23 0.14 -8.34 8.79
N ASP A 24 -0.60 -8.69 9.83
CA ASP A 24 -0.91 -7.74 10.92
C ASP A 24 0.36 -7.12 11.53
N GLY A 25 1.29 -7.97 11.93
CA GLY A 25 2.53 -7.46 12.51
C GLY A 25 3.38 -6.73 11.49
N MET A 26 3.20 -7.10 10.23
CA MET A 26 4.01 -6.56 9.15
C MET A 26 3.52 -5.17 8.78
N VAL A 27 2.22 -4.93 8.89
CA VAL A 27 1.69 -3.58 8.70
C VAL A 27 2.09 -2.72 9.90
N GLY A 28 2.33 -3.38 11.02
CA GLY A 28 2.92 -2.70 12.16
C GLY A 28 4.32 -2.21 11.83
N LEU A 29 4.99 -2.93 10.94
CA LEU A 29 6.33 -2.54 10.51
C LEU A 29 6.30 -1.56 9.32
N ILE A 30 5.21 -1.57 8.53
CA ILE A 30 5.13 -0.65 7.40
C ILE A 30 4.86 0.77 7.90
N ILE A 31 4.23 0.85 9.06
CA ILE A 31 4.03 2.13 9.74
C ILE A 31 5.24 2.47 10.58
N GLY A 32 6.11 1.47 10.78
CA GLY A 32 7.39 1.67 11.45
C GLY A 32 7.24 2.25 12.84
N ARG A 33 7.33 3.56 12.92
CA ARG A 33 7.17 4.30 14.17
C ARG A 33 5.70 4.33 14.61
N GLY A 34 5.09 3.15 14.60
CA GLY A 34 3.72 2.99 15.07
C GLY A 34 2.70 3.81 14.28
N GLY A 35 3.03 4.22 13.06
CA GLY A 35 2.06 4.90 12.23
C GLY A 35 2.67 5.94 11.32
N GLU A 36 3.49 6.83 11.89
CA GLU A 36 4.00 7.99 11.17
C GLU A 36 4.72 7.62 9.86
N GLN A 37 5.38 6.46 9.82
CA GLN A 37 6.23 6.13 8.68
C GLN A 37 5.43 6.09 7.39
N ILE A 38 4.29 5.38 7.40
CA ILE A 38 3.50 5.26 6.19
C ILE A 38 3.06 6.63 5.71
N ASN A 39 2.71 7.51 6.64
CA ASN A 39 2.31 8.86 6.27
C ASN A 39 3.50 9.58 5.68
N LYS A 40 4.67 9.45 6.30
CA LYS A 40 5.89 10.08 5.78
C LYS A 40 6.20 9.58 4.38
N ILE A 41 5.85 8.33 4.11
CA ILE A 41 6.07 7.74 2.80
C ILE A 41 5.05 8.25 1.78
N GLN A 42 3.78 8.16 2.15
CA GLN A 42 2.69 8.49 1.24
C GLN A 42 2.55 10.02 1.07
N GLN A 43 3.00 10.75 2.08
CA GLN A 43 2.95 12.21 2.06
C GLN A 43 4.15 12.74 1.29
N ASP A 44 5.28 12.05 1.41
CA ASP A 44 6.49 12.38 0.66
C ASP A 44 6.25 12.16 -0.83
N SER A 45 5.66 11.01 -1.14
CA SER A 45 5.40 10.63 -2.51
C SER A 45 4.24 11.45 -3.08
N GLY A 46 3.15 11.53 -2.33
CA GLY A 46 1.96 12.19 -2.81
C GLY A 46 0.89 11.20 -3.21
N CYS A 47 1.09 9.95 -2.80
CA CYS A 47 0.16 8.88 -3.10
C CYS A 47 -0.85 8.70 -1.98
N LYS A 48 -2.09 8.39 -2.36
CA LYS A 48 -3.15 8.14 -1.40
C LYS A 48 -3.05 6.73 -0.87
N VAL A 49 -2.05 6.50 -0.04
CA VAL A 49 -1.85 5.21 0.56
C VAL A 49 -2.74 5.06 1.77
N GLN A 50 -3.73 4.19 1.66
CA GLN A 50 -4.73 4.03 2.70
C GLN A 50 -4.60 2.69 3.39
N ILE A 51 -4.41 2.75 4.69
CA ILE A 51 -4.25 1.54 5.48
C ILE A 51 -5.62 1.04 5.94
N SER A 52 -6.16 0.05 5.24
CA SER A 52 -7.47 -0.47 5.55
C SER A 52 -7.41 -1.46 6.71
N PRO A 53 -8.04 -1.10 7.84
CA PRO A 53 -8.12 -1.97 9.02
C PRO A 53 -9.19 -3.04 8.87
N ASP A 54 -10.22 -2.73 8.08
CA ASP A 54 -11.30 -3.66 7.84
C ASP A 54 -10.86 -4.68 6.80
N SER A 55 -10.15 -4.18 5.80
CA SER A 55 -9.50 -5.00 4.77
C SER A 55 -10.51 -5.65 3.83
N GLY A 56 -11.28 -6.60 4.34
CA GLY A 56 -12.24 -7.28 3.51
C GLY A 56 -12.04 -8.78 3.52
N GLY A 57 -11.34 -9.28 2.51
CA GLY A 57 -11.12 -10.71 2.39
C GLY A 57 -9.96 -11.20 3.22
N LEU A 58 -9.18 -10.26 3.73
CA LEU A 58 -7.99 -10.59 4.49
C LEU A 58 -8.28 -10.59 5.98
N PRO A 59 -7.71 -11.55 6.70
CA PRO A 59 -7.81 -11.61 8.16
C PRO A 59 -6.75 -10.75 8.83
N GLU A 60 -5.90 -10.15 8.01
CA GLU A 60 -4.80 -9.34 8.49
C GLU A 60 -5.02 -7.86 8.19
N ARG A 61 -4.32 -7.33 7.19
CA ARG A 61 -4.45 -5.94 6.83
C ARG A 61 -4.33 -5.76 5.33
N SER A 62 -4.90 -4.70 4.79
CA SER A 62 -4.73 -4.40 3.38
C SER A 62 -4.46 -2.92 3.19
N VAL A 63 -3.66 -2.60 2.19
CA VAL A 63 -3.30 -1.22 1.91
C VAL A 63 -3.67 -0.87 0.48
N SER A 64 -4.34 0.26 0.30
CA SER A 64 -4.65 0.73 -1.04
C SER A 64 -3.56 1.67 -1.54
N LEU A 65 -3.10 1.40 -2.75
CA LEU A 65 -2.06 2.18 -3.38
C LEU A 65 -2.60 2.93 -4.59
N THR A 66 -2.83 4.23 -4.46
CA THR A 66 -3.35 5.03 -5.57
C THR A 66 -2.80 6.47 -5.53
N GLY A 67 -2.16 6.92 -6.62
CA GLY A 67 -1.60 8.25 -6.64
C GLY A 67 -1.00 8.60 -7.98
N ALA A 68 -0.09 9.57 -8.01
CA ALA A 68 0.55 9.97 -9.25
C ALA A 68 1.64 8.96 -9.62
N PRO A 69 2.10 8.94 -10.89
CA PRO A 69 3.11 7.96 -11.37
C PRO A 69 4.28 7.82 -10.40
N GLU A 70 4.89 8.95 -10.04
CA GLU A 70 5.99 8.96 -9.10
C GLU A 70 5.53 8.54 -7.70
N SER A 71 4.39 9.08 -7.31
CA SER A 71 3.87 8.90 -5.97
C SER A 71 3.51 7.45 -5.69
N VAL A 72 2.77 6.84 -6.61
CA VAL A 72 2.29 5.49 -6.41
C VAL A 72 3.44 4.49 -6.51
N GLN A 73 4.51 4.91 -7.20
CA GLN A 73 5.71 4.11 -7.31
C GLN A 73 6.46 4.08 -5.99
N LYS A 74 6.72 5.28 -5.45
CA LYS A 74 7.37 5.41 -4.14
C LYS A 74 6.59 4.65 -3.07
N ALA A 75 5.27 4.78 -3.11
CA ALA A 75 4.39 4.08 -2.21
C ALA A 75 4.60 2.57 -2.30
N LYS A 76 4.54 2.04 -3.52
CA LYS A 76 4.70 0.61 -3.74
C LYS A 76 6.13 0.16 -3.44
N MET A 77 7.08 1.09 -3.49
CA MET A 77 8.47 0.76 -3.16
C MET A 77 8.57 0.27 -1.73
N MET A 78 8.03 1.04 -0.79
CA MET A 78 8.04 0.64 0.62
C MET A 78 7.14 -0.57 0.84
N LEU A 79 6.02 -0.59 0.14
CA LEU A 79 5.04 -1.68 0.26
C LEU A 79 5.67 -3.01 -0.13
N ASP A 80 6.22 -3.09 -1.32
CA ASP A 80 6.84 -4.32 -1.80
C ASP A 80 7.98 -4.73 -0.89
N ASP A 81 8.69 -3.75 -0.35
CA ASP A 81 9.82 -3.99 0.51
C ASP A 81 9.40 -4.68 1.81
N ILE A 82 8.48 -4.07 2.52
CA ILE A 82 8.04 -4.59 3.81
C ILE A 82 7.17 -5.82 3.66
N VAL A 83 6.27 -5.81 2.70
CA VAL A 83 5.43 -6.97 2.47
C VAL A 83 6.27 -8.17 2.04
N SER A 84 7.41 -7.91 1.40
CA SER A 84 8.30 -8.98 1.00
C SER A 84 9.08 -9.51 2.20
N ARG A 85 9.37 -8.66 3.18
CA ARG A 85 10.11 -9.11 4.35
C ARG A 85 9.19 -9.87 5.31
N GLY A 86 7.88 -9.78 5.07
CA GLY A 86 6.93 -10.52 5.86
C GLY A 86 6.34 -11.71 5.13
N ARG A 87 5.85 -11.46 3.92
CA ARG A 87 5.19 -12.49 3.12
C ARG A 87 6.18 -13.20 2.20
N GLY A 88 6.53 -12.56 1.10
CA GLY A 88 7.43 -13.17 0.13
C GLY A 88 8.88 -13.05 0.51
N GLY A 89 9.28 -13.77 1.56
CA GLY A 89 10.63 -13.72 2.05
C GLY A 89 10.82 -14.57 3.28
N ILE A 1 -0.34 -12.10 -2.34
CA ILE A 1 0.65 -11.04 -2.22
C ILE A 1 0.02 -9.68 -2.45
N SER A 2 -0.41 -9.41 -3.67
CA SER A 2 -0.97 -8.12 -4.00
C SER A 2 -2.12 -8.23 -5.01
N SER A 3 -3.20 -7.52 -4.71
CA SER A 3 -4.29 -7.36 -5.66
C SER A 3 -4.05 -6.07 -6.44
N GLN A 4 -4.73 -5.92 -7.56
CA GLN A 4 -4.56 -4.74 -8.39
C GLN A 4 -5.77 -4.52 -9.27
N LEU A 5 -6.37 -3.36 -9.13
CA LEU A 5 -7.53 -3.00 -9.93
C LEU A 5 -7.09 -2.05 -11.04
N GLY A 6 -7.01 -2.58 -12.25
CA GLY A 6 -6.79 -1.74 -13.42
C GLY A 6 -7.89 -1.91 -14.45
N PRO A 7 -9.12 -1.45 -14.16
CA PRO A 7 -10.26 -1.63 -15.04
C PRO A 7 -10.35 -0.57 -16.13
N ILE A 8 -9.82 0.61 -15.84
CA ILE A 8 -9.87 1.73 -16.77
C ILE A 8 -8.44 2.16 -17.10
N HIS A 9 -8.22 2.65 -18.32
CA HIS A 9 -6.85 2.90 -18.82
C HIS A 9 -6.28 4.35 -18.64
N PRO A 10 -6.90 5.28 -17.86
CA PRO A 10 -6.27 6.58 -17.54
C PRO A 10 -4.92 6.47 -16.79
N PRO A 11 -4.41 7.59 -16.23
CA PRO A 11 -3.27 7.54 -15.28
C PRO A 11 -3.56 6.64 -14.07
N PRO A 12 -2.51 6.31 -13.28
CA PRO A 12 -2.58 5.36 -12.14
C PRO A 12 -3.42 5.84 -10.96
N ARG A 13 -4.49 6.59 -11.25
CA ARG A 13 -5.40 7.04 -10.21
C ARG A 13 -6.60 6.11 -10.15
N THR A 14 -6.46 4.97 -10.81
CA THR A 14 -7.49 3.92 -10.80
C THR A 14 -7.08 2.79 -11.75
N SER A 15 -6.11 3.06 -12.62
CA SER A 15 -5.64 2.08 -13.59
C SER A 15 -4.67 1.09 -12.95
N MET A 16 -4.33 1.35 -11.71
CA MET A 16 -3.48 0.44 -10.95
C MET A 16 -3.64 0.69 -9.47
N THR A 17 -4.86 0.57 -8.98
CA THR A 17 -5.07 0.62 -7.55
C THR A 17 -4.69 -0.73 -6.99
N GLU A 18 -3.61 -0.75 -6.25
CA GLU A 18 -3.06 -2.01 -5.80
C GLU A 18 -3.50 -2.28 -4.38
N GLU A 19 -4.22 -3.38 -4.18
CA GLU A 19 -4.63 -3.76 -2.85
C GLU A 19 -3.60 -4.69 -2.26
N TYR A 20 -2.76 -4.17 -1.39
CA TYR A 20 -1.63 -4.92 -0.92
C TYR A 20 -1.98 -5.70 0.34
N ARG A 21 -1.73 -6.99 0.29
CA ARG A 21 -2.04 -7.88 1.39
C ARG A 21 -0.83 -7.96 2.32
N VAL A 22 -0.87 -7.19 3.38
CA VAL A 22 0.26 -7.03 4.26
C VAL A 22 -0.11 -7.47 5.69
N PRO A 23 0.53 -8.56 6.15
CA PRO A 23 0.18 -9.27 7.40
C PRO A 23 0.21 -8.40 8.65
N ASP A 24 -0.39 -8.89 9.71
CA ASP A 24 -0.52 -8.13 10.96
C ASP A 24 0.83 -7.66 11.48
N GLY A 25 1.81 -8.54 11.47
CA GLY A 25 3.16 -8.14 11.87
C GLY A 25 3.73 -7.10 10.94
N MET A 26 3.39 -7.20 9.66
CA MET A 26 3.95 -6.32 8.65
C MET A 26 3.28 -4.96 8.63
N VAL A 27 2.03 -4.88 9.06
CA VAL A 27 1.40 -3.57 9.21
C VAL A 27 2.02 -2.82 10.38
N GLY A 28 2.41 -3.55 11.42
CA GLY A 28 3.15 -2.94 12.50
C GLY A 28 4.52 -2.44 12.04
N LEU A 29 5.08 -3.13 11.05
CA LEU A 29 6.38 -2.75 10.51
C LEU A 29 6.27 -1.69 9.40
N ILE A 30 5.11 -1.61 8.73
CA ILE A 30 4.92 -0.62 7.67
C ILE A 30 4.81 0.77 8.29
N ILE A 31 4.29 0.79 9.50
CA ILE A 31 4.23 2.01 10.28
C ILE A 31 5.52 2.18 11.07
N GLY A 32 6.29 1.09 11.13
CA GLY A 32 7.63 1.10 11.70
C GLY A 32 7.68 1.59 13.13
N ARG A 33 7.87 2.88 13.27
CA ARG A 33 7.95 3.54 14.57
C ARG A 33 6.62 3.47 15.32
N GLY A 34 5.59 2.97 14.65
CA GLY A 34 4.32 2.76 15.32
C GLY A 34 3.19 3.51 14.65
N GLY A 35 3.47 4.16 13.52
CA GLY A 35 2.42 4.83 12.78
C GLY A 35 2.93 5.93 11.89
N GLU A 36 3.83 6.75 12.43
CA GLU A 36 4.31 7.94 11.73
C GLU A 36 4.99 7.63 10.40
N GLN A 37 5.56 6.43 10.26
CA GLN A 37 6.35 6.13 9.07
C GLN A 37 5.50 6.15 7.81
N ILE A 38 4.31 5.55 7.84
CA ILE A 38 3.48 5.53 6.65
C ILE A 38 3.03 6.93 6.30
N ASN A 39 2.82 7.75 7.33
CA ASN A 39 2.46 9.15 7.12
C ASN A 39 3.58 9.84 6.37
N LYS A 40 4.81 9.50 6.71
CA LYS A 40 5.98 10.05 6.03
C LYS A 40 6.14 9.46 4.64
N ILE A 41 5.85 8.18 4.49
CA ILE A 41 5.96 7.50 3.20
C ILE A 41 4.97 8.08 2.19
N GLN A 42 3.70 8.14 2.58
CA GLN A 42 2.65 8.57 1.67
C GLN A 42 2.71 10.09 1.46
N GLN A 43 3.32 10.80 2.40
CA GLN A 43 3.48 12.25 2.30
C GLN A 43 4.71 12.60 1.47
N ASP A 44 5.75 11.79 1.60
CA ASP A 44 6.99 11.97 0.85
C ASP A 44 6.78 11.70 -0.63
N SER A 45 5.99 10.69 -0.92
CA SER A 45 5.72 10.30 -2.30
C SER A 45 4.59 11.13 -2.91
N GLY A 46 3.56 11.39 -2.10
CA GLY A 46 2.40 12.11 -2.58
C GLY A 46 1.29 11.18 -3.01
N CYS A 47 1.51 9.89 -2.80
CA CYS A 47 0.54 8.87 -3.16
C CYS A 47 -0.54 8.77 -2.09
N LYS A 48 -1.76 8.48 -2.52
CA LYS A 48 -2.86 8.30 -1.58
C LYS A 48 -2.85 6.87 -1.07
N VAL A 49 -2.00 6.61 -0.10
CA VAL A 49 -1.87 5.28 0.46
C VAL A 49 -2.98 5.06 1.48
N GLN A 50 -3.94 4.24 1.10
CA GLN A 50 -5.14 4.05 1.91
C GLN A 50 -5.01 2.82 2.78
N ILE A 51 -4.81 3.07 4.06
CA ILE A 51 -4.64 2.00 5.01
C ILE A 51 -5.99 1.42 5.42
N SER A 52 -6.24 0.19 5.00
CA SER A 52 -7.47 -0.51 5.38
C SER A 52 -7.17 -1.43 6.57
N PRO A 53 -7.50 -0.97 7.80
CA PRO A 53 -7.15 -1.67 9.04
C PRO A 53 -7.75 -3.07 9.11
N ASP A 54 -8.99 -3.18 8.69
CA ASP A 54 -9.65 -4.47 8.62
C ASP A 54 -9.95 -4.77 7.17
N SER A 55 -9.16 -5.65 6.57
CA SER A 55 -9.25 -5.90 5.15
C SER A 55 -10.54 -6.61 4.78
N GLY A 56 -11.11 -7.36 5.72
CA GLY A 56 -12.34 -8.07 5.44
C GLY A 56 -12.09 -9.46 4.92
N GLY A 57 -11.83 -9.56 3.62
CA GLY A 57 -11.54 -10.85 3.01
C GLY A 57 -10.25 -11.43 3.50
N LEU A 58 -9.33 -10.53 3.83
CA LEU A 58 -8.01 -10.92 4.27
C LEU A 58 -7.93 -10.89 5.78
N PRO A 59 -7.27 -11.89 6.39
CA PRO A 59 -7.06 -11.94 7.84
C PRO A 59 -6.02 -10.92 8.27
N GLU A 60 -5.24 -10.50 7.30
CA GLU A 60 -4.23 -9.49 7.51
C GLU A 60 -4.76 -8.12 7.11
N ARG A 61 -3.89 -7.14 7.15
CA ARG A 61 -4.27 -5.77 6.88
C ARG A 61 -4.00 -5.46 5.40
N SER A 62 -4.87 -4.70 4.75
CA SER A 62 -4.68 -4.41 3.34
C SER A 62 -4.42 -2.92 3.09
N VAL A 63 -3.68 -2.62 2.05
CA VAL A 63 -3.33 -1.25 1.71
C VAL A 63 -3.61 -0.97 0.25
N SER A 64 -4.55 -0.09 -0.01
CA SER A 64 -4.79 0.34 -1.37
C SER A 64 -3.87 1.48 -1.74
N LEU A 65 -3.22 1.33 -2.86
CA LEU A 65 -2.28 2.31 -3.32
C LEU A 65 -2.75 2.97 -4.61
N THR A 66 -2.90 4.29 -4.59
CA THR A 66 -3.36 5.03 -5.76
C THR A 66 -2.81 6.45 -5.77
N GLY A 67 -2.45 6.95 -6.95
CA GLY A 67 -1.95 8.32 -7.06
C GLY A 67 -1.41 8.63 -8.43
N ALA A 68 -0.28 9.30 -8.47
CA ALA A 68 0.38 9.65 -9.71
C ALA A 68 1.45 8.62 -10.02
N PRO A 69 1.95 8.55 -11.28
CA PRO A 69 2.93 7.54 -11.69
C PRO A 69 4.12 7.44 -10.72
N GLU A 70 4.67 8.58 -10.37
CA GLU A 70 5.85 8.61 -9.51
C GLU A 70 5.47 8.34 -8.05
N SER A 71 4.35 8.90 -7.61
CA SER A 71 3.94 8.80 -6.23
C SER A 71 3.52 7.37 -5.90
N VAL A 72 2.68 6.82 -6.75
CA VAL A 72 2.15 5.49 -6.56
C VAL A 72 3.27 4.45 -6.64
N GLN A 73 4.30 4.77 -7.42
CA GLN A 73 5.47 3.91 -7.53
C GLN A 73 6.24 3.91 -6.22
N LYS A 74 6.54 5.10 -5.72
CA LYS A 74 7.30 5.26 -4.49
C LYS A 74 6.53 4.67 -3.30
N ALA A 75 5.23 4.88 -3.27
CA ALA A 75 4.37 4.34 -2.23
C ALA A 75 4.45 2.80 -2.21
N LYS A 76 4.47 2.21 -3.39
CA LYS A 76 4.44 0.76 -3.51
C LYS A 76 5.84 0.21 -3.32
N MET A 77 6.83 1.06 -3.54
CA MET A 77 8.21 0.73 -3.27
C MET A 77 8.41 0.36 -1.80
N MET A 78 7.91 1.22 -0.90
CA MET A 78 8.01 0.95 0.53
C MET A 78 7.08 -0.20 0.93
N LEU A 79 5.91 -0.25 0.32
CA LEU A 79 4.95 -1.33 0.59
C LEU A 79 5.56 -2.68 0.27
N ASP A 80 6.03 -2.81 -0.97
CA ASP A 80 6.65 -4.04 -1.45
C ASP A 80 7.80 -4.44 -0.54
N ASP A 81 8.51 -3.45 -0.03
CA ASP A 81 9.66 -3.67 0.83
C ASP A 81 9.28 -4.45 2.10
N ILE A 82 8.33 -3.90 2.86
CA ILE A 82 7.90 -4.54 4.10
C ILE A 82 7.13 -5.83 3.82
N VAL A 83 6.30 -5.81 2.81
CA VAL A 83 5.56 -7.00 2.44
C VAL A 83 6.53 -8.11 2.02
N SER A 84 7.68 -7.73 1.50
CA SER A 84 8.68 -8.69 1.10
C SER A 84 9.40 -9.28 2.31
N ARG A 85 9.53 -8.49 3.37
CA ARG A 85 10.23 -8.96 4.56
C ARG A 85 9.35 -9.88 5.41
N GLY A 86 8.04 -9.89 5.16
CA GLY A 86 7.17 -10.79 5.92
C GLY A 86 5.83 -11.12 5.26
N ARG A 87 5.84 -11.40 3.96
CA ARG A 87 4.64 -11.84 3.26
C ARG A 87 5.01 -12.54 1.96
N GLY A 88 5.85 -11.88 1.17
CA GLY A 88 6.35 -12.47 -0.05
C GLY A 88 7.68 -13.17 0.19
N GLY A 89 8.44 -13.36 -0.87
CA GLY A 89 9.73 -14.00 -0.74
C GLY A 89 10.39 -14.20 -2.08
N ILE A 1 -11.53 -5.42 -4.40
CA ILE A 1 -10.67 -6.29 -5.19
C ILE A 1 -9.33 -6.50 -4.49
N SER A 2 -8.68 -7.61 -4.78
CA SER A 2 -7.36 -7.86 -4.25
C SER A 2 -6.32 -7.55 -5.33
N SER A 3 -5.19 -6.97 -4.91
CA SER A 3 -4.10 -6.65 -5.81
C SER A 3 -4.46 -5.49 -6.74
N GLN A 4 -3.69 -5.34 -7.81
CA GLN A 4 -3.85 -4.25 -8.76
C GLN A 4 -5.24 -4.20 -9.38
N LEU A 5 -5.92 -3.09 -9.18
CA LEU A 5 -7.15 -2.76 -9.89
C LEU A 5 -6.83 -1.79 -11.00
N GLY A 6 -6.77 -2.27 -12.24
CA GLY A 6 -6.47 -1.38 -13.35
C GLY A 6 -7.41 -1.55 -14.54
N PRO A 7 -8.73 -1.40 -14.35
CA PRO A 7 -9.69 -1.47 -15.45
C PRO A 7 -9.72 -0.18 -16.26
N ILE A 8 -9.77 0.94 -15.54
CA ILE A 8 -9.79 2.25 -16.18
C ILE A 8 -8.38 2.69 -16.55
N HIS A 9 -8.29 3.44 -17.65
CA HIS A 9 -7.01 3.82 -18.23
C HIS A 9 -6.43 5.17 -17.73
N PRO A 10 -7.21 6.11 -17.11
CA PRO A 10 -6.68 7.41 -16.67
C PRO A 10 -5.46 7.28 -15.74
N PRO A 11 -4.72 8.39 -15.54
CA PRO A 11 -3.57 8.43 -14.64
C PRO A 11 -3.84 7.76 -13.28
N PRO A 12 -2.79 7.18 -12.67
CA PRO A 12 -2.88 6.41 -11.41
C PRO A 12 -3.28 7.25 -10.19
N ARG A 13 -4.00 8.32 -10.42
CA ARG A 13 -4.51 9.15 -9.34
C ARG A 13 -5.79 8.55 -8.79
N THR A 14 -6.43 7.71 -9.59
CA THR A 14 -7.71 7.13 -9.23
C THR A 14 -8.07 5.99 -10.19
N SER A 15 -7.06 5.28 -10.67
CA SER A 15 -7.29 4.19 -11.61
C SER A 15 -6.66 2.90 -11.11
N MET A 16 -5.36 2.77 -11.31
CA MET A 16 -4.64 1.58 -10.87
C MET A 16 -4.45 1.58 -9.36
N THR A 17 -5.50 1.22 -8.66
CA THR A 17 -5.44 1.08 -7.21
C THR A 17 -4.79 -0.25 -6.85
N GLU A 18 -3.68 -0.19 -6.15
CA GLU A 18 -2.97 -1.39 -5.77
C GLU A 18 -3.43 -1.81 -4.39
N GLU A 19 -4.02 -3.00 -4.29
CA GLU A 19 -4.47 -3.49 -3.01
C GLU A 19 -3.45 -4.48 -2.48
N TYR A 20 -2.65 -4.05 -1.52
CA TYR A 20 -1.54 -4.84 -1.06
C TYR A 20 -1.91 -5.69 0.15
N ARG A 21 -1.71 -7.00 0.01
CA ARG A 21 -1.92 -7.93 1.11
C ARG A 21 -0.70 -7.94 2.02
N VAL A 22 -0.87 -7.41 3.21
CA VAL A 22 0.22 -7.32 4.16
C VAL A 22 -0.20 -7.81 5.54
N PRO A 23 0.58 -8.76 6.09
CA PRO A 23 0.33 -9.31 7.43
C PRO A 23 0.26 -8.21 8.47
N ASP A 24 -0.72 -8.32 9.36
CA ASP A 24 -1.07 -7.24 10.28
C ASP A 24 0.10 -6.85 11.20
N GLY A 25 0.95 -7.81 11.52
CA GLY A 25 2.13 -7.53 12.32
C GLY A 25 3.21 -6.87 11.49
N MET A 26 3.23 -7.18 10.21
CA MET A 26 4.20 -6.60 9.29
C MET A 26 3.76 -5.19 8.96
N VAL A 27 2.47 -4.92 9.17
CA VAL A 27 1.94 -3.58 9.11
C VAL A 27 2.46 -2.77 10.29
N GLY A 28 2.54 -3.43 11.45
CA GLY A 28 3.18 -2.81 12.59
C GLY A 28 4.61 -2.39 12.28
N LEU A 29 5.24 -3.10 11.35
CA LEU A 29 6.60 -2.75 10.93
C LEU A 29 6.61 -1.69 9.81
N ILE A 30 5.57 -1.66 8.97
CA ILE A 30 5.52 -0.70 7.87
C ILE A 30 5.25 0.70 8.42
N ILE A 31 4.54 0.76 9.53
CA ILE A 31 4.32 2.01 10.23
C ILE A 31 5.53 2.39 11.07
N GLY A 32 6.43 1.41 11.24
CA GLY A 32 7.71 1.66 11.90
C GLY A 32 7.58 2.08 13.34
N ARG A 33 7.64 3.38 13.56
CA ARG A 33 7.51 3.96 14.90
C ARG A 33 6.16 3.61 15.51
N GLY A 34 5.18 3.33 14.65
CA GLY A 34 3.86 2.99 15.12
C GLY A 34 2.77 3.80 14.43
N GLY A 35 3.01 4.18 13.19
CA GLY A 35 1.99 4.85 12.40
C GLY A 35 2.54 5.84 11.41
N GLU A 36 3.22 6.86 11.93
CA GLU A 36 3.61 8.03 11.15
C GLU A 36 4.52 7.71 9.96
N GLN A 37 5.21 6.58 9.98
CA GLN A 37 6.16 6.27 8.91
C GLN A 37 5.44 6.21 7.56
N ILE A 38 4.35 5.44 7.50
CA ILE A 38 3.61 5.30 6.25
C ILE A 38 3.01 6.64 5.85
N ASN A 39 2.52 7.39 6.84
CA ASN A 39 2.01 8.73 6.61
C ASN A 39 3.07 9.59 5.92
N LYS A 40 4.28 9.51 6.44
CA LYS A 40 5.40 10.26 5.90
C LYS A 40 5.76 9.78 4.50
N ILE A 41 5.65 8.48 4.27
CA ILE A 41 5.96 7.92 2.96
C ILE A 41 4.93 8.34 1.92
N GLN A 42 3.65 8.15 2.24
CA GLN A 42 2.58 8.39 1.30
C GLN A 42 2.37 9.89 1.05
N GLN A 43 2.64 10.71 2.06
CA GLN A 43 2.49 12.15 1.91
C GLN A 43 3.70 12.73 1.18
N ASP A 44 4.87 12.12 1.36
CA ASP A 44 6.07 12.55 0.68
C ASP A 44 6.02 12.18 -0.79
N SER A 45 5.62 10.95 -1.06
CA SER A 45 5.49 10.47 -2.43
C SER A 45 4.33 11.19 -3.14
N GLY A 46 3.21 11.30 -2.44
CA GLY A 46 2.04 11.93 -3.00
C GLY A 46 0.94 10.92 -3.28
N CYS A 47 1.24 9.66 -2.99
CA CYS A 47 0.30 8.58 -3.21
C CYS A 47 -0.68 8.48 -2.05
N LYS A 48 -1.96 8.31 -2.37
CA LYS A 48 -2.99 8.19 -1.35
C LYS A 48 -3.00 6.77 -0.81
N VAL A 49 -1.98 6.46 -0.01
CA VAL A 49 -1.84 5.14 0.57
C VAL A 49 -2.69 5.03 1.82
N GLN A 50 -3.73 4.22 1.75
CA GLN A 50 -4.64 4.07 2.86
C GLN A 50 -4.52 2.68 3.47
N ILE A 51 -4.12 2.63 4.73
CA ILE A 51 -4.03 1.37 5.44
C ILE A 51 -5.42 0.95 5.91
N SER A 52 -5.93 -0.16 5.40
CA SER A 52 -7.23 -0.65 5.81
C SER A 52 -7.09 -1.76 6.84
N PRO A 53 -7.36 -1.45 8.12
CA PRO A 53 -7.33 -2.43 9.20
C PRO A 53 -8.54 -3.37 9.15
N ASP A 54 -9.59 -2.91 8.49
CA ASP A 54 -10.80 -3.71 8.34
C ASP A 54 -10.66 -4.63 7.14
N SER A 55 -9.92 -4.14 6.14
CA SER A 55 -9.53 -4.92 4.97
C SER A 55 -10.73 -5.33 4.10
N GLY A 56 -11.47 -6.34 4.53
CA GLY A 56 -12.59 -6.84 3.76
C GLY A 56 -12.48 -8.32 3.50
N GLY A 57 -11.78 -8.67 2.43
CA GLY A 57 -11.66 -10.07 2.05
C GLY A 57 -10.40 -10.72 2.58
N LEU A 58 -9.56 -9.94 3.24
CA LEU A 58 -8.29 -10.44 3.74
C LEU A 58 -8.28 -10.46 5.27
N PRO A 59 -7.57 -11.43 5.87
CA PRO A 59 -7.43 -11.54 7.33
C PRO A 59 -6.37 -10.61 7.88
N GLU A 60 -5.63 -10.04 6.95
CA GLU A 60 -4.51 -9.18 7.27
C GLU A 60 -4.90 -7.74 7.02
N ARG A 61 -3.96 -6.91 6.61
CA ARG A 61 -4.27 -5.55 6.25
C ARG A 61 -4.21 -5.39 4.74
N SER A 62 -5.13 -4.64 4.19
CA SER A 62 -5.12 -4.38 2.78
C SER A 62 -4.77 -2.92 2.54
N VAL A 63 -3.58 -2.70 2.05
CA VAL A 63 -3.06 -1.36 1.83
C VAL A 63 -3.27 -0.94 0.40
N SER A 64 -4.19 -0.04 0.19
CA SER A 64 -4.44 0.45 -1.15
C SER A 64 -3.53 1.61 -1.46
N LEU A 65 -2.95 1.58 -2.63
CA LEU A 65 -2.10 2.67 -3.05
C LEU A 65 -2.59 3.25 -4.36
N THR A 66 -2.88 4.53 -4.36
CA THR A 66 -3.27 5.24 -5.57
C THR A 66 -2.89 6.72 -5.46
N GLY A 67 -2.07 7.22 -6.37
CA GLY A 67 -1.63 8.60 -6.26
C GLY A 67 -1.23 9.20 -7.59
N ALA A 68 -0.06 8.83 -8.07
CA ALA A 68 0.47 9.35 -9.32
C ALA A 68 1.56 8.43 -9.83
N PRO A 69 1.99 8.54 -11.11
CA PRO A 69 2.96 7.61 -11.72
C PRO A 69 4.20 7.40 -10.87
N GLU A 70 4.77 8.50 -10.38
CA GLU A 70 5.95 8.43 -9.53
C GLU A 70 5.54 8.14 -8.08
N SER A 71 4.44 8.75 -7.67
CA SER A 71 3.99 8.68 -6.29
C SER A 71 3.59 7.26 -5.91
N VAL A 72 2.82 6.61 -6.76
CA VAL A 72 2.31 5.28 -6.47
C VAL A 72 3.42 4.24 -6.55
N GLN A 73 4.45 4.57 -7.31
CA GLN A 73 5.61 3.70 -7.45
C GLN A 73 6.48 3.78 -6.21
N LYS A 74 6.77 5.01 -5.77
CA LYS A 74 7.55 5.25 -4.56
C LYS A 74 6.85 4.65 -3.34
N ALA A 75 5.55 4.87 -3.25
CA ALA A 75 4.74 4.32 -2.17
C ALA A 75 4.84 2.81 -2.14
N LYS A 76 4.67 2.20 -3.32
CA LYS A 76 4.77 0.75 -3.44
C LYS A 76 6.19 0.24 -3.23
N MET A 77 7.18 1.11 -3.40
CA MET A 77 8.56 0.74 -3.13
C MET A 77 8.73 0.35 -1.67
N MET A 78 8.20 1.19 -0.77
CA MET A 78 8.23 0.88 0.66
C MET A 78 7.37 -0.35 0.95
N LEU A 79 6.23 -0.44 0.30
CA LEU A 79 5.29 -1.53 0.53
C LEU A 79 5.89 -2.87 0.10
N ASP A 80 6.30 -2.96 -1.15
CA ASP A 80 6.85 -4.20 -1.70
C ASP A 80 8.00 -4.69 -0.83
N ASP A 81 8.77 -3.74 -0.30
CA ASP A 81 9.91 -4.06 0.54
C ASP A 81 9.50 -4.73 1.86
N ILE A 82 8.72 -4.02 2.67
CA ILE A 82 8.34 -4.53 3.99
C ILE A 82 7.35 -5.69 3.86
N VAL A 83 6.44 -5.58 2.91
CA VAL A 83 5.49 -6.65 2.69
C VAL A 83 6.20 -7.93 2.29
N SER A 84 7.28 -7.82 1.53
CA SER A 84 8.04 -8.99 1.13
C SER A 84 8.81 -9.58 2.31
N ARG A 85 9.06 -8.76 3.32
CA ARG A 85 9.66 -9.26 4.57
C ARG A 85 8.75 -10.32 5.18
N GLY A 86 7.46 -10.00 5.30
CA GLY A 86 6.51 -10.94 5.84
C GLY A 86 6.05 -11.95 4.81
N ARG A 87 5.54 -11.45 3.71
CA ARG A 87 5.06 -12.26 2.59
C ARG A 87 6.22 -12.61 1.66
N GLY A 88 6.80 -13.79 1.85
CA GLY A 88 7.92 -14.21 1.03
C GLY A 88 9.24 -14.12 1.78
N GLY A 89 9.17 -14.35 3.08
CA GLY A 89 10.34 -14.32 3.92
C GLY A 89 10.07 -14.95 5.26
N ILE A 1 -8.60 -10.69 -5.85
CA ILE A 1 -8.79 -10.49 -4.42
C ILE A 1 -7.66 -9.64 -3.86
N SER A 2 -6.53 -9.67 -4.54
CA SER A 2 -5.37 -8.86 -4.20
C SER A 2 -4.96 -8.04 -5.41
N SER A 3 -4.28 -6.92 -5.17
CA SER A 3 -3.86 -6.01 -6.23
C SER A 3 -5.09 -5.45 -6.94
N GLN A 4 -4.91 -5.09 -8.22
CA GLN A 4 -6.00 -4.69 -9.12
C GLN A 4 -5.41 -4.13 -10.39
N LEU A 5 -4.24 -3.51 -10.24
CA LEU A 5 -3.48 -2.94 -11.35
C LEU A 5 -4.22 -1.74 -11.94
N GLY A 6 -5.06 -1.99 -12.94
CA GLY A 6 -5.71 -0.90 -13.64
C GLY A 6 -5.97 -1.22 -15.09
N PRO A 7 -7.16 -1.73 -15.43
CA PRO A 7 -7.55 -2.02 -16.81
C PRO A 7 -7.77 -0.74 -17.62
N ILE A 8 -7.86 0.37 -16.93
CA ILE A 8 -8.07 1.66 -17.55
C ILE A 8 -6.75 2.42 -17.67
N HIS A 9 -6.72 3.41 -18.55
CA HIS A 9 -5.51 4.18 -18.83
C HIS A 9 -5.34 5.45 -17.96
N PRO A 10 -6.42 6.21 -17.65
CA PRO A 10 -6.36 7.46 -16.85
C PRO A 10 -5.25 7.47 -15.80
N PRO A 11 -4.63 8.65 -15.56
CA PRO A 11 -3.54 8.81 -14.58
C PRO A 11 -3.80 8.03 -13.30
N PRO A 12 -2.73 7.41 -12.74
CA PRO A 12 -2.79 6.42 -11.63
C PRO A 12 -3.57 6.81 -10.38
N ARG A 13 -4.85 7.08 -10.55
CA ARG A 13 -5.78 7.26 -9.45
C ARG A 13 -6.80 6.12 -9.49
N THR A 14 -6.44 5.10 -10.25
CA THR A 14 -7.26 3.90 -10.43
C THR A 14 -6.56 2.92 -11.35
N SER A 15 -5.68 3.44 -12.20
CA SER A 15 -4.91 2.62 -13.14
C SER A 15 -3.63 2.09 -12.49
N MET A 16 -3.54 2.27 -11.17
CA MET A 16 -2.43 1.74 -10.41
C MET A 16 -2.90 1.36 -9.03
N THR A 17 -4.16 0.95 -8.94
CA THR A 17 -4.73 0.57 -7.68
C THR A 17 -4.30 -0.84 -7.33
N GLU A 18 -3.55 -0.96 -6.26
CA GLU A 18 -3.08 -2.25 -5.82
C GLU A 18 -3.52 -2.47 -4.38
N GLU A 19 -4.33 -3.50 -4.16
CA GLU A 19 -4.73 -3.84 -2.82
C GLU A 19 -3.71 -4.81 -2.23
N TYR A 20 -2.94 -4.33 -1.29
CA TYR A 20 -1.79 -5.07 -0.79
C TYR A 20 -2.15 -5.93 0.41
N ARG A 21 -1.79 -7.21 0.33
CA ARG A 21 -1.96 -8.13 1.44
C ARG A 21 -0.73 -8.09 2.33
N VAL A 22 -0.86 -7.38 3.44
CA VAL A 22 0.26 -7.19 4.36
C VAL A 22 -0.06 -7.74 5.74
N PRO A 23 0.76 -8.70 6.20
CA PRO A 23 0.59 -9.38 7.49
C PRO A 23 0.41 -8.39 8.64
N ASP A 24 -0.41 -8.79 9.61
CA ASP A 24 -0.89 -7.90 10.67
C ASP A 24 0.25 -7.30 11.51
N GLY A 25 1.28 -8.09 11.76
CA GLY A 25 2.42 -7.58 12.49
C GLY A 25 3.34 -6.83 11.56
N MET A 26 3.28 -7.19 10.29
CA MET A 26 4.14 -6.61 9.28
C MET A 26 3.62 -5.25 8.85
N VAL A 27 2.31 -5.04 8.99
CA VAL A 27 1.74 -3.71 8.80
C VAL A 27 2.04 -2.85 10.02
N GLY A 28 2.15 -3.50 11.18
CA GLY A 28 2.71 -2.81 12.32
C GLY A 28 4.12 -2.31 12.04
N LEU A 29 4.82 -3.00 11.15
CA LEU A 29 6.15 -2.59 10.74
C LEU A 29 6.14 -1.63 9.54
N ILE A 30 5.08 -1.66 8.73
CA ILE A 30 5.01 -0.78 7.56
C ILE A 30 4.81 0.66 8.00
N ILE A 31 4.20 0.83 9.16
CA ILE A 31 4.07 2.14 9.77
C ILE A 31 5.35 2.51 10.51
N GLY A 32 6.18 1.50 10.72
CA GLY A 32 7.48 1.69 11.32
C GLY A 32 7.42 2.24 12.72
N ARG A 33 7.46 3.57 12.80
CA ARG A 33 7.44 4.29 14.07
C ARG A 33 6.04 4.34 14.68
N GLY A 34 5.22 3.34 14.38
CA GLY A 34 3.91 3.25 14.98
C GLY A 34 2.82 3.84 14.10
N GLY A 35 3.19 4.52 13.04
CA GLY A 35 2.19 5.05 12.12
C GLY A 35 2.72 6.09 11.16
N GLU A 36 3.39 7.11 11.71
CA GLU A 36 3.79 8.29 10.93
C GLU A 36 4.68 7.99 9.74
N GLN A 37 5.38 6.85 9.73
CA GLN A 37 6.37 6.61 8.68
C GLN A 37 5.72 6.50 7.31
N ILE A 38 4.71 5.64 7.19
CA ILE A 38 4.02 5.46 5.91
C ILE A 38 3.39 6.78 5.47
N ASN A 39 2.74 7.48 6.41
CA ASN A 39 2.11 8.76 6.11
C ASN A 39 3.17 9.74 5.62
N LYS A 40 4.29 9.74 6.28
CA LYS A 40 5.38 10.65 6.00
C LYS A 40 5.93 10.42 4.60
N ILE A 41 5.94 9.16 4.16
CA ILE A 41 6.43 8.82 2.83
C ILE A 41 5.38 9.08 1.76
N GLN A 42 4.17 8.57 1.97
CA GLN A 42 3.10 8.71 0.99
C GLN A 42 2.74 10.18 0.79
N GLN A 43 2.77 10.96 1.86
CA GLN A 43 2.47 12.38 1.78
C GLN A 43 3.63 13.12 1.12
N ASP A 44 4.84 12.68 1.43
CA ASP A 44 6.05 13.27 0.86
C ASP A 44 6.10 13.06 -0.65
N SER A 45 5.80 11.84 -1.08
CA SER A 45 5.78 11.53 -2.50
C SER A 45 4.55 12.14 -3.17
N GLY A 46 3.39 11.98 -2.54
CA GLY A 46 2.16 12.47 -3.10
C GLY A 46 1.17 11.35 -3.36
N CYS A 47 1.52 10.17 -2.87
CA CYS A 47 0.68 8.98 -3.05
C CYS A 47 -0.40 8.93 -1.97
N LYS A 48 -1.59 8.54 -2.37
CA LYS A 48 -2.72 8.45 -1.46
C LYS A 48 -2.84 7.03 -0.93
N VAL A 49 -1.91 6.66 -0.06
CA VAL A 49 -1.89 5.33 0.51
C VAL A 49 -2.85 5.24 1.68
N GLN A 50 -3.80 4.33 1.58
CA GLN A 50 -4.81 4.17 2.61
C GLN A 50 -4.72 2.80 3.25
N ILE A 51 -4.47 2.79 4.53
CA ILE A 51 -4.36 1.55 5.28
C ILE A 51 -5.76 1.10 5.71
N SER A 52 -6.26 0.03 5.10
CA SER A 52 -7.58 -0.50 5.42
C SER A 52 -7.49 -1.54 6.52
N PRO A 53 -8.00 -1.20 7.73
CA PRO A 53 -8.03 -2.12 8.87
C PRO A 53 -8.92 -3.32 8.61
N ASP A 54 -10.15 -3.06 8.20
CA ASP A 54 -11.05 -4.13 7.81
C ASP A 54 -10.77 -4.53 6.37
N SER A 55 -9.92 -5.54 6.23
CA SER A 55 -9.47 -5.99 4.93
C SER A 55 -10.56 -6.75 4.19
N GLY A 56 -11.42 -7.41 4.95
CA GLY A 56 -12.59 -8.07 4.37
C GLY A 56 -12.24 -9.41 3.76
N GLY A 57 -11.82 -9.39 2.51
CA GLY A 57 -11.46 -10.62 1.81
C GLY A 57 -10.11 -11.15 2.24
N LEU A 58 -9.37 -10.33 2.97
CA LEU A 58 -8.00 -10.62 3.34
C LEU A 58 -7.92 -10.91 4.83
N PRO A 59 -7.05 -11.85 5.25
CA PRO A 59 -6.90 -12.21 6.66
C PRO A 59 -6.05 -11.20 7.42
N GLU A 60 -5.02 -10.71 6.76
CA GLU A 60 -4.13 -9.72 7.33
C GLU A 60 -4.64 -8.33 6.98
N ARG A 61 -3.76 -7.34 6.94
CA ARG A 61 -4.17 -5.99 6.64
C ARG A 61 -4.21 -5.77 5.13
N SER A 62 -5.02 -4.82 4.69
CA SER A 62 -5.07 -4.48 3.27
C SER A 62 -4.69 -3.02 3.06
N VAL A 63 -3.61 -2.79 2.35
CA VAL A 63 -3.17 -1.44 2.06
C VAL A 63 -3.50 -1.07 0.63
N SER A 64 -4.28 -0.02 0.44
CA SER A 64 -4.63 0.41 -0.88
C SER A 64 -3.58 1.36 -1.45
N LEU A 65 -3.13 1.04 -2.63
CA LEU A 65 -2.13 1.85 -3.31
C LEU A 65 -2.76 2.67 -4.42
N THR A 66 -2.78 3.98 -4.25
CA THR A 66 -3.22 4.90 -5.30
C THR A 66 -2.52 6.25 -5.13
N GLY A 67 -2.38 7.03 -6.21
CA GLY A 67 -1.79 8.35 -6.08
C GLY A 67 -1.43 8.98 -7.41
N ALA A 68 -0.15 8.94 -7.74
CA ALA A 68 0.36 9.55 -8.97
C ALA A 68 1.49 8.67 -9.53
N PRO A 69 1.89 8.85 -10.80
CA PRO A 69 2.83 7.94 -11.48
C PRO A 69 4.08 7.64 -10.66
N GLU A 70 4.76 8.68 -10.21
CA GLU A 70 6.00 8.53 -9.46
C GLU A 70 5.72 8.30 -7.98
N SER A 71 4.61 8.86 -7.51
CA SER A 71 4.24 8.78 -6.11
C SER A 71 3.77 7.38 -5.73
N VAL A 72 2.95 6.80 -6.60
CA VAL A 72 2.37 5.49 -6.35
C VAL A 72 3.46 4.43 -6.38
N GLN A 73 4.54 4.73 -7.09
CA GLN A 73 5.68 3.84 -7.17
C GLN A 73 6.46 3.89 -5.85
N LYS A 74 6.64 5.11 -5.33
CA LYS A 74 7.38 5.31 -4.08
C LYS A 74 6.69 4.57 -2.94
N ALA A 75 5.37 4.72 -2.89
CA ALA A 75 4.57 4.06 -1.89
C ALA A 75 4.74 2.55 -1.97
N LYS A 76 4.63 2.02 -3.18
CA LYS A 76 4.76 0.59 -3.41
C LYS A 76 6.20 0.14 -3.18
N MET A 77 7.16 1.06 -3.26
CA MET A 77 8.53 0.75 -2.87
C MET A 77 8.58 0.26 -1.42
N MET A 78 7.89 0.99 -0.54
CA MET A 78 7.77 0.58 0.86
C MET A 78 7.01 -0.73 0.96
N LEU A 79 5.87 -0.78 0.30
CA LEU A 79 4.97 -1.93 0.38
C LEU A 79 5.65 -3.21 -0.10
N ASP A 80 6.25 -3.15 -1.28
CA ASP A 80 6.91 -4.32 -1.86
C ASP A 80 8.04 -4.79 -0.95
N ASP A 81 8.78 -3.84 -0.41
CA ASP A 81 9.90 -4.13 0.49
C ASP A 81 9.43 -4.89 1.73
N ILE A 82 8.49 -4.30 2.44
CA ILE A 82 8.03 -4.84 3.72
C ILE A 82 7.13 -6.06 3.54
N VAL A 83 6.33 -6.07 2.49
CA VAL A 83 5.45 -7.20 2.26
C VAL A 83 6.23 -8.42 1.79
N SER A 84 7.36 -8.19 1.13
CA SER A 84 8.24 -9.29 0.74
C SER A 84 8.89 -9.92 1.97
N ARG A 85 9.31 -9.08 2.93
CA ARG A 85 9.93 -9.59 4.15
C ARG A 85 8.88 -10.22 5.07
N GLY A 86 7.62 -9.84 4.89
CA GLY A 86 6.56 -10.35 5.74
C GLY A 86 5.86 -11.56 5.15
N ARG A 87 5.30 -11.40 3.96
CA ARG A 87 4.57 -12.47 3.29
C ARG A 87 5.55 -13.49 2.71
N GLY A 88 6.78 -13.07 2.51
CA GLY A 88 7.78 -13.92 1.91
C GLY A 88 7.78 -13.81 0.40
N GLY A 89 6.66 -14.15 -0.21
CA GLY A 89 6.53 -14.08 -1.65
C GLY A 89 6.68 -15.44 -2.27
N ILE A 1 0.18 -13.09 -4.66
CA ILE A 1 -0.03 -12.06 -5.68
C ILE A 1 -0.90 -10.89 -5.19
N SER A 2 -1.69 -11.15 -4.14
CA SER A 2 -2.53 -10.13 -3.53
C SER A 2 -3.62 -9.67 -4.51
N SER A 3 -3.99 -8.40 -4.48
CA SER A 3 -5.04 -7.89 -5.34
C SER A 3 -4.57 -6.62 -6.05
N GLN A 4 -5.28 -6.25 -7.12
CA GLN A 4 -4.98 -5.06 -7.90
C GLN A 4 -6.11 -4.76 -8.87
N LEU A 5 -6.21 -3.50 -9.27
CA LEU A 5 -7.21 -3.04 -10.23
C LEU A 5 -6.59 -2.07 -11.22
N GLY A 6 -6.38 -2.53 -12.45
CA GLY A 6 -5.88 -1.64 -13.48
C GLY A 6 -6.76 -1.66 -14.74
N PRO A 7 -8.05 -1.29 -14.63
CA PRO A 7 -8.97 -1.33 -15.76
C PRO A 7 -8.90 -0.09 -16.64
N ILE A 8 -8.50 1.03 -16.03
CA ILE A 8 -8.40 2.29 -16.74
C ILE A 8 -6.96 2.71 -16.89
N HIS A 9 -6.65 3.32 -18.03
CA HIS A 9 -5.27 3.64 -18.39
C HIS A 9 -4.77 5.02 -17.92
N PRO A 10 -5.66 6.02 -17.59
CA PRO A 10 -5.24 7.24 -16.91
C PRO A 10 -4.20 6.99 -15.81
N PRO A 11 -3.36 7.99 -15.50
CA PRO A 11 -2.33 7.90 -14.46
C PRO A 11 -2.83 7.28 -13.16
N PRO A 12 -1.92 6.64 -12.40
CA PRO A 12 -2.23 5.93 -11.15
C PRO A 12 -2.72 6.84 -10.02
N ARG A 13 -3.29 7.97 -10.39
CA ARG A 13 -3.88 8.89 -9.43
C ARG A 13 -5.16 8.31 -8.86
N THR A 14 -5.78 7.43 -9.65
CA THR A 14 -7.05 6.84 -9.29
C THR A 14 -7.33 5.58 -10.13
N SER A 15 -6.32 5.12 -10.85
CA SER A 15 -6.53 4.02 -11.79
C SER A 15 -5.95 2.71 -11.27
N MET A 16 -4.66 2.46 -11.51
CA MET A 16 -4.04 1.22 -11.07
C MET A 16 -3.93 1.17 -9.55
N THR A 17 -4.99 0.71 -8.92
CA THR A 17 -5.01 0.56 -7.49
C THR A 17 -4.50 -0.82 -7.12
N GLU A 18 -3.36 -0.88 -6.47
CA GLU A 18 -2.81 -2.17 -6.06
C GLU A 18 -3.22 -2.45 -4.63
N GLU A 19 -3.96 -3.52 -4.43
CA GLU A 19 -4.44 -3.85 -3.11
C GLU A 19 -3.44 -4.75 -2.41
N TYR A 20 -2.75 -4.18 -1.45
CA TYR A 20 -1.70 -4.88 -0.75
C TYR A 20 -2.26 -5.58 0.47
N ARG A 21 -2.32 -6.89 0.38
CA ARG A 21 -2.78 -7.71 1.49
C ARG A 21 -1.57 -8.06 2.34
N VAL A 22 -1.41 -7.32 3.41
CA VAL A 22 -0.21 -7.39 4.22
C VAL A 22 -0.51 -7.93 5.61
N PRO A 23 0.31 -8.89 6.06
CA PRO A 23 0.20 -9.48 7.40
C PRO A 23 0.32 -8.40 8.45
N ASP A 24 -0.57 -8.45 9.43
CA ASP A 24 -0.76 -7.35 10.37
C ASP A 24 0.51 -6.99 11.14
N GLY A 25 1.35 -7.97 11.41
CA GLY A 25 2.60 -7.70 12.11
C GLY A 25 3.54 -6.85 11.26
N MET A 26 3.44 -7.03 9.95
CA MET A 26 4.28 -6.27 9.02
C MET A 26 3.70 -4.88 8.87
N VAL A 27 2.46 -4.70 9.29
CA VAL A 27 1.84 -3.38 9.33
C VAL A 27 2.45 -2.58 10.46
N GLY A 28 2.69 -3.25 11.57
CA GLY A 28 3.38 -2.62 12.69
C GLY A 28 4.79 -2.22 12.31
N LEU A 29 5.36 -2.93 11.35
CA LEU A 29 6.69 -2.60 10.86
C LEU A 29 6.65 -1.55 9.74
N ILE A 30 5.57 -1.52 8.95
CA ILE A 30 5.47 -0.57 7.84
C ILE A 30 5.24 0.85 8.37
N ILE A 31 4.64 0.92 9.56
CA ILE A 31 4.43 2.18 10.24
C ILE A 31 5.68 2.60 10.99
N GLY A 32 6.61 1.66 11.16
CA GLY A 32 7.91 1.96 11.77
C GLY A 32 7.81 2.43 13.20
N ARG A 33 7.91 3.75 13.38
CA ARG A 33 7.81 4.38 14.70
C ARG A 33 6.45 4.10 15.35
N GLY A 34 5.51 3.64 14.55
CA GLY A 34 4.20 3.32 15.06
C GLY A 34 3.09 4.08 14.36
N GLY A 35 3.33 4.45 13.11
CA GLY A 35 2.29 5.07 12.31
C GLY A 35 2.82 6.12 11.36
N GLU A 36 3.61 7.04 11.89
CA GLU A 36 4.06 8.21 11.14
C GLU A 36 4.87 7.85 9.88
N GLN A 37 5.52 6.68 9.86
CA GLN A 37 6.42 6.35 8.75
C GLN A 37 5.66 6.28 7.43
N ILE A 38 4.58 5.51 7.42
CA ILE A 38 3.78 5.39 6.21
C ILE A 38 3.20 6.75 5.83
N ASN A 39 2.74 7.51 6.83
CA ASN A 39 2.24 8.86 6.63
C ASN A 39 3.25 9.68 5.86
N LYS A 40 4.48 9.69 6.36
CA LYS A 40 5.57 10.42 5.73
C LYS A 40 5.76 9.98 4.29
N ILE A 41 5.87 8.67 4.09
CA ILE A 41 6.13 8.11 2.77
C ILE A 41 5.03 8.46 1.76
N GLN A 42 3.79 8.23 2.13
CA GLN A 42 2.68 8.42 1.21
C GLN A 42 2.44 9.91 0.95
N GLN A 43 2.56 10.73 1.99
CA GLN A 43 2.29 12.16 1.86
C GLN A 43 3.45 12.86 1.16
N ASP A 44 4.66 12.38 1.41
CA ASP A 44 5.86 12.96 0.81
C ASP A 44 5.82 12.84 -0.71
N SER A 45 5.42 11.68 -1.18
CA SER A 45 5.34 11.42 -2.61
C SER A 45 4.05 11.99 -3.19
N GLY A 46 2.97 11.90 -2.42
CA GLY A 46 1.67 12.35 -2.90
C GLY A 46 0.74 11.19 -3.16
N CYS A 47 1.21 10.00 -2.82
CA CYS A 47 0.42 8.80 -3.00
C CYS A 47 -0.59 8.66 -1.86
N LYS A 48 -1.76 8.20 -2.21
CA LYS A 48 -2.83 8.01 -1.25
C LYS A 48 -2.85 6.57 -0.78
N VAL A 49 -1.89 6.24 0.05
CA VAL A 49 -1.76 4.90 0.60
C VAL A 49 -2.69 4.75 1.79
N GLN A 50 -3.75 4.00 1.60
CA GLN A 50 -4.77 3.87 2.63
C GLN A 50 -4.64 2.53 3.34
N ILE A 51 -4.24 2.59 4.60
CA ILE A 51 -4.16 1.40 5.43
C ILE A 51 -5.55 1.03 5.92
N SER A 52 -6.26 0.22 5.16
CA SER A 52 -7.63 -0.14 5.50
C SER A 52 -7.69 -1.21 6.58
N PRO A 53 -8.25 -0.86 7.75
CA PRO A 53 -8.51 -1.80 8.82
C PRO A 53 -9.85 -2.51 8.62
N ASP A 54 -10.49 -2.17 7.51
CA ASP A 54 -11.78 -2.74 7.16
C ASP A 54 -11.57 -4.14 6.59
N SER A 55 -10.44 -4.30 5.89
CA SER A 55 -9.99 -5.56 5.29
C SER A 55 -11.04 -6.20 4.37
N GLY A 56 -12.03 -6.85 4.96
CA GLY A 56 -13.08 -7.45 4.17
C GLY A 56 -12.99 -8.95 4.15
N GLY A 57 -12.54 -9.49 3.03
CA GLY A 57 -12.36 -10.93 2.92
C GLY A 57 -11.01 -11.36 3.42
N LEU A 58 -10.25 -10.41 3.91
CA LEU A 58 -8.92 -10.67 4.42
C LEU A 58 -8.89 -10.54 5.94
N PRO A 59 -8.13 -11.41 6.63
CA PRO A 59 -7.94 -11.33 8.08
C PRO A 59 -6.74 -10.45 8.40
N GLU A 60 -6.14 -9.94 7.35
CA GLU A 60 -4.93 -9.15 7.43
C GLU A 60 -5.22 -7.72 7.00
N ARG A 61 -4.19 -6.93 6.83
CA ARG A 61 -4.36 -5.53 6.52
C ARG A 61 -4.52 -5.34 5.02
N SER A 62 -5.50 -4.54 4.61
CA SER A 62 -5.70 -4.30 3.19
C SER A 62 -5.29 -2.87 2.86
N VAL A 63 -4.10 -2.72 2.31
CA VAL A 63 -3.55 -1.42 2.01
C VAL A 63 -3.69 -1.11 0.53
N SER A 64 -4.56 -0.16 0.21
CA SER A 64 -4.75 0.21 -1.16
C SER A 64 -3.74 1.25 -1.60
N LEU A 65 -3.10 0.98 -2.72
CA LEU A 65 -2.09 1.85 -3.27
C LEU A 65 -2.62 2.63 -4.47
N THR A 66 -2.77 3.94 -4.32
CA THR A 66 -3.13 4.81 -5.43
C THR A 66 -2.54 6.21 -5.20
N GLY A 67 -1.83 6.75 -6.17
CA GLY A 67 -1.18 8.03 -5.95
C GLY A 67 -0.91 8.79 -7.22
N ALA A 68 0.25 8.57 -7.80
CA ALA A 68 0.67 9.23 -9.03
C ALA A 68 1.80 8.41 -9.64
N PRO A 69 2.18 8.63 -10.92
CA PRO A 69 3.22 7.86 -11.59
C PRO A 69 4.47 7.67 -10.72
N GLU A 70 5.01 8.76 -10.21
CA GLU A 70 6.17 8.70 -9.33
C GLU A 70 5.76 8.37 -7.89
N SER A 71 4.66 8.95 -7.46
CA SER A 71 4.22 8.85 -6.08
C SER A 71 3.85 7.41 -5.71
N VAL A 72 3.12 6.75 -6.59
CA VAL A 72 2.63 5.42 -6.30
C VAL A 72 3.78 4.42 -6.33
N GLN A 73 4.78 4.70 -7.15
CA GLN A 73 5.95 3.84 -7.25
C GLN A 73 6.78 3.96 -5.98
N LYS A 74 6.96 5.19 -5.52
CA LYS A 74 7.68 5.45 -4.25
C LYS A 74 6.99 4.72 -3.11
N ALA A 75 5.69 4.93 -2.99
CA ALA A 75 4.87 4.31 -1.95
C ALA A 75 4.94 2.79 -2.03
N LYS A 76 4.71 2.26 -3.22
CA LYS A 76 4.70 0.82 -3.42
C LYS A 76 6.10 0.23 -3.27
N MET A 77 7.14 1.03 -3.42
CA MET A 77 8.49 0.58 -3.13
C MET A 77 8.61 0.21 -1.65
N MET A 78 8.04 1.04 -0.79
CA MET A 78 8.01 0.74 0.64
C MET A 78 7.15 -0.48 0.94
N LEU A 79 5.99 -0.54 0.29
CA LEU A 79 5.07 -1.66 0.49
C LEU A 79 5.68 -2.97 0.01
N ASP A 80 6.15 -2.98 -1.23
CA ASP A 80 6.78 -4.17 -1.80
C ASP A 80 7.95 -4.61 -0.95
N ASP A 81 8.63 -3.65 -0.34
CA ASP A 81 9.77 -3.93 0.52
C ASP A 81 9.34 -4.74 1.74
N ILE A 82 8.45 -4.17 2.55
CA ILE A 82 8.07 -4.78 3.82
C ILE A 82 7.11 -5.95 3.62
N VAL A 83 6.23 -5.84 2.65
CA VAL A 83 5.26 -6.89 2.39
C VAL A 83 5.97 -8.15 1.90
N SER A 84 7.06 -7.98 1.16
CA SER A 84 7.81 -9.13 0.67
C SER A 84 8.64 -9.76 1.79
N ARG A 85 9.18 -8.92 2.68
CA ARG A 85 10.02 -9.42 3.77
C ARG A 85 9.17 -10.08 4.86
N GLY A 86 7.86 -9.87 4.80
CA GLY A 86 6.95 -10.52 5.73
C GLY A 86 6.12 -11.61 5.07
N ARG A 87 5.31 -11.19 4.10
CA ARG A 87 4.48 -12.13 3.33
C ARG A 87 5.36 -12.86 2.32
N GLY A 88 5.87 -14.01 2.72
CA GLY A 88 6.82 -14.73 1.91
C GLY A 88 8.19 -14.78 2.56
N GLY A 89 8.29 -14.14 3.72
CA GLY A 89 9.52 -14.15 4.46
C GLY A 89 9.51 -15.19 5.56
N ILE A 1 -11.62 -6.40 -5.21
CA ILE A 1 -10.67 -5.51 -4.52
C ILE A 1 -9.48 -6.28 -3.90
N SER A 2 -8.68 -6.88 -4.77
CA SER A 2 -7.49 -7.61 -4.32
C SER A 2 -6.37 -7.42 -5.32
N SER A 3 -5.25 -6.90 -4.84
CA SER A 3 -4.07 -6.67 -5.66
C SER A 3 -4.34 -5.66 -6.78
N GLN A 4 -3.48 -5.64 -7.79
CA GLN A 4 -3.56 -4.68 -8.88
C GLN A 4 -4.89 -4.78 -9.63
N LEU A 5 -5.47 -3.62 -9.89
CA LEU A 5 -6.63 -3.50 -10.75
C LEU A 5 -6.29 -2.59 -11.91
N GLY A 6 -6.84 -2.87 -13.08
CA GLY A 6 -6.64 -2.00 -14.22
C GLY A 6 -7.90 -1.79 -15.02
N PRO A 7 -8.91 -1.11 -14.45
CA PRO A 7 -10.18 -0.89 -15.12
C PRO A 7 -10.09 0.16 -16.22
N ILE A 8 -9.49 1.30 -15.91
CA ILE A 8 -9.37 2.40 -16.85
C ILE A 8 -7.91 2.71 -17.13
N HIS A 9 -7.67 3.44 -18.21
CA HIS A 9 -6.33 3.67 -18.74
C HIS A 9 -5.63 4.94 -18.19
N PRO A 10 -6.36 6.04 -17.81
CA PRO A 10 -5.76 7.24 -17.21
C PRO A 10 -4.65 6.97 -16.19
N PRO A 11 -3.90 8.03 -15.81
CA PRO A 11 -2.83 7.94 -14.80
C PRO A 11 -3.19 7.09 -13.57
N PRO A 12 -2.16 6.56 -12.88
CA PRO A 12 -2.34 5.65 -11.72
C PRO A 12 -3.01 6.30 -10.50
N ARG A 13 -3.85 7.29 -10.73
CA ARG A 13 -4.63 7.88 -9.65
C ARG A 13 -5.95 7.15 -9.52
N THR A 14 -6.24 6.31 -10.49
CA THR A 14 -7.44 5.49 -10.46
C THR A 14 -7.35 4.35 -11.47
N SER A 15 -6.18 4.17 -12.07
CA SER A 15 -5.95 3.06 -12.99
C SER A 15 -5.39 1.87 -12.25
N MET A 16 -4.07 1.75 -12.24
CA MET A 16 -3.40 0.65 -11.55
C MET A 16 -3.52 0.82 -10.04
N THR A 17 -4.62 0.34 -9.50
CA THR A 17 -4.82 0.38 -8.07
C THR A 17 -4.37 -0.94 -7.47
N GLU A 18 -3.34 -0.90 -6.65
CA GLU A 18 -2.83 -2.09 -6.01
C GLU A 18 -3.44 -2.22 -4.64
N GLU A 19 -4.19 -3.29 -4.42
CA GLU A 19 -4.70 -3.56 -3.09
C GLU A 19 -3.75 -4.53 -2.41
N TYR A 20 -2.91 -4.00 -1.55
CA TYR A 20 -1.79 -4.75 -1.04
C TYR A 20 -2.13 -5.41 0.29
N ARG A 21 -2.11 -6.73 0.30
CA ARG A 21 -2.35 -7.49 1.50
C ARG A 21 -1.05 -7.61 2.30
N VAL A 22 -1.02 -6.98 3.46
CA VAL A 22 0.18 -6.96 4.28
C VAL A 22 -0.06 -7.64 5.62
N PRO A 23 0.86 -8.55 6.00
CA PRO A 23 0.80 -9.29 7.26
C PRO A 23 0.77 -8.33 8.44
N ASP A 24 -0.06 -8.65 9.43
CA ASP A 24 -0.30 -7.75 10.57
C ASP A 24 0.99 -7.42 11.33
N GLY A 25 1.92 -8.37 11.38
CA GLY A 25 3.21 -8.10 11.98
C GLY A 25 4.01 -7.12 11.15
N MET A 26 3.92 -7.27 9.84
CA MET A 26 4.60 -6.38 8.92
C MET A 26 3.82 -5.09 8.76
N VAL A 27 2.63 -5.05 9.35
CA VAL A 27 1.90 -3.81 9.52
C VAL A 27 2.61 -2.96 10.55
N GLY A 28 3.02 -3.61 11.63
CA GLY A 28 3.84 -2.95 12.62
C GLY A 28 5.14 -2.44 12.03
N LEU A 29 5.65 -3.15 11.03
CA LEU A 29 6.88 -2.75 10.37
C LEU A 29 6.66 -1.69 9.28
N ILE A 30 5.51 -1.73 8.60
CA ILE A 30 5.24 -0.80 7.51
C ILE A 30 5.03 0.61 8.07
N ILE A 31 4.55 0.65 9.30
CA ILE A 31 4.39 1.90 10.01
C ILE A 31 5.68 2.29 10.71
N GLY A 32 6.60 1.33 10.79
CA GLY A 32 7.95 1.56 11.30
C GLY A 32 7.97 2.09 12.71
N ARG A 33 7.90 3.42 12.81
CA ARG A 33 7.87 4.12 14.09
C ARG A 33 6.48 4.03 14.72
N GLY A 34 5.88 2.84 14.65
CA GLY A 34 4.60 2.59 15.25
C GLY A 34 3.45 3.36 14.64
N GLY A 35 3.62 3.84 13.40
CA GLY A 35 2.52 4.49 12.71
C GLY A 35 2.97 5.59 11.79
N GLU A 36 3.78 6.50 12.31
CA GLU A 36 4.12 7.75 11.62
C GLU A 36 4.81 7.53 10.26
N GLN A 37 5.42 6.36 10.05
CA GLN A 37 6.18 6.13 8.82
C GLN A 37 5.29 6.19 7.59
N ILE A 38 4.08 5.65 7.70
CA ILE A 38 3.18 5.67 6.55
C ILE A 38 2.78 7.10 6.22
N ASN A 39 2.61 7.92 7.26
CA ASN A 39 2.31 9.33 7.07
C ASN A 39 3.45 9.99 6.28
N LYS A 40 4.67 9.62 6.65
CA LYS A 40 5.86 10.09 5.94
C LYS A 40 5.81 9.64 4.48
N ILE A 41 5.70 8.34 4.28
CA ILE A 41 5.79 7.74 2.95
C ILE A 41 4.74 8.27 1.98
N GLN A 42 3.47 8.24 2.37
CA GLN A 42 2.40 8.59 1.45
C GLN A 42 2.34 10.11 1.23
N GLN A 43 2.72 10.88 2.24
CA GLN A 43 2.73 12.35 2.14
C GLN A 43 3.93 12.83 1.34
N ASP A 44 5.07 12.19 1.56
CA ASP A 44 6.31 12.57 0.89
C ASP A 44 6.23 12.29 -0.62
N SER A 45 5.49 11.27 -0.98
CA SER A 45 5.35 10.88 -2.38
C SER A 45 4.15 11.57 -3.04
N GLY A 46 3.08 11.72 -2.27
CA GLY A 46 1.87 12.31 -2.80
C GLY A 46 0.87 11.24 -3.22
N CYS A 47 1.20 10.00 -2.89
CA CYS A 47 0.35 8.87 -3.24
C CYS A 47 -0.82 8.76 -2.26
N LYS A 48 -1.98 8.38 -2.78
CA LYS A 48 -3.17 8.20 -1.99
C LYS A 48 -3.15 6.81 -1.36
N VAL A 49 -2.29 6.63 -0.37
CA VAL A 49 -2.14 5.35 0.29
C VAL A 49 -3.15 5.22 1.41
N GLN A 50 -4.16 4.38 1.19
CA GLN A 50 -5.24 4.24 2.14
C GLN A 50 -5.02 3.00 3.00
N ILE A 51 -4.97 3.21 4.32
CA ILE A 51 -4.71 2.12 5.24
C ILE A 51 -6.01 1.62 5.88
N SER A 52 -6.33 0.36 5.63
CA SER A 52 -7.49 -0.28 6.24
C SER A 52 -7.03 -1.39 7.19
N PRO A 53 -6.87 -1.04 8.49
CA PRO A 53 -6.35 -1.92 9.54
C PRO A 53 -7.04 -3.28 9.62
N ASP A 54 -8.35 -3.30 9.79
CA ASP A 54 -9.09 -4.55 9.92
C ASP A 54 -9.50 -5.07 8.55
N SER A 55 -9.16 -4.29 7.52
CA SER A 55 -9.46 -4.61 6.12
C SER A 55 -10.93 -5.00 5.89
N GLY A 56 -11.24 -6.27 6.06
CA GLY A 56 -12.58 -6.75 5.86
C GLY A 56 -12.59 -8.11 5.20
N GLY A 57 -12.12 -8.15 3.97
CA GLY A 57 -12.04 -9.41 3.24
C GLY A 57 -10.76 -10.15 3.51
N LEU A 58 -9.94 -9.59 4.38
CA LEU A 58 -8.62 -10.13 4.66
C LEU A 58 -8.45 -10.37 6.16
N PRO A 59 -7.62 -11.34 6.55
CA PRO A 59 -7.26 -11.56 7.96
C PRO A 59 -6.13 -10.63 8.36
N GLU A 60 -5.52 -10.06 7.33
CA GLU A 60 -4.40 -9.17 7.48
C GLU A 60 -4.85 -7.73 7.24
N ARG A 61 -3.91 -6.84 7.03
CA ARG A 61 -4.23 -5.44 6.84
C ARG A 61 -4.18 -5.12 5.35
N SER A 62 -5.13 -4.34 4.87
CA SER A 62 -5.19 -4.03 3.46
C SER A 62 -4.73 -2.60 3.19
N VAL A 63 -4.02 -2.42 2.09
CA VAL A 63 -3.46 -1.12 1.73
C VAL A 63 -3.80 -0.78 0.29
N SER A 64 -4.65 0.23 0.09
CA SER A 64 -4.92 0.69 -1.25
C SER A 64 -3.82 1.60 -1.73
N LEU A 65 -3.20 1.22 -2.82
CA LEU A 65 -2.14 1.99 -3.40
C LEU A 65 -2.58 2.64 -4.71
N THR A 66 -2.76 3.95 -4.68
CA THR A 66 -3.14 4.71 -5.86
C THR A 66 -2.59 6.12 -5.73
N GLY A 67 -2.26 6.79 -6.84
CA GLY A 67 -1.76 8.15 -6.73
C GLY A 67 -1.24 8.71 -8.04
N ALA A 68 0.06 8.62 -8.24
CA ALA A 68 0.71 9.18 -9.42
C ALA A 68 1.90 8.31 -9.80
N PRO A 69 2.44 8.44 -11.03
CA PRO A 69 3.53 7.59 -11.53
C PRO A 69 4.67 7.41 -10.51
N GLU A 70 5.22 8.50 -10.03
CA GLU A 70 6.31 8.45 -9.07
C GLU A 70 5.78 8.25 -7.65
N SER A 71 4.61 8.82 -7.38
CA SER A 71 4.02 8.77 -6.05
C SER A 71 3.64 7.35 -5.67
N VAL A 72 2.94 6.68 -6.58
CA VAL A 72 2.46 5.33 -6.34
C VAL A 72 3.64 4.35 -6.34
N GLN A 73 4.70 4.74 -7.04
CA GLN A 73 5.91 3.93 -7.08
C GLN A 73 6.63 3.99 -5.74
N LYS A 74 6.71 5.18 -5.16
CA LYS A 74 7.36 5.36 -3.87
C LYS A 74 6.56 4.64 -2.78
N ALA A 75 5.24 4.83 -2.82
CA ALA A 75 4.35 4.15 -1.91
C ALA A 75 4.57 2.63 -2.00
N LYS A 76 4.57 2.12 -3.23
CA LYS A 76 4.71 0.70 -3.47
C LYS A 76 6.12 0.19 -3.19
N MET A 77 7.13 1.06 -3.22
CA MET A 77 8.49 0.59 -2.96
C MET A 77 8.62 0.19 -1.49
N MET A 78 7.98 0.96 -0.60
CA MET A 78 7.99 0.62 0.82
C MET A 78 7.07 -0.55 1.10
N LEU A 79 5.92 -0.55 0.43
CA LEU A 79 4.95 -1.62 0.56
C LEU A 79 5.55 -2.95 0.11
N ASP A 80 5.97 -2.98 -1.14
CA ASP A 80 6.53 -4.18 -1.76
C ASP A 80 7.72 -4.69 -0.95
N ASP A 81 8.48 -3.77 -0.38
CA ASP A 81 9.66 -4.13 0.38
C ASP A 81 9.30 -4.85 1.69
N ILE A 82 8.57 -4.16 2.56
CA ILE A 82 8.25 -4.70 3.88
C ILE A 82 7.32 -5.90 3.77
N VAL A 83 6.36 -5.82 2.87
CA VAL A 83 5.40 -6.89 2.70
C VAL A 83 6.08 -8.10 2.07
N SER A 84 7.19 -7.89 1.37
CA SER A 84 8.01 -9.00 0.88
C SER A 84 8.74 -9.66 2.04
N ARG A 85 9.05 -8.87 3.06
CA ARG A 85 9.72 -9.38 4.26
C ARG A 85 8.78 -10.31 5.03
N GLY A 86 7.48 -10.03 4.92
CA GLY A 86 6.49 -10.80 5.64
C GLY A 86 5.86 -11.92 4.83
N ARG A 87 5.54 -11.63 3.57
CA ARG A 87 4.88 -12.59 2.71
C ARG A 87 5.33 -12.44 1.26
N GLY A 88 4.55 -12.98 0.34
CA GLY A 88 4.97 -13.01 -1.05
C GLY A 88 5.93 -14.15 -1.30
N GLY A 89 5.96 -15.07 -0.35
CA GLY A 89 6.84 -16.19 -0.42
C GLY A 89 6.17 -17.44 0.08
N ILE A 1 -11.54 -7.29 -5.12
CA ILE A 1 -10.79 -7.01 -3.90
C ILE A 1 -9.48 -7.76 -3.91
N SER A 2 -8.46 -7.15 -3.28
CA SER A 2 -7.11 -7.73 -3.21
C SER A 2 -6.43 -7.65 -4.59
N SER A 3 -5.15 -7.24 -4.59
CA SER A 3 -4.39 -7.02 -5.82
C SER A 3 -4.90 -5.76 -6.55
N GLN A 4 -6.16 -5.79 -6.95
CA GLN A 4 -6.79 -4.68 -7.69
C GLN A 4 -6.03 -4.38 -8.99
N LEU A 5 -6.29 -3.19 -9.52
CA LEU A 5 -5.73 -2.74 -10.79
C LEU A 5 -6.40 -1.43 -11.17
N GLY A 6 -7.67 -1.50 -11.56
CA GLY A 6 -8.37 -0.31 -11.99
C GLY A 6 -8.68 -0.31 -13.47
N PRO A 7 -9.97 -0.37 -13.84
CA PRO A 7 -10.40 -0.32 -15.24
C PRO A 7 -10.38 1.10 -15.80
N ILE A 8 -10.10 2.06 -14.94
CA ILE A 8 -10.03 3.46 -15.34
C ILE A 8 -8.57 3.83 -15.57
N HIS A 9 -8.26 4.29 -16.78
CA HIS A 9 -6.88 4.42 -17.22
C HIS A 9 -6.12 5.70 -16.79
N PRO A 10 -6.79 6.85 -16.52
CA PRO A 10 -6.15 8.08 -16.05
C PRO A 10 -4.91 7.84 -15.18
N PRO A 11 -3.79 8.52 -15.51
CA PRO A 11 -2.50 8.42 -14.82
C PRO A 11 -2.65 8.16 -13.33
N PRO A 12 -1.98 7.10 -12.83
CA PRO A 12 -2.28 6.34 -11.60
C PRO A 12 -3.15 7.03 -10.54
N ARG A 13 -4.31 7.50 -10.95
CA ARG A 13 -5.29 8.04 -10.02
C ARG A 13 -6.34 6.98 -9.73
N THR A 14 -6.21 5.87 -10.45
CA THR A 14 -7.13 4.75 -10.33
C THR A 14 -6.70 3.61 -11.24
N SER A 15 -5.77 3.89 -12.16
CA SER A 15 -5.27 2.90 -13.11
C SER A 15 -4.25 1.99 -12.47
N MET A 16 -3.61 2.46 -11.41
CA MET A 16 -2.67 1.65 -10.66
C MET A 16 -3.16 1.47 -9.25
N THR A 17 -4.40 1.03 -9.12
CA THR A 17 -4.93 0.74 -7.80
C THR A 17 -4.41 -0.60 -7.36
N GLU A 18 -3.57 -0.59 -6.35
CA GLU A 18 -2.95 -1.79 -5.85
C GLU A 18 -3.50 -2.11 -4.48
N GLU A 19 -4.14 -3.25 -4.34
CA GLU A 19 -4.57 -3.66 -3.01
C GLU A 19 -3.55 -4.63 -2.47
N TYR A 20 -2.72 -4.14 -1.57
CA TYR A 20 -1.57 -4.87 -1.13
C TYR A 20 -1.89 -5.72 0.09
N ARG A 21 -1.56 -7.00 0.00
CA ARG A 21 -1.74 -7.91 1.12
C ARG A 21 -0.53 -7.88 2.03
N VAL A 22 -0.70 -7.32 3.20
CA VAL A 22 0.38 -7.17 4.15
C VAL A 22 -0.01 -7.80 5.49
N PRO A 23 0.85 -8.69 6.02
CA PRO A 23 0.56 -9.39 7.28
C PRO A 23 0.31 -8.44 8.43
N ASP A 24 -0.54 -8.82 9.36
CA ASP A 24 -1.01 -7.92 10.41
C ASP A 24 0.15 -7.26 11.17
N GLY A 25 1.10 -8.04 11.64
CA GLY A 25 2.24 -7.49 12.34
C GLY A 25 3.17 -6.72 11.42
N MET A 26 3.06 -7.01 10.13
CA MET A 26 3.94 -6.40 9.15
C MET A 26 3.48 -4.99 8.81
N VAL A 27 2.18 -4.74 8.94
CA VAL A 27 1.67 -3.38 8.78
C VAL A 27 2.02 -2.57 10.02
N GLY A 28 2.11 -3.25 11.16
CA GLY A 28 2.65 -2.62 12.35
C GLY A 28 4.09 -2.20 12.12
N LEU A 29 4.76 -2.91 11.23
CA LEU A 29 6.13 -2.56 10.87
C LEU A 29 6.20 -1.55 9.72
N ILE A 30 5.18 -1.47 8.87
CA ILE A 30 5.21 -0.52 7.75
C ILE A 30 5.09 0.90 8.30
N ILE A 31 4.38 1.02 9.40
CA ILE A 31 4.28 2.27 10.12
C ILE A 31 5.49 2.46 11.03
N GLY A 32 6.21 1.36 11.25
CA GLY A 32 7.44 1.38 12.04
C GLY A 32 7.22 1.91 13.44
N ARG A 33 7.35 3.22 13.56
CA ARG A 33 7.17 3.92 14.82
C ARG A 33 5.69 4.09 15.16
N GLY A 34 4.91 3.05 14.87
CA GLY A 34 3.51 3.03 15.25
C GLY A 34 2.62 3.87 14.36
N GLY A 35 3.16 4.47 13.31
CA GLY A 35 2.31 5.21 12.39
C GLY A 35 3.05 6.22 11.54
N GLU A 36 3.85 7.07 12.18
CA GLU A 36 4.49 8.20 11.50
C GLU A 36 5.30 7.80 10.27
N GLN A 37 5.76 6.55 10.19
CA GLN A 37 6.58 6.14 9.06
C GLN A 37 5.78 6.17 7.77
N ILE A 38 4.56 5.60 7.80
CA ILE A 38 3.73 5.61 6.60
C ILE A 38 3.35 7.03 6.27
N ASN A 39 3.07 7.83 7.28
CA ASN A 39 2.77 9.25 7.08
C ASN A 39 3.89 9.89 6.28
N LYS A 40 5.11 9.55 6.65
CA LYS A 40 6.29 9.99 5.91
C LYS A 40 6.30 9.40 4.51
N ILE A 41 6.08 8.08 4.41
CA ILE A 41 6.13 7.37 3.14
C ILE A 41 5.13 7.91 2.12
N GLN A 42 3.85 7.90 2.49
CA GLN A 42 2.81 8.28 1.57
C GLN A 42 2.78 9.79 1.32
N GLN A 43 3.37 10.55 2.23
CA GLN A 43 3.55 11.99 2.03
C GLN A 43 4.74 12.24 1.10
N ASP A 44 5.78 11.43 1.29
CA ASP A 44 6.99 11.51 0.48
C ASP A 44 6.68 11.17 -0.98
N SER A 45 5.81 10.20 -1.17
CA SER A 45 5.44 9.77 -2.50
C SER A 45 4.39 10.70 -3.11
N GLY A 46 3.37 11.02 -2.33
CA GLY A 46 2.26 11.80 -2.84
C GLY A 46 1.09 10.91 -3.19
N CYS A 47 1.25 9.63 -2.90
CA CYS A 47 0.23 8.63 -3.19
C CYS A 47 -0.82 8.63 -2.08
N LYS A 48 -2.08 8.43 -2.46
CA LYS A 48 -3.16 8.30 -1.51
C LYS A 48 -3.15 6.89 -0.94
N VAL A 49 -2.22 6.66 -0.04
CA VAL A 49 -2.01 5.36 0.57
C VAL A 49 -2.99 5.17 1.72
N GLN A 50 -3.94 4.28 1.52
CA GLN A 50 -4.99 4.07 2.50
C GLN A 50 -4.81 2.72 3.19
N ILE A 51 -4.56 2.77 4.49
CA ILE A 51 -4.38 1.55 5.27
C ILE A 51 -5.72 1.07 5.82
N SER A 52 -6.26 -0.01 5.25
CA SER A 52 -7.48 -0.60 5.77
C SER A 52 -7.16 -1.60 6.86
N PRO A 53 -7.45 -1.23 8.12
CA PRO A 53 -7.09 -2.00 9.31
C PRO A 53 -7.96 -3.24 9.51
N ASP A 54 -9.24 -3.12 9.22
CA ASP A 54 -10.17 -4.21 9.46
C ASP A 54 -10.06 -5.23 8.33
N SER A 55 -9.64 -6.42 8.68
CA SER A 55 -9.44 -7.49 7.71
C SER A 55 -10.77 -8.08 7.28
N GLY A 56 -11.08 -7.95 5.99
CA GLY A 56 -12.35 -8.40 5.49
C GLY A 56 -12.23 -9.70 4.70
N GLY A 57 -11.89 -9.58 3.42
CA GLY A 57 -11.69 -10.77 2.60
C GLY A 57 -10.36 -11.40 2.89
N LEU A 58 -9.53 -10.66 3.60
CA LEU A 58 -8.17 -11.08 3.91
C LEU A 58 -8.06 -11.33 5.41
N PRO A 59 -7.18 -12.26 5.83
CA PRO A 59 -6.88 -12.48 7.24
C PRO A 59 -5.75 -11.55 7.69
N GLU A 60 -5.34 -10.72 6.75
CA GLU A 60 -4.23 -9.82 6.93
C GLU A 60 -4.67 -8.40 6.63
N ARG A 61 -3.72 -7.49 6.62
CA ARG A 61 -4.03 -6.08 6.42
C ARG A 61 -4.13 -5.78 4.93
N SER A 62 -5.02 -4.88 4.56
CA SER A 62 -5.17 -4.54 3.15
C SER A 62 -4.92 -3.05 2.95
N VAL A 63 -3.97 -2.74 2.09
CA VAL A 63 -3.58 -1.36 1.84
C VAL A 63 -3.87 -0.98 0.40
N SER A 64 -4.52 0.15 0.18
CA SER A 64 -4.75 0.62 -1.17
C SER A 64 -3.66 1.60 -1.58
N LEU A 65 -3.05 1.29 -2.71
CA LEU A 65 -2.03 2.13 -3.28
C LEU A 65 -2.55 2.81 -4.54
N THR A 66 -2.87 4.09 -4.45
CA THR A 66 -3.30 4.87 -5.61
C THR A 66 -2.94 6.34 -5.43
N GLY A 67 -2.31 6.96 -6.43
CA GLY A 67 -1.89 8.35 -6.26
C GLY A 67 -1.58 9.06 -7.56
N ALA A 68 -0.37 8.85 -8.07
CA ALA A 68 0.11 9.51 -9.27
C ALA A 68 1.28 8.72 -9.85
N PRO A 69 1.72 9.02 -11.10
CA PRO A 69 2.82 8.28 -11.76
C PRO A 69 4.02 8.03 -10.85
N GLU A 70 4.60 9.10 -10.34
CA GLU A 70 5.77 8.99 -9.47
C GLU A 70 5.34 8.54 -8.07
N SER A 71 4.17 9.01 -7.66
CA SER A 71 3.70 8.82 -6.31
C SER A 71 3.36 7.35 -6.03
N VAL A 72 2.71 6.72 -6.98
CA VAL A 72 2.19 5.37 -6.78
C VAL A 72 3.33 4.35 -6.72
N GLN A 73 4.39 4.62 -7.47
CA GLN A 73 5.53 3.71 -7.50
C GLN A 73 6.33 3.83 -6.21
N LYS A 74 6.44 5.05 -5.70
CA LYS A 74 7.18 5.29 -4.47
C LYS A 74 6.42 4.73 -3.26
N ALA A 75 5.10 4.82 -3.31
CA ALA A 75 4.25 4.25 -2.27
C ALA A 75 4.39 2.73 -2.22
N LYS A 76 4.47 2.13 -3.40
CA LYS A 76 4.52 0.68 -3.51
C LYS A 76 5.95 0.23 -3.29
N MET A 77 6.85 1.17 -3.47
CA MET A 77 8.27 0.98 -3.24
C MET A 77 8.53 0.57 -1.79
N MET A 78 8.06 1.40 -0.86
CA MET A 78 8.20 1.07 0.57
C MET A 78 7.32 -0.11 0.96
N LEU A 79 6.12 -0.15 0.38
CA LEU A 79 5.18 -1.24 0.66
C LEU A 79 5.81 -2.58 0.32
N ASP A 80 6.23 -2.72 -0.93
CA ASP A 80 6.84 -3.96 -1.41
C ASP A 80 8.01 -4.39 -0.51
N ASP A 81 8.80 -3.43 -0.10
CA ASP A 81 9.96 -3.68 0.74
C ASP A 81 9.56 -4.42 2.03
N ILE A 82 8.68 -3.80 2.81
CA ILE A 82 8.26 -4.37 4.09
C ILE A 82 7.35 -5.59 3.90
N VAL A 83 6.50 -5.54 2.88
CA VAL A 83 5.60 -6.64 2.62
C VAL A 83 6.37 -7.88 2.21
N SER A 84 7.50 -7.69 1.56
CA SER A 84 8.35 -8.82 1.20
C SER A 84 9.04 -9.39 2.43
N ARG A 85 9.28 -8.53 3.42
CA ARG A 85 9.87 -8.98 4.69
C ARG A 85 9.01 -10.07 5.33
N GLY A 86 7.72 -9.81 5.42
CA GLY A 86 6.82 -10.76 6.08
C GLY A 86 6.05 -11.64 5.11
N ARG A 87 5.38 -11.02 4.15
CA ARG A 87 4.53 -11.73 3.20
C ARG A 87 5.34 -12.10 1.96
N GLY A 88 6.61 -12.43 2.16
CA GLY A 88 7.47 -12.76 1.05
C GLY A 88 8.22 -14.06 1.27
N GLY A 89 7.50 -15.16 1.20
CA GLY A 89 8.13 -16.46 1.35
C GLY A 89 7.48 -17.50 0.47
N ILE A 1 -11.74 -6.70 -3.01
CA ILE A 1 -10.82 -6.93 -4.12
C ILE A 1 -9.50 -7.45 -3.60
N SER A 2 -8.56 -7.70 -4.50
CA SER A 2 -7.25 -8.18 -4.11
C SER A 2 -6.21 -7.83 -5.17
N SER A 3 -5.00 -7.52 -4.69
CA SER A 3 -3.84 -7.32 -5.53
C SER A 3 -3.86 -5.99 -6.29
N GLN A 4 -4.71 -5.89 -7.31
CA GLN A 4 -4.70 -4.74 -8.21
C GLN A 4 -6.10 -4.38 -8.69
N LEU A 5 -6.21 -3.21 -9.30
CA LEU A 5 -7.48 -2.72 -9.84
C LEU A 5 -7.17 -1.70 -10.95
N GLY A 6 -7.88 -1.80 -12.07
CA GLY A 6 -7.69 -0.84 -13.14
C GLY A 6 -8.97 -0.55 -13.89
N PRO A 7 -9.82 0.34 -13.36
CA PRO A 7 -11.11 0.69 -13.99
C PRO A 7 -10.92 1.61 -15.20
N ILE A 8 -9.99 2.53 -15.09
CA ILE A 8 -9.73 3.51 -16.13
C ILE A 8 -8.25 3.58 -16.45
N HIS A 9 -7.95 4.13 -17.62
CA HIS A 9 -6.57 4.20 -18.11
C HIS A 9 -5.82 5.49 -17.70
N PRO A 10 -6.52 6.64 -17.44
CA PRO A 10 -5.89 7.85 -16.88
C PRO A 10 -4.85 7.58 -15.78
N PRO A 11 -4.08 8.64 -15.40
CA PRO A 11 -3.03 8.56 -14.36
C PRO A 11 -3.44 7.74 -13.13
N PRO A 12 -2.43 7.17 -12.43
CA PRO A 12 -2.64 6.28 -11.28
C PRO A 12 -3.17 6.99 -10.04
N ARG A 13 -3.90 8.07 -10.24
CA ARG A 13 -4.56 8.78 -9.16
C ARG A 13 -5.85 8.07 -8.79
N THR A 14 -6.35 7.29 -9.73
CA THR A 14 -7.56 6.52 -9.53
C THR A 14 -7.64 5.38 -10.54
N SER A 15 -6.49 5.05 -11.13
CA SER A 15 -6.41 3.98 -12.10
C SER A 15 -5.90 2.70 -11.46
N MET A 16 -4.61 2.44 -11.63
CA MET A 16 -3.98 1.27 -11.03
C MET A 16 -4.00 1.36 -9.52
N THR A 17 -5.07 0.85 -8.94
CA THR A 17 -5.22 0.81 -7.51
C THR A 17 -4.70 -0.53 -7.01
N GLU A 18 -3.62 -0.51 -6.26
CA GLU A 18 -3.05 -1.75 -5.78
C GLU A 18 -3.54 -2.02 -4.37
N GLU A 19 -4.25 -3.13 -4.21
CA GLU A 19 -4.72 -3.54 -2.89
C GLU A 19 -3.72 -4.53 -2.34
N TYR A 20 -2.89 -4.08 -1.43
CA TYR A 20 -1.76 -4.88 -1.00
C TYR A 20 -2.11 -5.72 0.21
N ARG A 21 -1.90 -7.02 0.08
CA ARG A 21 -2.08 -7.94 1.19
C ARG A 21 -0.85 -7.91 2.07
N VAL A 22 -1.05 -7.53 3.32
CA VAL A 22 0.05 -7.41 4.25
C VAL A 22 -0.33 -7.98 5.61
N PRO A 23 0.46 -8.95 6.10
CA PRO A 23 0.23 -9.56 7.41
C PRO A 23 0.36 -8.52 8.51
N ASP A 24 -0.51 -8.65 9.51
CA ASP A 24 -0.73 -7.60 10.50
C ASP A 24 0.55 -7.23 11.27
N GLY A 25 1.44 -8.18 11.44
CA GLY A 25 2.70 -7.87 12.08
C GLY A 25 3.56 -6.97 11.22
N MET A 26 3.50 -7.21 9.92
CA MET A 26 4.35 -6.51 8.98
C MET A 26 3.82 -5.12 8.70
N VAL A 27 2.51 -4.92 8.83
CA VAL A 27 1.96 -3.58 8.70
C VAL A 27 2.35 -2.75 9.92
N GLY A 28 2.54 -3.43 11.05
CA GLY A 28 3.10 -2.76 12.21
C GLY A 28 4.53 -2.33 11.95
N LEU A 29 5.20 -3.03 11.04
CA LEU A 29 6.55 -2.66 10.62
C LEU A 29 6.55 -1.63 9.49
N ILE A 30 5.52 -1.60 8.64
CA ILE A 30 5.48 -0.67 7.52
C ILE A 30 5.31 0.76 8.03
N ILE A 31 4.65 0.87 9.18
CA ILE A 31 4.48 2.16 9.84
C ILE A 31 5.70 2.49 10.69
N GLY A 32 6.55 1.49 10.92
CA GLY A 32 7.80 1.68 11.65
C GLY A 32 7.61 2.28 13.03
N ARG A 33 7.70 3.59 13.09
CA ARG A 33 7.54 4.35 14.33
C ARG A 33 6.12 4.23 14.91
N GLY A 34 5.25 3.50 14.21
CA GLY A 34 3.94 3.22 14.74
C GLY A 34 2.83 3.90 13.99
N GLY A 35 3.15 4.46 12.83
CA GLY A 35 2.12 5.04 11.98
C GLY A 35 2.62 6.20 11.15
N GLU A 36 3.38 7.08 11.79
CA GLU A 36 3.87 8.30 11.15
C GLU A 36 4.65 8.03 9.85
N GLN A 37 5.35 6.89 9.80
CA GLN A 37 6.25 6.62 8.68
C GLN A 37 5.49 6.57 7.36
N ILE A 38 4.38 5.82 7.33
CA ILE A 38 3.62 5.69 6.10
C ILE A 38 3.10 7.05 5.66
N ASN A 39 2.62 7.85 6.61
CA ASN A 39 2.12 9.19 6.29
C ASN A 39 3.22 10.03 5.67
N LYS A 40 4.43 9.87 6.21
CA LYS A 40 5.59 10.55 5.65
C LYS A 40 5.82 10.13 4.20
N ILE A 41 5.80 8.83 3.97
CA ILE A 41 6.05 8.27 2.64
C ILE A 41 4.97 8.69 1.64
N GLN A 42 3.72 8.47 2.01
CA GLN A 42 2.61 8.68 1.08
C GLN A 42 2.34 10.17 0.83
N GLN A 43 2.34 10.97 1.89
CA GLN A 43 2.01 12.38 1.78
C GLN A 43 3.15 13.16 1.12
N ASP A 44 4.37 12.64 1.24
CA ASP A 44 5.52 13.26 0.62
C ASP A 44 5.53 13.00 -0.88
N SER A 45 5.45 11.73 -1.25
CA SER A 45 5.44 11.34 -2.65
C SER A 45 4.20 11.87 -3.36
N GLY A 46 3.06 11.81 -2.68
CA GLY A 46 1.83 12.29 -3.26
C GLY A 46 0.84 11.18 -3.52
N CYS A 47 1.17 9.99 -3.06
CA CYS A 47 0.30 8.84 -3.25
C CYS A 47 -0.64 8.66 -2.06
N LYS A 48 -1.90 8.41 -2.35
CA LYS A 48 -2.90 8.22 -1.33
C LYS A 48 -2.86 6.77 -0.83
N VAL A 49 -2.03 6.54 0.17
CA VAL A 49 -1.90 5.22 0.75
C VAL A 49 -2.79 5.10 1.98
N GLN A 50 -3.82 4.28 1.88
CA GLN A 50 -4.77 4.12 2.96
C GLN A 50 -4.65 2.72 3.57
N ILE A 51 -4.24 2.66 4.83
CA ILE A 51 -4.13 1.40 5.54
C ILE A 51 -5.50 0.95 6.02
N SER A 52 -6.11 0.02 5.30
CA SER A 52 -7.46 -0.44 5.63
C SER A 52 -7.41 -1.56 6.67
N PRO A 53 -7.95 -1.29 7.87
CA PRO A 53 -7.97 -2.23 8.99
C PRO A 53 -9.06 -3.29 8.85
N ASP A 54 -10.14 -2.93 8.16
CA ASP A 54 -11.28 -3.83 8.03
C ASP A 54 -11.06 -4.82 6.88
N SER A 55 -10.19 -4.41 5.94
CA SER A 55 -9.80 -5.20 4.77
C SER A 55 -10.99 -5.70 3.94
N GLY A 56 -11.57 -6.82 4.37
CA GLY A 56 -12.66 -7.42 3.63
C GLY A 56 -12.54 -8.92 3.61
N GLY A 57 -12.05 -9.46 2.50
CA GLY A 57 -11.87 -10.90 2.39
C GLY A 57 -10.50 -11.34 2.86
N LEU A 58 -9.83 -10.48 3.63
CA LEU A 58 -8.49 -10.75 4.12
C LEU A 58 -8.49 -10.75 5.65
N PRO A 59 -7.80 -11.72 6.28
CA PRO A 59 -7.66 -11.78 7.75
C PRO A 59 -6.53 -10.86 8.20
N GLU A 60 -5.82 -10.36 7.22
CA GLU A 60 -4.66 -9.53 7.40
C GLU A 60 -5.01 -8.08 7.11
N ARG A 61 -3.99 -7.27 6.88
CA ARG A 61 -4.21 -5.87 6.60
C ARG A 61 -4.22 -5.65 5.09
N SER A 62 -4.99 -4.68 4.63
CA SER A 62 -5.03 -4.37 3.22
C SER A 62 -4.65 -2.91 3.00
N VAL A 63 -3.65 -2.69 2.17
CA VAL A 63 -3.16 -1.34 1.93
C VAL A 63 -3.50 -0.90 0.51
N SER A 64 -4.38 0.07 0.39
CA SER A 64 -4.70 0.64 -0.91
C SER A 64 -3.64 1.63 -1.33
N LEU A 65 -3.11 1.42 -2.51
CA LEU A 65 -2.09 2.28 -3.05
C LEU A 65 -2.55 2.94 -4.34
N THR A 66 -2.77 4.26 -4.30
CA THR A 66 -3.17 5.01 -5.47
C THR A 66 -2.68 6.46 -5.38
N GLY A 67 -1.89 6.91 -6.34
CA GLY A 67 -1.34 8.26 -6.26
C GLY A 67 -0.97 8.86 -7.61
N ALA A 68 0.27 8.65 -8.02
CA ALA A 68 0.80 9.25 -9.24
C ALA A 68 2.02 8.47 -9.72
N PRO A 69 2.48 8.70 -10.98
CA PRO A 69 3.60 7.94 -11.57
C PRO A 69 4.75 7.65 -10.60
N GLU A 70 5.35 8.68 -10.04
CA GLU A 70 6.46 8.51 -9.10
C GLU A 70 5.93 8.22 -7.72
N SER A 71 4.83 8.88 -7.39
CA SER A 71 4.26 8.82 -6.06
C SER A 71 3.84 7.41 -5.68
N VAL A 72 3.17 6.74 -6.60
CA VAL A 72 2.61 5.44 -6.34
C VAL A 72 3.73 4.38 -6.27
N GLN A 73 4.79 4.59 -7.05
CA GLN A 73 5.92 3.67 -7.01
C GLN A 73 6.68 3.81 -5.70
N LYS A 74 6.83 5.04 -5.22
CA LYS A 74 7.49 5.27 -3.94
C LYS A 74 6.71 4.62 -2.80
N ALA A 75 5.40 4.83 -2.82
CA ALA A 75 4.52 4.23 -1.83
C ALA A 75 4.61 2.71 -1.87
N LYS A 76 4.49 2.16 -3.06
CA LYS A 76 4.45 0.71 -3.24
C LYS A 76 5.83 0.08 -3.08
N MET A 77 6.89 0.87 -3.25
CA MET A 77 8.24 0.34 -3.07
C MET A 77 8.47 0.02 -1.59
N MET A 78 7.94 0.87 -0.71
CA MET A 78 8.02 0.61 0.72
C MET A 78 7.15 -0.60 1.07
N LEU A 79 5.97 -0.65 0.49
CA LEU A 79 5.03 -1.75 0.71
C LEU A 79 5.65 -3.07 0.28
N ASP A 80 6.06 -3.14 -0.97
CA ASP A 80 6.69 -4.32 -1.55
C ASP A 80 7.83 -4.81 -0.67
N ASP A 81 8.60 -3.88 -0.13
CA ASP A 81 9.74 -4.21 0.69
C ASP A 81 9.34 -5.00 1.94
N ILE A 82 8.45 -4.43 2.73
CA ILE A 82 8.04 -5.05 3.99
C ILE A 82 7.15 -6.26 3.75
N VAL A 83 6.23 -6.15 2.79
CA VAL A 83 5.32 -7.24 2.51
C VAL A 83 6.09 -8.48 2.06
N SER A 84 7.10 -8.27 1.24
CA SER A 84 7.92 -9.37 0.76
C SER A 84 8.74 -9.98 1.89
N ARG A 85 9.22 -9.16 2.82
CA ARG A 85 10.08 -9.65 3.89
C ARG A 85 9.27 -10.31 5.00
N GLY A 86 7.95 -10.21 4.94
CA GLY A 86 7.12 -10.86 5.94
C GLY A 86 5.97 -11.67 5.34
N ARG A 87 5.99 -11.85 4.03
CA ARG A 87 4.93 -12.60 3.36
C ARG A 87 5.39 -13.03 1.97
N GLY A 88 5.89 -12.07 1.20
CA GLY A 88 6.36 -12.35 -0.14
C GLY A 88 5.36 -11.91 -1.19
N GLY A 89 4.13 -12.39 -1.05
CA GLY A 89 3.08 -12.03 -1.98
C GLY A 89 2.05 -13.11 -2.07
N ILE A 1 -2.79 -13.29 -4.71
CA ILE A 1 -1.60 -12.51 -4.42
C ILE A 1 -1.71 -11.12 -5.04
N SER A 2 -2.10 -10.13 -4.22
CA SER A 2 -2.28 -8.72 -4.61
C SER A 2 -3.35 -8.54 -5.69
N SER A 3 -4.18 -7.53 -5.52
CA SER A 3 -5.27 -7.28 -6.44
C SER A 3 -5.16 -5.91 -7.08
N GLN A 4 -4.33 -5.79 -8.11
CA GLN A 4 -4.21 -4.56 -8.87
C GLN A 4 -5.49 -4.28 -9.65
N LEU A 5 -6.21 -3.28 -9.22
CA LEU A 5 -7.45 -2.90 -9.87
C LEU A 5 -7.18 -1.83 -10.92
N GLY A 6 -7.21 -2.23 -12.18
CA GLY A 6 -7.16 -1.25 -13.26
C GLY A 6 -8.43 -1.22 -14.11
N PRO A 7 -9.63 -0.97 -13.50
CA PRO A 7 -10.88 -0.92 -14.25
C PRO A 7 -11.11 0.43 -14.92
N ILE A 8 -10.83 1.50 -14.19
CA ILE A 8 -10.99 2.84 -14.72
C ILE A 8 -9.72 3.29 -15.44
N HIS A 9 -9.91 3.93 -16.57
CA HIS A 9 -8.82 4.31 -17.46
C HIS A 9 -8.04 5.57 -17.00
N PRO A 10 -8.68 6.55 -16.28
CA PRO A 10 -7.99 7.70 -15.67
C PRO A 10 -6.59 7.41 -15.11
N PRO A 11 -5.80 8.46 -14.86
CA PRO A 11 -4.50 8.34 -14.19
C PRO A 11 -4.60 7.57 -12.87
N PRO A 12 -3.47 7.05 -12.36
CA PRO A 12 -3.46 6.15 -11.19
C PRO A 12 -3.95 6.79 -9.91
N ARG A 13 -4.40 8.04 -10.00
CA ARG A 13 -4.95 8.77 -8.85
C ARG A 13 -6.12 8.00 -8.26
N THR A 14 -6.82 7.27 -9.11
CA THR A 14 -7.94 6.45 -8.68
C THR A 14 -8.04 5.20 -9.56
N SER A 15 -7.09 5.05 -10.48
CA SER A 15 -7.12 3.97 -11.44
C SER A 15 -6.52 2.69 -10.86
N MET A 16 -5.24 2.46 -11.14
CA MET A 16 -4.56 1.25 -10.71
C MET A 16 -4.38 1.22 -9.20
N THR A 17 -5.45 0.86 -8.51
CA THR A 17 -5.40 0.68 -7.09
C THR A 17 -4.78 -0.68 -6.79
N GLU A 18 -3.64 -0.68 -6.14
CA GLU A 18 -2.95 -1.92 -5.86
C GLU A 18 -3.40 -2.41 -4.50
N GLU A 19 -4.03 -3.57 -4.47
CA GLU A 19 -4.48 -4.13 -3.21
C GLU A 19 -3.36 -4.95 -2.61
N TYR A 20 -2.73 -4.38 -1.61
CA TYR A 20 -1.60 -5.01 -0.97
C TYR A 20 -2.04 -5.86 0.20
N ARG A 21 -1.93 -7.17 0.03
CA ARG A 21 -2.16 -8.10 1.11
C ARG A 21 -0.93 -8.15 1.98
N VAL A 22 -1.02 -7.49 3.11
CA VAL A 22 0.09 -7.41 4.03
C VAL A 22 -0.31 -7.96 5.39
N PRO A 23 0.50 -8.89 5.91
CA PRO A 23 0.23 -9.53 7.19
C PRO A 23 0.11 -8.52 8.32
N ASP A 24 -0.85 -8.74 9.21
CA ASP A 24 -1.21 -7.79 10.27
C ASP A 24 0.01 -7.21 10.99
N GLY A 25 0.86 -8.09 11.53
CA GLY A 25 2.04 -7.64 12.26
C GLY A 25 3.05 -6.95 11.38
N MET A 26 3.01 -7.27 10.09
CA MET A 26 3.94 -6.69 9.15
C MET A 26 3.50 -5.28 8.78
N VAL A 27 2.23 -4.99 9.04
CA VAL A 27 1.75 -3.61 8.98
C VAL A 27 2.27 -2.84 10.18
N GLY A 28 2.43 -3.53 11.30
CA GLY A 28 3.13 -2.94 12.42
C GLY A 28 4.52 -2.50 12.01
N LEU A 29 5.09 -3.20 11.04
CA LEU A 29 6.40 -2.81 10.49
C LEU A 29 6.28 -1.81 9.32
N ILE A 30 5.14 -1.75 8.62
CA ILE A 30 5.01 -0.78 7.52
C ILE A 30 4.90 0.63 8.09
N ILE A 31 4.37 0.72 9.31
CA ILE A 31 4.35 1.98 10.03
C ILE A 31 5.65 2.17 10.78
N GLY A 32 6.41 1.09 10.92
CA GLY A 32 7.76 1.12 11.48
C GLY A 32 7.80 1.68 12.90
N ARG A 33 7.95 2.99 12.98
CA ARG A 33 8.04 3.70 14.25
C ARG A 33 6.69 3.76 14.97
N GLY A 34 5.74 2.97 14.49
CA GLY A 34 4.45 2.89 15.16
C GLY A 34 3.38 3.72 14.49
N GLY A 35 3.63 4.15 13.26
CA GLY A 35 2.60 4.85 12.51
C GLY A 35 3.13 5.94 11.62
N GLU A 36 4.01 6.76 12.17
CA GLU A 36 4.46 7.98 11.50
C GLU A 36 5.21 7.71 10.18
N GLN A 37 5.74 6.51 10.02
CA GLN A 37 6.55 6.20 8.84
C GLN A 37 5.73 6.27 7.57
N ILE A 38 4.56 5.63 7.56
CA ILE A 38 3.74 5.60 6.36
C ILE A 38 3.32 7.01 5.96
N ASN A 39 2.95 7.82 6.96
CA ASN A 39 2.58 9.21 6.72
C ASN A 39 3.68 9.90 5.96
N LYS A 40 4.90 9.79 6.48
CA LYS A 40 6.07 10.39 5.88
C LYS A 40 6.25 9.92 4.44
N ILE A 41 6.18 8.61 4.25
CA ILE A 41 6.42 8.00 2.94
C ILE A 41 5.42 8.48 1.89
N GLN A 42 4.15 8.42 2.23
CA GLN A 42 3.11 8.71 1.27
C GLN A 42 2.92 10.23 1.08
N GLN A 43 3.23 10.99 2.13
CA GLN A 43 3.18 12.45 2.05
C GLN A 43 4.34 12.95 1.18
N ASP A 44 5.51 12.34 1.37
CA ASP A 44 6.69 12.65 0.59
C ASP A 44 6.46 12.41 -0.90
N SER A 45 5.89 11.25 -1.23
CA SER A 45 5.69 10.87 -2.61
C SER A 45 4.46 11.54 -3.22
N GLY A 46 3.40 11.66 -2.42
CA GLY A 46 2.16 12.20 -2.92
C GLY A 46 1.15 11.12 -3.20
N CYS A 47 1.46 9.90 -2.79
CA CYS A 47 0.59 8.77 -3.00
C CYS A 47 -0.55 8.75 -1.99
N LYS A 48 -1.73 8.41 -2.47
CA LYS A 48 -2.89 8.26 -1.63
C LYS A 48 -2.95 6.83 -1.10
N VAL A 49 -2.17 6.55 -0.08
CA VAL A 49 -2.17 5.24 0.52
C VAL A 49 -3.34 5.13 1.48
N GLN A 50 -4.09 4.07 1.36
CA GLN A 50 -5.24 3.88 2.21
C GLN A 50 -5.05 2.69 3.12
N ILE A 51 -4.84 3.00 4.38
CA ILE A 51 -4.63 2.00 5.39
C ILE A 51 -5.97 1.42 5.84
N SER A 52 -6.26 0.20 5.39
CA SER A 52 -7.56 -0.41 5.62
C SER A 52 -7.47 -1.55 6.62
N PRO A 53 -7.85 -1.27 7.88
CA PRO A 53 -7.92 -2.28 8.93
C PRO A 53 -9.27 -2.98 8.93
N ASP A 54 -9.91 -2.96 7.77
CA ASP A 54 -11.23 -3.54 7.61
C ASP A 54 -11.14 -5.04 7.51
N SER A 55 -10.02 -5.53 6.95
CA SER A 55 -9.81 -6.96 6.73
C SER A 55 -11.05 -7.62 6.12
N GLY A 56 -11.38 -7.20 4.90
CA GLY A 56 -12.53 -7.74 4.21
C GLY A 56 -12.11 -8.65 3.09
N GLY A 57 -12.47 -9.92 3.19
CA GLY A 57 -11.98 -10.92 2.25
C GLY A 57 -10.58 -11.35 2.62
N LEU A 58 -9.76 -10.36 2.87
CA LEU A 58 -8.41 -10.55 3.36
C LEU A 58 -8.44 -10.61 4.88
N PRO A 59 -7.85 -11.65 5.50
CA PRO A 59 -7.88 -11.79 6.96
C PRO A 59 -6.81 -10.94 7.62
N GLU A 60 -5.90 -10.46 6.78
CA GLU A 60 -4.78 -9.67 7.21
C GLU A 60 -5.07 -8.20 6.97
N ARG A 61 -4.03 -7.41 6.84
CA ARG A 61 -4.18 -6.00 6.58
C ARG A 61 -4.24 -5.73 5.08
N SER A 62 -5.12 -4.85 4.67
CA SER A 62 -5.20 -4.47 3.28
C SER A 62 -4.72 -3.04 3.09
N VAL A 63 -3.80 -2.84 2.17
CA VAL A 63 -3.29 -1.52 1.85
C VAL A 63 -3.59 -1.17 0.40
N SER A 64 -4.39 -0.15 0.18
CA SER A 64 -4.64 0.32 -1.17
C SER A 64 -3.69 1.43 -1.53
N LEU A 65 -3.14 1.35 -2.72
CA LEU A 65 -2.22 2.35 -3.20
C LEU A 65 -2.74 3.04 -4.46
N THR A 66 -2.77 4.36 -4.42
CA THR A 66 -3.26 5.17 -5.53
C THR A 66 -2.53 6.53 -5.54
N GLY A 67 -2.50 7.20 -6.68
CA GLY A 67 -1.88 8.51 -6.74
C GLY A 67 -1.26 8.79 -8.08
N ALA A 68 -0.25 9.63 -8.13
CA ALA A 68 0.45 9.90 -9.37
C ALA A 68 1.39 8.73 -9.67
N PRO A 69 1.69 8.47 -10.95
CA PRO A 69 2.51 7.31 -11.35
C PRO A 69 3.78 7.17 -10.51
N GLU A 70 4.47 8.27 -10.31
CA GLU A 70 5.71 8.28 -9.54
C GLU A 70 5.41 8.18 -8.04
N SER A 71 4.29 8.77 -7.62
CA SER A 71 3.90 8.78 -6.23
C SER A 71 3.49 7.39 -5.77
N VAL A 72 2.61 6.77 -6.54
CA VAL A 72 2.08 5.46 -6.20
C VAL A 72 3.18 4.40 -6.26
N GLN A 73 4.18 4.65 -7.10
CA GLN A 73 5.31 3.74 -7.23
C GLN A 73 6.20 3.82 -5.99
N LYS A 74 6.44 5.04 -5.51
CA LYS A 74 7.28 5.26 -4.33
C LYS A 74 6.64 4.62 -3.10
N ALA A 75 5.32 4.76 -2.98
CA ALA A 75 4.58 4.13 -1.91
C ALA A 75 4.76 2.62 -1.98
N LYS A 76 4.64 2.06 -3.19
CA LYS A 76 4.84 0.63 -3.40
C LYS A 76 6.28 0.21 -3.14
N MET A 77 7.21 1.17 -3.22
CA MET A 77 8.60 0.87 -2.89
C MET A 77 8.71 0.42 -1.45
N MET A 78 8.15 1.23 -0.55
CA MET A 78 8.16 0.88 0.87
C MET A 78 7.22 -0.28 1.15
N LEU A 79 6.10 -0.32 0.44
CA LEU A 79 5.13 -1.40 0.62
C LEU A 79 5.75 -2.74 0.30
N ASP A 80 6.20 -2.92 -0.94
CA ASP A 80 6.75 -4.19 -1.39
C ASP A 80 7.98 -4.56 -0.58
N ASP A 81 8.69 -3.56 -0.10
CA ASP A 81 9.88 -3.77 0.71
C ASP A 81 9.53 -4.53 1.98
N ILE A 82 8.67 -3.95 2.79
CA ILE A 82 8.27 -4.53 4.06
C ILE A 82 7.39 -5.76 3.86
N VAL A 83 6.52 -5.69 2.86
CA VAL A 83 5.66 -6.83 2.54
C VAL A 83 6.50 -8.04 2.13
N SER A 84 7.63 -7.80 1.49
CA SER A 84 8.51 -8.89 1.06
C SER A 84 9.20 -9.53 2.27
N ARG A 85 9.64 -8.71 3.23
CA ARG A 85 10.36 -9.25 4.38
C ARG A 85 9.42 -9.99 5.33
N GLY A 86 8.13 -9.74 5.21
CA GLY A 86 7.16 -10.44 6.03
C GLY A 86 6.42 -11.52 5.26
N ARG A 87 5.64 -11.09 4.28
CA ARG A 87 4.84 -12.00 3.49
C ARG A 87 5.69 -12.65 2.40
N GLY A 88 6.31 -11.81 1.59
CA GLY A 88 7.08 -12.28 0.46
C GLY A 88 6.53 -11.72 -0.83
N GLY A 89 6.84 -12.37 -1.94
CA GLY A 89 6.32 -11.94 -3.22
C GLY A 89 6.70 -12.91 -4.31
N ILE A 1 -8.62 -10.98 -3.86
CA ILE A 1 -7.69 -10.54 -4.89
C ILE A 1 -6.36 -10.13 -4.26
N SER A 2 -5.27 -10.68 -4.78
CA SER A 2 -3.94 -10.25 -4.40
C SER A 2 -3.53 -9.09 -5.29
N SER A 3 -3.19 -7.95 -4.67
CA SER A 3 -2.87 -6.73 -5.40
C SER A 3 -4.13 -6.22 -6.09
N GLN A 4 -4.02 -5.60 -7.26
CA GLN A 4 -5.20 -5.18 -8.01
C GLN A 4 -4.78 -4.59 -9.37
N LEU A 5 -5.48 -3.55 -9.82
CA LEU A 5 -5.25 -2.97 -11.13
C LEU A 5 -5.96 -1.63 -11.26
N GLY A 6 -7.28 -1.65 -11.14
CA GLY A 6 -8.02 -0.40 -11.23
C GLY A 6 -9.02 -0.40 -12.37
N PRO A 7 -10.15 0.31 -12.21
CA PRO A 7 -11.19 0.39 -13.22
C PRO A 7 -10.87 1.38 -14.34
N ILE A 8 -10.53 2.61 -13.98
CA ILE A 8 -10.34 3.67 -14.94
C ILE A 8 -8.86 3.77 -15.33
N HIS A 9 -8.59 3.75 -16.64
CA HIS A 9 -7.23 3.60 -17.17
C HIS A 9 -6.41 4.90 -17.45
N PRO A 10 -6.90 6.15 -17.16
CA PRO A 10 -6.06 7.36 -17.21
C PRO A 10 -4.82 7.29 -16.28
N PRO A 11 -4.16 8.43 -15.94
CA PRO A 11 -3.11 8.46 -14.91
C PRO A 11 -3.40 7.57 -13.69
N PRO A 12 -2.35 7.15 -12.97
CA PRO A 12 -2.43 6.14 -11.89
C PRO A 12 -3.25 6.55 -10.67
N ARG A 13 -4.17 7.49 -10.86
CA ARG A 13 -5.10 7.88 -9.81
C ARG A 13 -6.22 6.86 -9.70
N THR A 14 -6.13 5.80 -10.52
CA THR A 14 -7.08 4.71 -10.48
C THR A 14 -6.73 3.61 -11.51
N SER A 15 -5.63 3.79 -12.24
CA SER A 15 -5.28 2.85 -13.31
C SER A 15 -4.29 1.80 -12.87
N MET A 16 -3.74 1.98 -11.69
CA MET A 16 -2.85 1.00 -11.12
C MET A 16 -3.01 0.97 -9.61
N THR A 17 -4.26 0.81 -9.20
CA THR A 17 -4.59 0.70 -7.80
C THR A 17 -4.26 -0.70 -7.32
N GLU A 18 -3.31 -0.78 -6.40
CA GLU A 18 -2.85 -2.05 -5.88
C GLU A 18 -3.47 -2.30 -4.52
N GLU A 19 -4.14 -3.42 -4.34
CA GLU A 19 -4.64 -3.76 -3.02
C GLU A 19 -3.67 -4.72 -2.35
N TYR A 20 -2.90 -4.20 -1.43
CA TYR A 20 -1.79 -4.94 -0.88
C TYR A 20 -2.19 -5.73 0.35
N ARG A 21 -2.08 -7.05 0.26
CA ARG A 21 -2.31 -7.91 1.40
C ARG A 21 -1.04 -7.95 2.24
N VAL A 22 -1.10 -7.35 3.41
CA VAL A 22 0.05 -7.29 4.29
C VAL A 22 -0.29 -7.83 5.66
N PRO A 23 0.49 -8.82 6.13
CA PRO A 23 0.31 -9.43 7.46
C PRO A 23 0.34 -8.37 8.55
N ASP A 24 -0.59 -8.48 9.49
CA ASP A 24 -0.85 -7.41 10.47
C ASP A 24 0.38 -7.07 11.30
N GLY A 25 1.22 -8.06 11.58
CA GLY A 25 2.47 -7.79 12.27
C GLY A 25 3.40 -6.94 11.42
N MET A 26 3.34 -7.14 10.12
CA MET A 26 4.16 -6.40 9.18
C MET A 26 3.56 -5.02 8.96
N VAL A 27 2.35 -4.82 9.45
CA VAL A 27 1.73 -3.52 9.45
C VAL A 27 2.35 -2.67 10.54
N GLY A 28 2.59 -3.29 11.69
CA GLY A 28 3.32 -2.63 12.74
C GLY A 28 4.71 -2.24 12.28
N LEU A 29 5.27 -3.02 11.36
CA LEU A 29 6.58 -2.70 10.81
C LEU A 29 6.50 -1.73 9.63
N ILE A 30 5.39 -1.73 8.89
CA ILE A 30 5.27 -0.85 7.72
C ILE A 30 5.09 0.60 8.17
N ILE A 31 4.51 0.77 9.35
CA ILE A 31 4.38 2.09 9.95
C ILE A 31 5.69 2.48 10.63
N GLY A 32 6.58 1.51 10.81
CA GLY A 32 7.91 1.75 11.33
C GLY A 32 7.90 2.34 12.72
N ARG A 33 7.92 3.67 12.77
CA ARG A 33 7.90 4.41 14.01
C ARG A 33 6.48 4.46 14.60
N GLY A 34 5.76 3.35 14.47
CA GLY A 34 4.43 3.24 15.03
C GLY A 34 3.39 4.06 14.29
N GLY A 35 3.68 4.43 13.04
CA GLY A 35 2.66 5.09 12.24
C GLY A 35 3.22 6.09 11.25
N GLU A 36 4.08 6.98 11.73
CA GLU A 36 4.53 8.14 10.95
C GLU A 36 5.20 7.74 9.64
N GLN A 37 5.82 6.57 9.59
CA GLN A 37 6.65 6.20 8.43
C GLN A 37 5.83 6.19 7.15
N ILE A 38 4.75 5.42 7.13
CA ILE A 38 3.92 5.32 5.93
C ILE A 38 3.41 6.70 5.51
N ASN A 39 2.87 7.44 6.46
CA ASN A 39 2.32 8.77 6.18
C ASN A 39 3.40 9.70 5.66
N LYS A 40 4.58 9.58 6.23
CA LYS A 40 5.70 10.43 5.88
C LYS A 40 6.06 10.28 4.40
N ILE A 41 6.09 9.04 3.94
CA ILE A 41 6.48 8.74 2.58
C ILE A 41 5.34 8.96 1.59
N GLN A 42 4.12 8.54 1.95
CA GLN A 42 2.99 8.69 1.04
C GLN A 42 2.59 10.15 0.87
N GLN A 43 2.68 10.92 1.95
CA GLN A 43 2.37 12.35 1.90
C GLN A 43 3.46 13.08 1.14
N ASP A 44 4.70 12.66 1.36
CA ASP A 44 5.86 13.25 0.68
C ASP A 44 5.77 13.05 -0.83
N SER A 45 5.55 11.82 -1.24
CA SER A 45 5.48 11.49 -2.65
C SER A 45 4.20 12.06 -3.28
N GLY A 46 3.11 12.02 -2.52
CA GLY A 46 1.84 12.49 -3.03
C GLY A 46 0.87 11.36 -3.29
N CYS A 47 1.22 10.17 -2.81
CA CYS A 47 0.41 8.99 -3.00
C CYS A 47 -0.67 8.91 -1.92
N LYS A 48 -1.80 8.32 -2.25
CA LYS A 48 -2.90 8.18 -1.32
C LYS A 48 -2.97 6.73 -0.84
N VAL A 49 -2.14 6.43 0.15
CA VAL A 49 -2.05 5.09 0.70
C VAL A 49 -2.99 4.96 1.88
N GLN A 50 -4.01 4.13 1.73
CA GLN A 50 -5.00 3.94 2.78
C GLN A 50 -4.83 2.59 3.43
N ILE A 51 -4.78 2.59 4.76
CA ILE A 51 -4.51 1.38 5.50
C ILE A 51 -5.80 0.82 6.10
N SER A 52 -6.49 -0.04 5.35
CA SER A 52 -7.76 -0.59 5.80
C SER A 52 -7.53 -1.74 6.77
N PRO A 53 -7.96 -1.54 8.03
CA PRO A 53 -7.78 -2.52 9.10
C PRO A 53 -8.81 -3.64 9.03
N ASP A 54 -10.01 -3.32 8.57
CA ASP A 54 -11.08 -4.30 8.45
C ASP A 54 -10.87 -5.15 7.21
N SER A 55 -10.35 -4.50 6.17
CA SER A 55 -10.01 -5.14 4.91
C SER A 55 -11.25 -5.55 4.11
N GLY A 56 -12.01 -6.48 4.65
CA GLY A 56 -13.20 -6.95 3.98
C GLY A 56 -13.13 -8.44 3.67
N GLY A 57 -12.08 -8.84 2.97
CA GLY A 57 -11.93 -10.24 2.61
C GLY A 57 -10.70 -10.86 3.22
N LEU A 58 -9.85 -10.03 3.81
CA LEU A 58 -8.58 -10.49 4.32
C LEU A 58 -8.54 -10.39 5.85
N PRO A 59 -7.87 -11.34 6.49
CA PRO A 59 -7.63 -11.30 7.94
C PRO A 59 -6.44 -10.41 8.26
N GLU A 60 -5.67 -10.17 7.21
CA GLU A 60 -4.51 -9.31 7.27
C GLU A 60 -4.91 -7.90 6.89
N ARG A 61 -3.95 -7.04 6.67
CA ARG A 61 -4.22 -5.67 6.32
C ARG A 61 -4.34 -5.52 4.82
N SER A 62 -5.27 -4.71 4.36
CA SER A 62 -5.38 -4.43 2.95
C SER A 62 -5.07 -2.96 2.69
N VAL A 63 -3.89 -2.72 2.15
CA VAL A 63 -3.41 -1.38 1.91
C VAL A 63 -3.65 -0.98 0.47
N SER A 64 -4.40 0.08 0.25
CA SER A 64 -4.67 0.51 -1.10
C SER A 64 -3.62 1.49 -1.59
N LEU A 65 -3.08 1.17 -2.76
CA LEU A 65 -2.06 1.98 -3.38
C LEU A 65 -2.63 2.76 -4.57
N THR A 66 -2.69 4.07 -4.46
CA THR A 66 -3.11 4.92 -5.58
C THR A 66 -2.47 6.31 -5.47
N GLY A 67 -2.10 6.91 -6.60
CA GLY A 67 -1.52 8.24 -6.59
C GLY A 67 -0.91 8.62 -7.93
N ALA A 68 0.06 9.52 -7.91
CA ALA A 68 0.74 9.92 -9.13
C ALA A 68 1.78 8.87 -9.49
N PRO A 69 2.25 8.82 -10.75
CA PRO A 69 3.14 7.76 -11.24
C PRO A 69 4.32 7.48 -10.30
N GLU A 70 5.05 8.52 -9.94
CA GLU A 70 6.19 8.38 -9.04
C GLU A 70 5.70 8.14 -7.62
N SER A 71 4.65 8.84 -7.24
CA SER A 71 4.11 8.77 -5.90
C SER A 71 3.65 7.34 -5.56
N VAL A 72 2.88 6.76 -6.46
CA VAL A 72 2.31 5.45 -6.22
C VAL A 72 3.38 4.37 -6.27
N GLN A 73 4.41 4.60 -7.07
CA GLN A 73 5.53 3.67 -7.15
C GLN A 73 6.40 3.78 -5.90
N LYS A 74 6.55 5.00 -5.40
CA LYS A 74 7.29 5.27 -4.18
C LYS A 74 6.61 4.58 -3.00
N ALA A 75 5.30 4.75 -2.91
CA ALA A 75 4.51 4.09 -1.90
C ALA A 75 4.67 2.58 -1.98
N LYS A 76 4.54 2.05 -3.19
CA LYS A 76 4.62 0.61 -3.40
C LYS A 76 6.03 0.08 -3.19
N MET A 77 7.05 0.92 -3.29
CA MET A 77 8.41 0.44 -3.03
C MET A 77 8.58 0.15 -1.54
N MET A 78 7.94 0.98 -0.71
CA MET A 78 7.94 0.74 0.73
C MET A 78 7.10 -0.48 1.08
N LEU A 79 5.96 -0.60 0.39
CA LEU A 79 5.05 -1.71 0.59
C LEU A 79 5.70 -3.03 0.17
N ASP A 80 6.15 -3.10 -1.08
CA ASP A 80 6.77 -4.31 -1.62
C ASP A 80 7.94 -4.75 -0.76
N ASP A 81 8.67 -3.78 -0.23
CA ASP A 81 9.82 -4.05 0.62
C ASP A 81 9.41 -4.83 1.88
N ILE A 82 8.48 -4.29 2.64
CA ILE A 82 8.08 -4.90 3.90
C ILE A 82 7.19 -6.12 3.67
N VAL A 83 6.34 -6.05 2.67
CA VAL A 83 5.45 -7.14 2.37
C VAL A 83 6.23 -8.34 1.83
N SER A 84 7.31 -8.10 1.12
CA SER A 84 8.15 -9.20 0.65
C SER A 84 8.89 -9.83 1.82
N ARG A 85 9.36 -9.01 2.75
CA ARG A 85 10.15 -9.51 3.88
C ARG A 85 9.27 -10.16 4.95
N GLY A 86 7.97 -9.95 4.87
CA GLY A 86 7.08 -10.48 5.89
C GLY A 86 6.02 -11.43 5.36
N ARG A 87 5.74 -11.36 4.06
CA ARG A 87 4.70 -12.19 3.46
C ARG A 87 5.30 -13.14 2.43
N GLY A 88 6.44 -12.74 1.88
CA GLY A 88 7.06 -13.52 0.83
C GLY A 88 6.68 -13.02 -0.54
N GLY A 89 5.63 -13.60 -1.12
CA GLY A 89 5.16 -13.16 -2.40
C GLY A 89 3.74 -13.65 -2.65
N ILE A 1 -9.25 -10.57 -5.20
CA ILE A 1 -9.70 -9.24 -5.62
C ILE A 1 -8.66 -8.20 -5.24
N SER A 2 -7.49 -8.67 -4.82
CA SER A 2 -6.43 -7.80 -4.37
C SER A 2 -5.43 -7.50 -5.48
N SER A 3 -4.29 -6.95 -5.09
CA SER A 3 -3.23 -6.58 -6.01
C SER A 3 -3.67 -5.41 -6.89
N GLN A 4 -2.93 -5.13 -7.95
CA GLN A 4 -3.26 -4.05 -8.86
C GLN A 4 -4.58 -4.29 -9.57
N LEU A 5 -5.57 -3.46 -9.26
CA LEU A 5 -6.79 -3.41 -10.04
C LEU A 5 -6.64 -2.35 -11.12
N GLY A 6 -6.52 -2.77 -12.36
CA GLY A 6 -6.45 -1.82 -13.45
C GLY A 6 -7.61 -1.98 -14.42
N PRO A 7 -8.84 -1.57 -14.04
CA PRO A 7 -10.02 -1.69 -14.89
C PRO A 7 -10.02 -0.64 -16.01
N ILE A 8 -9.97 0.62 -15.63
CA ILE A 8 -9.89 1.70 -16.59
C ILE A 8 -8.46 2.27 -16.65
N HIS A 9 -8.09 2.79 -17.80
CA HIS A 9 -6.71 3.19 -18.07
C HIS A 9 -6.34 4.66 -17.70
N PRO A 10 -7.31 5.58 -17.39
CA PRO A 10 -7.00 6.92 -16.87
C PRO A 10 -5.83 6.95 -15.85
N PRO A 11 -5.23 8.14 -15.62
CA PRO A 11 -4.11 8.32 -14.68
C PRO A 11 -4.30 7.56 -13.36
N PRO A 12 -3.18 7.11 -12.75
CA PRO A 12 -3.19 6.24 -11.56
C PRO A 12 -3.67 6.92 -10.29
N ARG A 13 -4.56 7.89 -10.43
CA ARG A 13 -5.11 8.61 -9.30
C ARG A 13 -6.40 7.95 -8.82
N THR A 14 -6.78 6.88 -9.51
CA THR A 14 -7.97 6.12 -9.15
C THR A 14 -8.13 4.86 -10.00
N SER A 15 -7.19 4.62 -10.91
CA SER A 15 -7.28 3.49 -11.82
C SER A 15 -6.55 2.28 -11.29
N MET A 16 -5.26 2.23 -11.55
CA MET A 16 -4.42 1.12 -11.13
C MET A 16 -4.19 1.14 -9.62
N THR A 17 -5.23 0.82 -8.88
CA THR A 17 -5.16 0.76 -7.44
C THR A 17 -4.51 -0.54 -7.02
N GLU A 18 -3.41 -0.44 -6.31
CA GLU A 18 -2.71 -1.62 -5.86
C GLU A 18 -3.21 -2.00 -4.48
N GLU A 19 -3.78 -3.19 -4.36
CA GLU A 19 -4.27 -3.64 -3.08
C GLU A 19 -3.25 -4.55 -2.45
N TYR A 20 -2.57 -4.04 -1.46
CA TYR A 20 -1.45 -4.72 -0.86
C TYR A 20 -1.86 -5.58 0.32
N ARG A 21 -1.62 -6.87 0.18
CA ARG A 21 -1.86 -7.82 1.25
C ARG A 21 -0.66 -7.81 2.19
N VAL A 22 -0.79 -7.04 3.25
CA VAL A 22 0.30 -6.88 4.19
C VAL A 22 -0.11 -7.46 5.54
N PRO A 23 0.68 -8.44 6.04
CA PRO A 23 0.38 -9.15 7.29
C PRO A 23 0.21 -8.19 8.47
N ASP A 24 -0.52 -8.63 9.48
CA ASP A 24 -0.82 -7.77 10.64
C ASP A 24 0.46 -7.31 11.33
N GLY A 25 1.44 -8.19 11.43
CA GLY A 25 2.73 -7.82 11.98
C GLY A 25 3.51 -6.93 11.02
N MET A 26 3.30 -7.13 9.73
CA MET A 26 4.04 -6.40 8.70
C MET A 26 3.47 -4.99 8.54
N VAL A 27 2.19 -4.82 8.79
CA VAL A 27 1.61 -3.49 8.76
C VAL A 27 2.04 -2.70 10.00
N GLY A 28 2.27 -3.42 11.09
CA GLY A 28 2.88 -2.80 12.25
C GLY A 28 4.33 -2.42 11.97
N LEU A 29 4.93 -3.09 10.99
CA LEU A 29 6.29 -2.79 10.57
C LEU A 29 6.32 -1.70 9.48
N ILE A 30 5.28 -1.63 8.66
CA ILE A 30 5.24 -0.63 7.57
C ILE A 30 5.03 0.76 8.14
N ILE A 31 4.39 0.81 9.30
CA ILE A 31 4.26 2.05 10.03
C ILE A 31 5.53 2.34 10.81
N GLY A 32 6.37 1.31 10.94
CA GLY A 32 7.69 1.45 11.57
C GLY A 32 7.61 1.93 12.99
N ARG A 33 7.70 3.24 13.15
CA ARG A 33 7.64 3.89 14.46
C ARG A 33 6.24 3.84 15.06
N GLY A 34 5.33 3.16 14.39
CA GLY A 34 4.01 2.96 14.93
C GLY A 34 2.93 3.70 14.16
N GLY A 35 3.31 4.41 13.11
CA GLY A 35 2.32 5.06 12.27
C GLY A 35 2.89 6.14 11.39
N GLU A 36 3.67 7.04 11.99
CA GLU A 36 4.19 8.22 11.30
C GLU A 36 4.87 7.88 9.97
N GLN A 37 5.57 6.75 9.92
CA GLN A 37 6.41 6.42 8.77
C GLN A 37 5.60 6.37 7.48
N ILE A 38 4.56 5.53 7.45
CA ILE A 38 3.74 5.39 6.25
C ILE A 38 3.15 6.73 5.85
N ASN A 39 2.59 7.46 6.82
CA ASN A 39 1.99 8.77 6.57
C ASN A 39 3.02 9.69 5.94
N LYS A 40 4.22 9.66 6.47
CA LYS A 40 5.32 10.47 5.96
C LYS A 40 5.67 10.06 4.54
N ILE A 41 5.73 8.76 4.30
CA ILE A 41 6.08 8.23 2.98
C ILE A 41 5.03 8.57 1.94
N GLN A 42 3.77 8.30 2.24
CA GLN A 42 2.69 8.54 1.29
C GLN A 42 2.45 10.04 1.11
N GLN A 43 2.75 10.82 2.14
CA GLN A 43 2.67 12.28 2.05
C GLN A 43 3.79 12.81 1.18
N ASP A 44 5.00 12.29 1.40
CA ASP A 44 6.18 12.68 0.64
C ASP A 44 6.03 12.34 -0.83
N SER A 45 5.64 11.10 -1.11
CA SER A 45 5.51 10.62 -2.47
C SER A 45 4.35 11.32 -3.19
N GLY A 46 3.23 11.42 -2.51
CA GLY A 46 2.04 11.99 -3.11
C GLY A 46 1.01 10.94 -3.44
N CYS A 47 1.23 9.74 -2.93
CA CYS A 47 0.30 8.65 -3.14
C CYS A 47 -0.67 8.57 -1.97
N LYS A 48 -1.93 8.33 -2.30
CA LYS A 48 -2.97 8.22 -1.30
C LYS A 48 -3.01 6.79 -0.78
N VAL A 49 -2.10 6.49 0.12
CA VAL A 49 -1.97 5.15 0.68
C VAL A 49 -2.86 5.01 1.91
N GLN A 50 -3.94 4.26 1.76
CA GLN A 50 -4.90 4.12 2.84
C GLN A 50 -4.68 2.81 3.59
N ILE A 51 -4.33 2.93 4.86
CA ILE A 51 -4.13 1.75 5.70
C ILE A 51 -5.47 1.27 6.25
N SER A 52 -6.14 0.38 5.51
CA SER A 52 -7.43 -0.14 5.92
C SER A 52 -7.28 -1.32 6.87
N PRO A 53 -7.72 -1.14 8.13
CA PRO A 53 -7.65 -2.17 9.16
C PRO A 53 -8.62 -3.31 8.87
N ASP A 54 -9.78 -2.95 8.32
CA ASP A 54 -10.74 -3.94 7.88
C ASP A 54 -10.33 -4.45 6.51
N SER A 55 -9.52 -5.49 6.52
CA SER A 55 -8.91 -6.01 5.31
C SER A 55 -9.92 -6.72 4.41
N GLY A 56 -11.04 -7.12 4.99
CA GLY A 56 -12.08 -7.76 4.22
C GLY A 56 -11.73 -9.18 3.82
N GLY A 57 -11.29 -9.34 2.59
CA GLY A 57 -10.93 -10.65 2.09
C GLY A 57 -9.61 -11.14 2.65
N LEU A 58 -8.75 -10.21 3.02
CA LEU A 58 -7.46 -10.56 3.57
C LEU A 58 -7.58 -10.73 5.09
N PRO A 59 -6.90 -11.74 5.64
CA PRO A 59 -6.88 -11.98 7.08
C PRO A 59 -5.82 -11.14 7.77
N GLU A 60 -5.12 -10.35 6.98
CA GLU A 60 -4.02 -9.54 7.48
C GLU A 60 -4.41 -8.05 7.49
N ARG A 61 -3.81 -7.27 6.61
CA ARG A 61 -4.18 -5.87 6.46
C ARG A 61 -4.31 -5.57 4.96
N SER A 62 -5.18 -4.63 4.60
CA SER A 62 -5.32 -4.27 3.20
C SER A 62 -4.99 -2.80 2.99
N VAL A 63 -3.89 -2.56 2.32
CA VAL A 63 -3.44 -1.21 2.05
C VAL A 63 -3.67 -0.85 0.60
N SER A 64 -4.24 0.31 0.36
CA SER A 64 -4.50 0.75 -1.00
C SER A 64 -3.44 1.71 -1.48
N LEU A 65 -2.91 1.42 -2.65
CA LEU A 65 -1.92 2.25 -3.28
C LEU A 65 -2.50 2.94 -4.51
N THR A 66 -2.78 4.23 -4.41
CA THR A 66 -3.26 5.00 -5.55
C THR A 66 -2.84 6.47 -5.45
N GLY A 67 -2.22 7.00 -6.50
CA GLY A 67 -1.77 8.38 -6.45
C GLY A 67 -1.37 8.92 -7.82
N ALA A 68 -0.09 8.89 -8.11
CA ALA A 68 0.45 9.34 -9.38
C ALA A 68 1.55 8.39 -9.83
N PRO A 69 1.97 8.41 -11.11
CA PRO A 69 2.96 7.46 -11.64
C PRO A 69 4.20 7.36 -10.76
N GLU A 70 4.67 8.52 -10.31
CA GLU A 70 5.87 8.58 -9.48
C GLU A 70 5.56 8.23 -8.03
N SER A 71 4.41 8.67 -7.56
CA SER A 71 4.08 8.56 -6.15
C SER A 71 3.67 7.14 -5.80
N VAL A 72 2.89 6.55 -6.69
CA VAL A 72 2.38 5.21 -6.47
C VAL A 72 3.51 4.19 -6.52
N GLN A 73 4.60 4.55 -7.20
CA GLN A 73 5.77 3.69 -7.25
C GLN A 73 6.55 3.81 -5.95
N LYS A 74 6.75 5.02 -5.48
CA LYS A 74 7.44 5.27 -4.22
C LYS A 74 6.70 4.60 -3.06
N ALA A 75 5.39 4.79 -3.04
CA ALA A 75 4.53 4.17 -2.05
C ALA A 75 4.72 2.66 -2.05
N LYS A 76 4.64 2.07 -3.24
CA LYS A 76 4.80 0.64 -3.40
C LYS A 76 6.24 0.19 -3.13
N MET A 77 7.20 1.10 -3.23
CA MET A 77 8.58 0.77 -2.88
C MET A 77 8.67 0.34 -1.42
N MET A 78 8.11 1.15 -0.54
CA MET A 78 8.09 0.82 0.89
C MET A 78 7.24 -0.42 1.15
N LEU A 79 6.12 -0.51 0.45
CA LEU A 79 5.19 -1.63 0.64
C LEU A 79 5.81 -2.94 0.19
N ASP A 80 6.29 -2.98 -1.05
CA ASP A 80 6.88 -4.20 -1.59
C ASP A 80 8.04 -4.65 -0.75
N ASP A 81 8.72 -3.70 -0.12
CA ASP A 81 9.84 -4.03 0.74
C ASP A 81 9.40 -4.80 1.97
N ILE A 82 8.55 -4.17 2.78
CA ILE A 82 8.13 -4.77 4.04
C ILE A 82 7.22 -5.98 3.82
N VAL A 83 6.37 -5.89 2.80
CA VAL A 83 5.45 -6.96 2.49
C VAL A 83 6.22 -8.20 2.00
N SER A 84 7.37 -7.98 1.37
CA SER A 84 8.20 -9.08 0.94
C SER A 84 8.98 -9.67 2.12
N ARG A 85 9.16 -8.85 3.16
CA ARG A 85 9.82 -9.33 4.38
C ARG A 85 8.95 -10.37 5.07
N GLY A 86 7.63 -10.21 4.95
CA GLY A 86 6.71 -11.17 5.52
C GLY A 86 6.17 -12.16 4.50
N ARG A 87 5.43 -11.64 3.53
CA ARG A 87 4.82 -12.47 2.50
C ARG A 87 5.77 -12.68 1.33
N GLY A 88 5.54 -13.74 0.57
CA GLY A 88 6.28 -13.95 -0.65
C GLY A 88 5.47 -13.52 -1.86
N GLY A 89 5.71 -12.30 -2.32
CA GLY A 89 4.95 -11.77 -3.44
C GLY A 89 5.50 -12.21 -4.77
N ILE A 1 -11.62 -8.17 -5.03
CA ILE A 1 -10.68 -9.25 -5.35
C ILE A 1 -9.27 -8.94 -4.83
N SER A 2 -9.05 -7.68 -4.47
CA SER A 2 -7.76 -7.22 -3.95
C SER A 2 -6.68 -7.29 -5.03
N SER A 3 -5.46 -6.86 -4.68
CA SER A 3 -4.33 -6.81 -5.61
C SER A 3 -4.56 -5.72 -6.67
N GLN A 4 -5.52 -5.97 -7.54
CA GLN A 4 -5.90 -5.05 -8.61
C GLN A 4 -4.68 -4.54 -9.39
N LEU A 5 -4.84 -3.38 -10.01
CA LEU A 5 -3.80 -2.70 -10.77
C LEU A 5 -4.42 -1.48 -11.45
N GLY A 6 -5.61 -1.66 -12.00
CA GLY A 6 -6.31 -0.56 -12.62
C GLY A 6 -7.23 -1.02 -13.75
N PRO A 7 -8.52 -0.65 -13.70
CA PRO A 7 -9.51 -1.05 -14.70
C PRO A 7 -9.34 -0.30 -16.02
N ILE A 8 -8.57 0.77 -15.99
CA ILE A 8 -8.32 1.57 -17.17
C ILE A 8 -6.90 2.14 -17.09
N HIS A 9 -6.25 2.33 -18.24
CA HIS A 9 -4.83 2.68 -18.27
C HIS A 9 -4.49 4.19 -18.25
N PRO A 10 -5.47 5.12 -18.44
CA PRO A 10 -5.29 6.53 -18.06
C PRO A 10 -4.50 6.72 -16.75
N PRO A 11 -4.00 7.95 -16.47
CA PRO A 11 -3.13 8.27 -15.32
C PRO A 11 -3.30 7.36 -14.08
N PRO A 12 -2.19 7.12 -13.35
CA PRO A 12 -2.12 6.13 -12.24
C PRO A 12 -2.98 6.48 -11.03
N ARG A 13 -3.87 7.46 -11.20
CA ARG A 13 -4.89 7.74 -10.21
C ARG A 13 -6.01 6.71 -10.34
N THR A 14 -5.81 5.75 -11.24
CA THR A 14 -6.69 4.61 -11.37
C THR A 14 -5.97 3.46 -12.10
N SER A 15 -4.97 3.80 -12.92
CA SER A 15 -4.18 2.78 -13.63
C SER A 15 -3.13 2.18 -12.71
N MET A 16 -3.17 2.55 -11.44
CA MET A 16 -2.22 2.03 -10.47
C MET A 16 -2.87 1.83 -9.13
N THR A 17 -4.11 1.39 -9.12
CA THR A 17 -4.77 1.04 -7.89
C THR A 17 -4.42 -0.40 -7.54
N GLU A 18 -3.67 -0.56 -6.47
CA GLU A 18 -3.20 -1.86 -6.05
C GLU A 18 -3.63 -2.10 -4.61
N GLU A 19 -4.43 -3.13 -4.40
CA GLU A 19 -4.85 -3.44 -3.05
C GLU A 19 -3.87 -4.44 -2.46
N TYR A 20 -3.00 -3.94 -1.61
CA TYR A 20 -1.87 -4.72 -1.12
C TYR A 20 -2.24 -5.41 0.19
N ARG A 21 -1.86 -6.67 0.30
CA ARG A 21 -2.11 -7.42 1.52
C ARG A 21 -0.83 -7.50 2.35
N VAL A 22 -0.95 -7.15 3.62
CA VAL A 22 0.19 -7.15 4.51
C VAL A 22 -0.16 -7.79 5.85
N PRO A 23 0.60 -8.82 6.26
CA PRO A 23 0.37 -9.50 7.54
C PRO A 23 0.41 -8.53 8.71
N ASP A 24 -0.46 -8.75 9.68
CA ASP A 24 -0.70 -7.78 10.77
C ASP A 24 0.60 -7.27 11.40
N GLY A 25 1.51 -8.19 11.72
CA GLY A 25 2.78 -7.80 12.33
C GLY A 25 3.64 -6.96 11.41
N MET A 26 3.51 -7.18 10.12
CA MET A 26 4.27 -6.44 9.14
C MET A 26 3.65 -5.06 8.94
N VAL A 27 2.42 -4.92 9.41
CA VAL A 27 1.76 -3.62 9.45
C VAL A 27 2.40 -2.78 10.53
N GLY A 28 2.70 -3.41 11.66
CA GLY A 28 3.43 -2.73 12.71
C GLY A 28 4.78 -2.26 12.22
N LEU A 29 5.36 -2.99 11.27
CA LEU A 29 6.63 -2.61 10.69
C LEU A 29 6.48 -1.64 9.51
N ILE A 30 5.34 -1.66 8.82
CA ILE A 30 5.14 -0.75 7.69
C ILE A 30 4.90 0.67 8.22
N ILE A 31 4.39 0.75 9.44
CA ILE A 31 4.28 2.02 10.13
C ILE A 31 5.56 2.30 10.91
N GLY A 32 6.37 1.25 11.06
CA GLY A 32 7.70 1.36 11.66
C GLY A 32 7.69 1.89 13.07
N ARG A 33 7.68 3.20 13.20
CA ARG A 33 7.70 3.88 14.48
C ARG A 33 6.31 3.93 15.10
N GLY A 34 5.41 3.14 14.56
CA GLY A 34 4.08 3.02 15.13
C GLY A 34 3.03 3.84 14.39
N GLY A 35 3.35 4.27 13.17
CA GLY A 35 2.35 4.93 12.36
C GLY A 35 2.92 5.98 11.44
N GLU A 36 3.74 6.86 12.01
CA GLU A 36 4.28 8.02 11.30
C GLU A 36 4.95 7.67 9.97
N GLN A 37 5.57 6.49 9.88
CA GLN A 37 6.35 6.14 8.70
C GLN A 37 5.48 6.13 7.44
N ILE A 38 4.35 5.43 7.48
CA ILE A 38 3.51 5.31 6.31
C ILE A 38 2.96 6.69 5.92
N ASN A 39 2.52 7.46 6.91
CA ASN A 39 1.98 8.78 6.66
C ASN A 39 3.05 9.67 6.05
N LYS A 40 4.28 9.48 6.50
CA LYS A 40 5.43 10.18 5.95
C LYS A 40 5.65 9.78 4.50
N ILE A 41 5.73 8.47 4.29
CA ILE A 41 6.03 7.89 2.98
C ILE A 41 5.00 8.29 1.93
N GLN A 42 3.72 8.13 2.26
CA GLN A 42 2.66 8.38 1.30
C GLN A 42 2.48 9.88 1.04
N GLN A 43 2.68 10.68 2.09
CA GLN A 43 2.49 12.12 1.99
C GLN A 43 3.68 12.76 1.26
N ASP A 44 4.87 12.26 1.56
CA ASP A 44 6.09 12.75 0.92
C ASP A 44 6.06 12.50 -0.58
N SER A 45 5.53 11.35 -0.96
CA SER A 45 5.44 11.00 -2.36
C SER A 45 4.23 11.68 -3.02
N GLY A 46 3.11 11.66 -2.32
CA GLY A 46 1.89 12.23 -2.85
C GLY A 46 0.89 11.16 -3.23
N CYS A 47 1.20 9.93 -2.86
CA CYS A 47 0.34 8.80 -3.17
C CYS A 47 -0.65 8.59 -2.05
N LYS A 48 -1.91 8.42 -2.41
CA LYS A 48 -2.97 8.22 -1.45
C LYS A 48 -2.99 6.77 -0.98
N VAL A 49 -2.08 6.46 -0.07
CA VAL A 49 -1.96 5.12 0.48
C VAL A 49 -2.88 4.96 1.66
N GLN A 50 -3.95 4.19 1.47
CA GLN A 50 -4.96 4.02 2.49
C GLN A 50 -4.75 2.74 3.28
N ILE A 51 -4.36 2.89 4.53
CA ILE A 51 -4.19 1.75 5.42
C ILE A 51 -5.55 1.33 5.95
N SER A 52 -6.00 0.15 5.55
CA SER A 52 -7.30 -0.35 5.99
C SER A 52 -7.13 -1.43 7.06
N PRO A 53 -7.29 -1.04 8.34
CA PRO A 53 -7.24 -1.98 9.47
C PRO A 53 -8.43 -2.91 9.46
N ASP A 54 -9.54 -2.40 8.94
CA ASP A 54 -10.72 -3.22 8.72
C ASP A 54 -10.68 -3.73 7.29
N SER A 55 -9.88 -4.76 7.08
CA SER A 55 -9.65 -5.30 5.75
C SER A 55 -10.88 -6.04 5.25
N GLY A 56 -11.56 -6.71 6.17
CA GLY A 56 -12.82 -7.37 5.84
C GLY A 56 -12.61 -8.71 5.15
N GLY A 57 -12.13 -8.67 3.92
CA GLY A 57 -11.92 -9.89 3.16
C GLY A 57 -10.61 -10.55 3.51
N LEU A 58 -9.84 -9.92 4.37
CA LEU A 58 -8.52 -10.42 4.73
C LEU A 58 -8.40 -10.53 6.25
N PRO A 59 -7.69 -11.56 6.73
CA PRO A 59 -7.34 -11.68 8.15
C PRO A 59 -6.16 -10.78 8.48
N GLU A 60 -5.45 -10.44 7.42
CA GLU A 60 -4.30 -9.55 7.48
C GLU A 60 -4.76 -8.13 7.21
N ARG A 61 -3.84 -7.26 6.87
CA ARG A 61 -4.15 -5.87 6.63
C ARG A 61 -4.26 -5.61 5.13
N SER A 62 -5.14 -4.71 4.73
CA SER A 62 -5.26 -4.36 3.33
C SER A 62 -4.94 -2.88 3.14
N VAL A 63 -4.13 -2.58 2.13
CA VAL A 63 -3.67 -1.22 1.90
C VAL A 63 -3.92 -0.83 0.44
N SER A 64 -4.67 0.24 0.23
CA SER A 64 -4.93 0.71 -1.11
C SER A 64 -3.82 1.63 -1.61
N LEU A 65 -3.25 1.26 -2.73
CA LEU A 65 -2.23 2.05 -3.38
C LEU A 65 -2.79 2.74 -4.61
N THR A 66 -2.85 4.07 -4.59
CA THR A 66 -3.21 4.85 -5.78
C THR A 66 -2.58 6.24 -5.71
N GLY A 67 -2.11 6.77 -6.83
CA GLY A 67 -1.48 8.07 -6.81
C GLY A 67 -1.02 8.56 -8.18
N ALA A 68 0.21 9.06 -8.24
CA ALA A 68 0.78 9.60 -9.45
C ALA A 68 1.96 8.72 -9.90
N PRO A 69 2.46 8.87 -11.15
CA PRO A 69 3.48 7.97 -11.70
C PRO A 69 4.68 7.77 -10.77
N GLU A 70 5.14 8.84 -10.17
CA GLU A 70 6.28 8.78 -9.26
C GLU A 70 5.83 8.37 -7.86
N SER A 71 4.76 8.96 -7.38
CA SER A 71 4.31 8.78 -6.01
C SER A 71 3.87 7.34 -5.77
N VAL A 72 3.05 6.84 -6.69
CA VAL A 72 2.44 5.54 -6.52
C VAL A 72 3.48 4.42 -6.57
N GLN A 73 4.53 4.63 -7.36
CA GLN A 73 5.57 3.65 -7.46
C GLN A 73 6.43 3.69 -6.21
N LYS A 74 6.72 4.91 -5.76
CA LYS A 74 7.49 5.12 -4.53
C LYS A 74 6.80 4.45 -3.36
N ALA A 75 5.52 4.76 -3.20
CA ALA A 75 4.70 4.19 -2.14
C ALA A 75 4.74 2.67 -2.17
N LYS A 76 4.55 2.10 -3.35
CA LYS A 76 4.57 0.65 -3.52
C LYS A 76 5.96 0.08 -3.28
N MET A 77 7.00 0.90 -3.41
CA MET A 77 8.35 0.47 -3.11
C MET A 77 8.48 0.11 -1.64
N MET A 78 7.98 0.98 -0.78
CA MET A 78 7.97 0.71 0.67
C MET A 78 7.05 -0.47 0.98
N LEU A 79 5.89 -0.51 0.34
CA LEU A 79 4.92 -1.58 0.56
C LEU A 79 5.51 -2.93 0.20
N ASP A 80 5.98 -3.06 -1.04
CA ASP A 80 6.58 -4.30 -1.51
C ASP A 80 7.76 -4.70 -0.63
N ASP A 81 8.51 -3.70 -0.20
CA ASP A 81 9.70 -3.92 0.61
C ASP A 81 9.37 -4.68 1.90
N ILE A 82 8.38 -4.19 2.63
CA ILE A 82 8.02 -4.80 3.91
C ILE A 82 7.14 -6.04 3.71
N VAL A 83 6.21 -5.98 2.78
CA VAL A 83 5.35 -7.12 2.53
C VAL A 83 6.17 -8.33 2.07
N SER A 84 7.15 -8.09 1.22
CA SER A 84 8.00 -9.15 0.71
C SER A 84 8.88 -9.71 1.83
N ARG A 85 9.41 -8.82 2.69
CA ARG A 85 10.33 -9.26 3.73
C ARG A 85 9.62 -10.08 4.81
N GLY A 86 8.33 -9.82 5.01
CA GLY A 86 7.60 -10.50 6.07
C GLY A 86 6.47 -11.36 5.57
N ARG A 87 6.40 -11.56 4.27
CA ARG A 87 5.38 -12.40 3.67
C ARG A 87 5.85 -12.93 2.33
N GLY A 88 6.21 -12.02 1.46
CA GLY A 88 6.65 -12.38 0.13
C GLY A 88 5.72 -11.86 -0.93
N GLY A 89 5.84 -12.38 -2.14
CA GLY A 89 5.00 -11.95 -3.23
C GLY A 89 4.64 -13.10 -4.14
N ILE A 1 -6.13 -13.36 -3.67
CA ILE A 1 -6.58 -12.11 -4.29
C ILE A 1 -5.67 -10.94 -3.92
N SER A 2 -4.75 -10.61 -4.82
CA SER A 2 -3.83 -9.50 -4.60
C SER A 2 -3.95 -8.50 -5.73
N SER A 3 -3.45 -7.28 -5.51
CA SER A 3 -3.49 -6.21 -6.52
C SER A 3 -4.93 -5.76 -6.78
N GLN A 4 -5.14 -5.05 -7.89
CA GLN A 4 -6.48 -4.71 -8.41
C GLN A 4 -6.37 -4.30 -9.87
N LEU A 5 -5.28 -3.60 -10.18
CA LEU A 5 -4.97 -3.15 -11.54
C LEU A 5 -5.94 -2.05 -11.98
N GLY A 6 -6.58 -2.22 -13.12
CA GLY A 6 -7.49 -1.21 -13.62
C GLY A 6 -7.39 -1.03 -15.12
N PRO A 7 -8.50 -1.27 -15.84
CA PRO A 7 -8.56 -1.09 -17.29
C PRO A 7 -8.67 0.39 -17.69
N ILE A 8 -8.83 1.24 -16.70
CA ILE A 8 -8.91 2.68 -16.92
C ILE A 8 -7.52 3.28 -16.80
N HIS A 9 -6.99 3.79 -17.90
CA HIS A 9 -5.57 4.11 -18.00
C HIS A 9 -5.12 5.47 -17.41
N PRO A 10 -6.02 6.43 -17.04
CA PRO A 10 -5.62 7.61 -16.28
C PRO A 10 -4.50 7.32 -15.26
N PRO A 11 -3.42 8.13 -15.31
CA PRO A 11 -2.20 7.93 -14.50
C PRO A 11 -2.50 7.43 -13.10
N PRO A 12 -1.75 6.38 -12.67
CA PRO A 12 -2.09 5.44 -11.58
C PRO A 12 -3.03 5.95 -10.49
N ARG A 13 -4.25 6.28 -10.87
CA ARG A 13 -5.29 6.57 -9.91
C ARG A 13 -6.46 5.63 -10.17
N THR A 14 -6.20 4.65 -11.01
CA THR A 14 -7.16 3.61 -11.37
C THR A 14 -6.60 2.73 -12.48
N SER A 15 -5.46 3.13 -13.03
CA SER A 15 -4.78 2.33 -14.06
C SER A 15 -4.00 1.19 -13.41
N MET A 16 -3.66 1.39 -12.15
CA MET A 16 -2.97 0.37 -11.37
C MET A 16 -3.22 0.57 -9.89
N THR A 17 -4.45 0.32 -9.49
CA THR A 17 -4.79 0.34 -8.08
C THR A 17 -4.32 -0.97 -7.46
N GLU A 18 -3.45 -0.85 -6.48
CA GLU A 18 -2.85 -2.02 -5.88
C GLU A 18 -3.51 -2.32 -4.54
N GLU A 19 -4.15 -3.47 -4.40
CA GLU A 19 -4.61 -3.87 -3.09
C GLU A 19 -3.54 -4.74 -2.43
N TYR A 20 -2.85 -4.17 -1.47
CA TYR A 20 -1.72 -4.81 -0.86
C TYR A 20 -2.12 -5.60 0.37
N ARG A 21 -1.96 -6.91 0.29
CA ARG A 21 -2.16 -7.75 1.45
C ARG A 21 -0.89 -7.72 2.30
N VAL A 22 -0.92 -6.90 3.33
CA VAL A 22 0.21 -6.76 4.22
C VAL A 22 -0.09 -7.40 5.56
N PRO A 23 0.68 -8.45 5.92
CA PRO A 23 0.49 -9.21 7.15
C PRO A 23 0.40 -8.32 8.38
N ASP A 24 -0.51 -8.65 9.29
CA ASP A 24 -0.86 -7.77 10.40
C ASP A 24 0.38 -7.27 11.16
N GLY A 25 1.27 -8.19 11.51
CA GLY A 25 2.49 -7.81 12.20
C GLY A 25 3.41 -6.95 11.34
N MET A 26 3.32 -7.15 10.03
CA MET A 26 4.12 -6.38 9.10
C MET A 26 3.50 -5.00 8.91
N VAL A 27 2.29 -4.83 9.43
CA VAL A 27 1.66 -3.53 9.47
C VAL A 27 2.27 -2.72 10.60
N GLY A 28 2.50 -3.38 11.72
CA GLY A 28 3.24 -2.76 12.81
C GLY A 28 4.63 -2.36 12.36
N LEU A 29 5.16 -3.08 11.38
CA LEU A 29 6.47 -2.75 10.83
C LEU A 29 6.40 -1.75 9.66
N ILE A 30 5.26 -1.70 8.96
CA ILE A 30 5.13 -0.78 7.82
C ILE A 30 5.00 0.65 8.33
N ILE A 31 4.48 0.78 9.53
CA ILE A 31 4.42 2.06 10.21
C ILE A 31 5.74 2.34 10.93
N GLY A 32 6.54 1.28 11.06
CA GLY A 32 7.89 1.38 11.62
C GLY A 32 7.92 1.86 13.05
N ARG A 33 8.01 3.18 13.21
CA ARG A 33 8.10 3.80 14.53
C ARG A 33 6.74 3.81 15.25
N GLY A 34 5.78 3.08 14.70
CA GLY A 34 4.48 2.98 15.32
C GLY A 34 3.40 3.77 14.60
N GLY A 35 3.74 4.33 13.44
CA GLY A 35 2.73 5.02 12.66
C GLY A 35 3.29 6.09 11.76
N GLU A 36 4.18 6.91 12.31
CA GLU A 36 4.73 8.07 11.59
C GLU A 36 5.25 7.72 10.20
N GLN A 37 5.85 6.55 10.04
CA GLN A 37 6.56 6.22 8.80
C GLN A 37 5.63 6.22 7.59
N ILE A 38 4.46 5.61 7.70
CA ILE A 38 3.56 5.51 6.56
C ILE A 38 3.18 6.91 6.08
N ASN A 39 2.76 7.77 7.00
CA ASN A 39 2.34 9.12 6.66
C ASN A 39 3.50 9.89 6.06
N LYS A 40 4.67 9.74 6.66
CA LYS A 40 5.87 10.42 6.19
C LYS A 40 6.19 10.02 4.74
N ILE A 41 5.99 8.76 4.42
CA ILE A 41 6.32 8.25 3.09
C ILE A 41 5.22 8.55 2.07
N GLN A 42 3.96 8.39 2.47
CA GLN A 42 2.85 8.65 1.55
C GLN A 42 2.68 10.15 1.31
N GLN A 43 3.07 10.96 2.30
CA GLN A 43 3.07 12.40 2.17
C GLN A 43 4.22 12.83 1.27
N ASP A 44 5.37 12.20 1.46
CA ASP A 44 6.56 12.43 0.64
C ASP A 44 6.29 12.17 -0.84
N SER A 45 5.74 10.99 -1.12
CA SER A 45 5.49 10.59 -2.50
C SER A 45 4.29 11.33 -3.10
N GLY A 46 3.27 11.56 -2.27
CA GLY A 46 2.06 12.19 -2.76
C GLY A 46 1.00 11.16 -3.10
N CYS A 47 1.33 9.90 -2.86
CA CYS A 47 0.41 8.80 -3.14
C CYS A 47 -0.62 8.68 -2.04
N LYS A 48 -1.85 8.41 -2.43
CA LYS A 48 -2.96 8.26 -1.51
C LYS A 48 -2.97 6.84 -0.97
N VAL A 49 -2.05 6.57 -0.05
CA VAL A 49 -1.91 5.24 0.52
C VAL A 49 -2.92 5.06 1.64
N GLN A 50 -3.89 4.20 1.39
CA GLN A 50 -4.99 4.01 2.31
C GLN A 50 -4.83 2.74 3.12
N ILE A 51 -4.48 2.91 4.39
CA ILE A 51 -4.32 1.79 5.29
C ILE A 51 -5.70 1.36 5.80
N SER A 52 -6.20 0.24 5.30
CA SER A 52 -7.50 -0.26 5.72
C SER A 52 -7.34 -1.36 6.77
N PRO A 53 -7.67 -1.02 8.04
CA PRO A 53 -7.59 -1.96 9.16
C PRO A 53 -8.51 -3.16 8.99
N ASP A 54 -9.68 -2.92 8.43
CA ASP A 54 -10.59 -4.00 8.11
C ASP A 54 -10.47 -4.34 6.64
N SER A 55 -9.68 -5.36 6.36
CA SER A 55 -9.38 -5.75 5.00
C SER A 55 -10.59 -6.37 4.32
N GLY A 56 -11.35 -7.14 5.09
CA GLY A 56 -12.56 -7.74 4.58
C GLY A 56 -12.30 -9.03 3.86
N GLY A 57 -11.73 -8.93 2.66
CA GLY A 57 -11.49 -10.11 1.84
C GLY A 57 -10.15 -10.76 2.14
N LEU A 58 -9.33 -10.09 2.92
CA LEU A 58 -7.99 -10.56 3.23
C LEU A 58 -7.89 -10.87 4.72
N PRO A 59 -7.00 -11.79 5.12
CA PRO A 59 -6.78 -12.12 6.53
C PRO A 59 -5.89 -11.09 7.21
N GLU A 60 -4.98 -10.53 6.43
CA GLU A 60 -4.06 -9.53 6.92
C GLU A 60 -4.62 -8.14 6.66
N ARG A 61 -3.78 -7.13 6.69
CA ARG A 61 -4.22 -5.77 6.45
C ARG A 61 -4.32 -5.52 4.95
N SER A 62 -5.20 -4.63 4.54
CA SER A 62 -5.31 -4.30 3.12
C SER A 62 -5.00 -2.84 2.91
N VAL A 63 -3.91 -2.58 2.22
CA VAL A 63 -3.49 -1.23 1.91
C VAL A 63 -3.76 -0.93 0.45
N SER A 64 -4.54 0.11 0.20
CA SER A 64 -4.82 0.50 -1.16
C SER A 64 -3.77 1.49 -1.65
N LEU A 65 -3.18 1.14 -2.77
CA LEU A 65 -2.15 1.94 -3.37
C LEU A 65 -2.71 2.66 -4.61
N THR A 66 -2.86 3.97 -4.51
CA THR A 66 -3.32 4.77 -5.64
C THR A 66 -2.76 6.18 -5.54
N GLY A 67 -2.43 6.81 -6.68
CA GLY A 67 -1.93 8.17 -6.65
C GLY A 67 -1.48 8.65 -8.02
N ALA A 68 -0.17 8.77 -8.18
CA ALA A 68 0.42 9.25 -9.42
C ALA A 68 1.54 8.32 -9.84
N PRO A 69 2.01 8.39 -11.11
CA PRO A 69 3.04 7.49 -11.63
C PRO A 69 4.25 7.34 -10.70
N GLU A 70 4.78 8.47 -10.27
CA GLU A 70 5.94 8.46 -9.40
C GLU A 70 5.53 8.28 -7.94
N SER A 71 4.35 8.76 -7.60
CA SER A 71 3.88 8.74 -6.23
C SER A 71 3.53 7.32 -5.81
N VAL A 72 2.77 6.63 -6.64
CA VAL A 72 2.32 5.28 -6.34
C VAL A 72 3.50 4.32 -6.38
N GLN A 73 4.54 4.70 -7.12
CA GLN A 73 5.75 3.90 -7.23
C GLN A 73 6.51 3.91 -5.90
N LYS A 74 6.73 5.12 -5.39
CA LYS A 74 7.44 5.30 -4.11
C LYS A 74 6.66 4.65 -2.97
N ALA A 75 5.35 4.82 -2.99
CA ALA A 75 4.49 4.23 -1.99
C ALA A 75 4.58 2.70 -2.01
N LYS A 76 4.51 2.14 -3.21
CA LYS A 76 4.54 0.69 -3.36
C LYS A 76 5.94 0.16 -3.14
N MET A 77 6.92 1.04 -3.29
CA MET A 77 8.30 0.70 -2.98
C MET A 77 8.42 0.31 -1.49
N MET A 78 7.82 1.12 -0.62
CA MET A 78 7.85 0.82 0.82
C MET A 78 6.98 -0.38 1.15
N LEU A 79 5.82 -0.47 0.49
CA LEU A 79 4.92 -1.60 0.69
C LEU A 79 5.61 -2.90 0.26
N ASP A 80 6.20 -2.89 -0.92
CA ASP A 80 6.94 -4.04 -1.43
C ASP A 80 8.05 -4.42 -0.46
N ASP A 81 8.80 -3.42 -0.01
CA ASP A 81 9.90 -3.62 0.93
C ASP A 81 9.48 -4.53 2.10
N ILE A 82 8.45 -4.11 2.82
CA ILE A 82 8.01 -4.82 4.01
C ILE A 82 7.17 -6.05 3.69
N VAL A 83 6.25 -5.92 2.77
CA VAL A 83 5.34 -7.01 2.45
C VAL A 83 6.06 -8.17 1.78
N SER A 84 7.15 -7.86 1.08
CA SER A 84 7.99 -8.88 0.47
C SER A 84 8.87 -9.56 1.52
N ARG A 85 9.38 -8.77 2.47
CA ARG A 85 10.21 -9.32 3.53
C ARG A 85 9.34 -10.12 4.51
N GLY A 86 8.05 -9.81 4.51
CA GLY A 86 7.11 -10.50 5.37
C GLY A 86 6.57 -11.77 4.73
N ARG A 87 5.54 -11.62 3.90
CA ARG A 87 4.90 -12.77 3.29
C ARG A 87 5.54 -13.11 1.95
N GLY A 88 6.83 -13.43 1.99
CA GLY A 88 7.53 -13.84 0.79
C GLY A 88 7.31 -15.31 0.50
N GLY A 89 6.75 -15.61 -0.67
CA GLY A 89 6.48 -16.98 -1.03
C GLY A 89 6.24 -17.13 -2.51
N ILE A 1 -9.18 -10.64 -4.81
CA ILE A 1 -9.97 -9.42 -4.90
C ILE A 1 -9.09 -8.21 -4.61
N SER A 2 -7.78 -8.45 -4.57
CA SER A 2 -6.83 -7.43 -4.21
C SER A 2 -5.91 -7.10 -5.38
N SER A 3 -4.76 -6.50 -5.07
CA SER A 3 -3.74 -6.16 -6.05
C SER A 3 -4.22 -5.05 -6.99
N GLN A 4 -3.44 -4.81 -8.04
CA GLN A 4 -3.73 -3.78 -9.03
C GLN A 4 -5.12 -3.90 -9.64
N LEU A 5 -5.96 -2.92 -9.32
CA LEU A 5 -7.26 -2.78 -9.93
C LEU A 5 -7.23 -1.62 -10.90
N GLY A 6 -7.45 -1.88 -12.16
CA GLY A 6 -7.60 -0.80 -13.12
C GLY A 6 -9.03 -0.66 -13.59
N PRO A 7 -9.91 0.01 -12.80
CA PRO A 7 -11.33 0.15 -13.13
C PRO A 7 -11.60 1.38 -13.99
N ILE A 8 -10.59 2.20 -14.17
CA ILE A 8 -10.70 3.41 -14.97
C ILE A 8 -9.42 3.59 -15.78
N HIS A 9 -9.52 4.23 -16.93
CA HIS A 9 -8.38 4.34 -17.84
C HIS A 9 -7.46 5.54 -17.59
N PRO A 10 -7.97 6.67 -17.01
CA PRO A 10 -7.12 7.74 -16.45
C PRO A 10 -5.86 7.23 -15.74
N PRO A 11 -4.89 8.15 -15.47
CA PRO A 11 -3.63 7.82 -14.78
C PRO A 11 -3.86 7.19 -13.39
N PRO A 12 -2.80 6.65 -12.76
CA PRO A 12 -2.85 5.99 -11.44
C PRO A 12 -3.24 6.92 -10.29
N ARG A 13 -3.89 8.02 -10.63
CA ARG A 13 -4.41 8.95 -9.63
C ARG A 13 -5.69 8.38 -9.04
N THR A 14 -6.27 7.43 -9.78
CA THR A 14 -7.48 6.75 -9.34
C THR A 14 -7.71 5.47 -10.15
N SER A 15 -6.73 5.13 -10.98
CA SER A 15 -6.83 3.95 -11.82
C SER A 15 -6.22 2.74 -11.13
N MET A 16 -4.98 2.39 -11.49
CA MET A 16 -4.32 1.21 -10.96
C MET A 16 -4.16 1.30 -9.44
N THR A 17 -5.21 0.91 -8.75
CA THR A 17 -5.21 0.86 -7.32
C THR A 17 -4.61 -0.46 -6.88
N GLU A 18 -3.47 -0.40 -6.23
CA GLU A 18 -2.81 -1.62 -5.83
C GLU A 18 -3.27 -1.96 -4.42
N GLU A 19 -3.94 -3.09 -4.27
CA GLU A 19 -4.36 -3.50 -2.95
C GLU A 19 -3.37 -4.51 -2.41
N TYR A 20 -2.62 -4.06 -1.43
CA TYR A 20 -1.49 -4.79 -0.93
C TYR A 20 -1.87 -5.70 0.22
N ARG A 21 -1.54 -6.98 0.05
CA ARG A 21 -1.75 -7.97 1.09
C ARG A 21 -0.58 -7.94 2.05
N VAL A 22 -0.78 -7.27 3.16
CA VAL A 22 0.27 -7.08 4.14
C VAL A 22 -0.12 -7.70 5.48
N PRO A 23 0.71 -8.62 5.97
CA PRO A 23 0.46 -9.37 7.20
C PRO A 23 0.33 -8.46 8.42
N ASP A 24 -0.46 -8.92 9.38
CA ASP A 24 -0.82 -8.15 10.58
C ASP A 24 0.39 -7.46 11.21
N GLY A 25 1.38 -8.24 11.62
CA GLY A 25 2.56 -7.67 12.25
C GLY A 25 3.39 -6.83 11.31
N MET A 26 3.28 -7.11 10.03
CA MET A 26 4.10 -6.44 9.04
C MET A 26 3.56 -5.06 8.73
N VAL A 27 2.24 -4.90 8.79
CA VAL A 27 1.64 -3.60 8.59
C VAL A 27 1.90 -2.72 9.82
N GLY A 28 2.03 -3.35 10.98
CA GLY A 28 2.46 -2.63 12.15
C GLY A 28 3.89 -2.13 12.01
N LEU A 29 4.67 -2.82 11.18
CA LEU A 29 6.03 -2.40 10.90
C LEU A 29 6.10 -1.43 9.72
N ILE A 30 5.14 -1.51 8.79
CA ILE A 30 5.14 -0.61 7.62
C ILE A 30 4.80 0.80 8.07
N ILE A 31 4.05 0.89 9.16
CA ILE A 31 3.74 2.16 9.77
C ILE A 31 4.85 2.57 10.74
N GLY A 32 5.70 1.60 11.08
CA GLY A 32 6.85 1.86 11.94
C GLY A 32 6.47 2.43 13.29
N ARG A 33 6.50 3.74 13.37
CA ARG A 33 6.11 4.48 14.57
C ARG A 33 4.57 4.50 14.72
N GLY A 34 3.94 3.39 14.36
CA GLY A 34 2.51 3.23 14.56
C GLY A 34 1.67 3.96 13.53
N GLY A 35 2.29 4.48 12.48
CA GLY A 35 1.53 5.08 11.40
C GLY A 35 2.25 6.23 10.73
N GLU A 36 2.88 7.07 11.54
CA GLU A 36 3.57 8.26 11.06
C GLU A 36 4.56 7.97 9.91
N GLN A 37 5.15 6.79 9.90
CA GLN A 37 6.15 6.45 8.88
C GLN A 37 5.51 6.37 7.49
N ILE A 38 4.39 5.67 7.40
CA ILE A 38 3.72 5.53 6.12
C ILE A 38 3.13 6.86 5.69
N ASN A 39 2.62 7.61 6.66
CA ASN A 39 2.07 8.94 6.42
C ASN A 39 3.16 9.86 5.90
N LYS A 40 4.37 9.65 6.41
CA LYS A 40 5.54 10.38 5.96
C LYS A 40 5.82 10.09 4.49
N ILE A 41 5.82 8.82 4.14
CA ILE A 41 6.19 8.38 2.80
C ILE A 41 5.09 8.66 1.77
N GLN A 42 3.84 8.47 2.17
CA GLN A 42 2.73 8.72 1.26
C GLN A 42 2.57 10.21 1.00
N GLN A 43 2.98 11.03 1.96
CA GLN A 43 3.01 12.47 1.77
C GLN A 43 4.23 12.84 0.91
N ASP A 44 5.36 12.22 1.22
CA ASP A 44 6.61 12.44 0.49
C ASP A 44 6.43 12.18 -1.01
N SER A 45 5.70 11.13 -1.32
CA SER A 45 5.49 10.75 -2.70
C SER A 45 4.30 11.49 -3.31
N GLY A 46 3.26 11.69 -2.50
CA GLY A 46 2.03 12.28 -3.02
C GLY A 46 0.98 11.21 -3.25
N CYS A 47 1.34 9.98 -2.91
CA CYS A 47 0.46 8.84 -3.06
C CYS A 47 -0.58 8.79 -1.93
N LYS A 48 -1.80 8.46 -2.29
CA LYS A 48 -2.87 8.30 -1.32
C LYS A 48 -2.85 6.89 -0.78
N VAL A 49 -1.89 6.63 0.10
CA VAL A 49 -1.74 5.31 0.67
C VAL A 49 -2.70 5.14 1.84
N GLN A 50 -3.71 4.32 1.64
CA GLN A 50 -4.72 4.11 2.66
C GLN A 50 -4.53 2.76 3.34
N ILE A 51 -4.15 2.81 4.60
CA ILE A 51 -4.01 1.60 5.40
C ILE A 51 -5.39 1.13 5.86
N SER A 52 -5.97 0.17 5.15
CA SER A 52 -7.28 -0.33 5.48
C SER A 52 -7.20 -1.36 6.61
N PRO A 53 -7.64 -0.94 7.81
CA PRO A 53 -7.52 -1.71 9.04
C PRO A 53 -8.55 -2.83 9.14
N ASP A 54 -9.75 -2.60 8.62
CA ASP A 54 -10.79 -3.62 8.65
C ASP A 54 -10.55 -4.64 7.56
N SER A 55 -9.86 -4.18 6.51
CA SER A 55 -9.46 -5.04 5.40
C SER A 55 -10.68 -5.61 4.68
N GLY A 56 -10.50 -6.74 4.03
CA GLY A 56 -11.56 -7.36 3.27
C GLY A 56 -11.02 -8.38 2.29
N GLY A 57 -11.26 -9.65 2.60
CA GLY A 57 -10.73 -10.71 1.76
C GLY A 57 -9.44 -11.26 2.33
N LEU A 58 -8.65 -10.38 2.93
CA LEU A 58 -7.40 -10.76 3.55
C LEU A 58 -7.59 -10.87 5.06
N PRO A 59 -7.04 -11.92 5.68
CA PRO A 59 -7.12 -12.13 7.12
C PRO A 59 -6.10 -11.29 7.88
N GLU A 60 -5.35 -10.51 7.13
CA GLU A 60 -4.32 -9.67 7.70
C GLU A 60 -4.71 -8.19 7.58
N ARG A 61 -3.95 -7.44 6.82
CA ARG A 61 -4.27 -6.04 6.58
C ARG A 61 -4.24 -5.78 5.09
N SER A 62 -4.94 -4.76 4.63
CA SER A 62 -4.91 -4.43 3.22
C SER A 62 -4.65 -2.94 3.03
N VAL A 63 -3.68 -2.63 2.20
CA VAL A 63 -3.33 -1.24 1.95
C VAL A 63 -3.64 -0.88 0.51
N SER A 64 -4.31 0.23 0.28
CA SER A 64 -4.58 0.66 -1.07
C SER A 64 -3.58 1.70 -1.51
N LEU A 65 -2.99 1.44 -2.66
CA LEU A 65 -2.01 2.32 -3.26
C LEU A 65 -2.60 3.02 -4.49
N THR A 66 -2.79 4.33 -4.39
CA THR A 66 -3.22 5.14 -5.53
C THR A 66 -2.67 6.56 -5.37
N GLY A 67 -2.51 7.30 -6.45
CA GLY A 67 -2.04 8.68 -6.32
C GLY A 67 -1.51 9.27 -7.61
N ALA A 68 -0.35 8.79 -8.03
CA ALA A 68 0.30 9.29 -9.25
C ALA A 68 1.33 8.28 -9.71
N PRO A 69 1.76 8.34 -10.99
CA PRO A 69 2.72 7.36 -11.53
C PRO A 69 3.96 7.21 -10.67
N GLU A 70 4.62 8.34 -10.39
CA GLU A 70 5.82 8.36 -9.57
C GLU A 70 5.48 8.06 -8.11
N SER A 71 4.35 8.59 -7.67
CA SER A 71 3.98 8.55 -6.27
C SER A 71 3.58 7.15 -5.83
N VAL A 72 2.80 6.49 -6.65
CA VAL A 72 2.24 5.19 -6.30
C VAL A 72 3.33 4.13 -6.27
N GLN A 73 4.41 4.37 -7.01
CA GLN A 73 5.51 3.43 -7.04
C GLN A 73 6.42 3.62 -5.84
N LYS A 74 6.60 4.87 -5.42
CA LYS A 74 7.37 5.19 -4.22
C LYS A 74 6.69 4.58 -2.99
N ALA A 75 5.38 4.79 -2.93
CA ALA A 75 4.57 4.21 -1.88
C ALA A 75 4.74 2.70 -1.84
N LYS A 76 4.64 2.09 -3.01
CA LYS A 76 4.80 0.65 -3.13
C LYS A 76 6.23 0.20 -2.87
N MET A 77 7.19 1.12 -3.00
CA MET A 77 8.56 0.79 -2.65
C MET A 77 8.66 0.40 -1.19
N MET A 78 8.03 1.20 -0.33
CA MET A 78 8.00 0.87 1.10
C MET A 78 7.16 -0.38 1.35
N LEU A 79 5.99 -0.43 0.72
CA LEU A 79 5.05 -1.53 0.92
C LEU A 79 5.68 -2.86 0.52
N ASP A 80 6.20 -2.94 -0.70
CA ASP A 80 6.75 -4.18 -1.23
C ASP A 80 7.94 -4.62 -0.40
N ASP A 81 8.70 -3.65 0.10
CA ASP A 81 9.85 -3.96 0.95
C ASP A 81 9.43 -4.80 2.15
N ILE A 82 8.44 -4.32 2.89
CA ILE A 82 7.99 -5.00 4.09
C ILE A 82 7.13 -6.23 3.77
N VAL A 83 6.29 -6.10 2.75
CA VAL A 83 5.44 -7.21 2.36
C VAL A 83 6.27 -8.38 1.82
N SER A 84 7.38 -8.06 1.19
CA SER A 84 8.26 -9.08 0.64
C SER A 84 9.09 -9.73 1.74
N ARG A 85 9.45 -8.97 2.77
CA ARG A 85 10.20 -9.52 3.89
C ARG A 85 9.28 -10.38 4.76
N GLY A 86 7.97 -10.20 4.58
CA GLY A 86 6.99 -10.98 5.31
C GLY A 86 6.44 -12.12 4.48
N ARG A 87 5.58 -11.79 3.53
CA ARG A 87 4.96 -12.79 2.66
C ARG A 87 5.93 -13.27 1.58
N GLY A 88 6.74 -12.36 1.08
CA GLY A 88 7.69 -12.69 0.05
C GLY A 88 7.13 -12.42 -1.33
N GLY A 89 6.29 -13.32 -1.80
CA GLY A 89 5.70 -13.18 -3.11
C GLY A 89 5.12 -14.50 -3.59
N ILE A 1 -10.41 -9.14 -5.31
CA ILE A 1 -10.85 -8.53 -4.06
C ILE A 1 -9.68 -7.76 -3.46
N SER A 2 -8.49 -8.08 -3.94
CA SER A 2 -7.29 -7.37 -3.58
C SER A 2 -6.31 -7.44 -4.76
N SER A 3 -5.10 -6.95 -4.55
CA SER A 3 -4.05 -6.97 -5.56
C SER A 3 -4.34 -5.99 -6.69
N GLN A 4 -3.54 -6.09 -7.75
CA GLN A 4 -3.68 -5.32 -8.99
C GLN A 4 -5.14 -5.08 -9.39
N LEU A 5 -5.52 -3.81 -9.43
CA LEU A 5 -6.79 -3.39 -9.99
C LEU A 5 -6.55 -2.41 -11.12
N GLY A 6 -7.29 -2.56 -12.22
CA GLY A 6 -7.18 -1.63 -13.32
C GLY A 6 -8.51 -1.30 -13.96
N PRO A 7 -9.37 -0.53 -13.27
CA PRO A 7 -10.70 -0.16 -13.78
C PRO A 7 -10.66 1.02 -14.75
N ILE A 8 -9.80 1.99 -14.46
CA ILE A 8 -9.70 3.20 -15.26
C ILE A 8 -8.34 3.25 -15.95
N HIS A 9 -8.28 3.86 -17.13
CA HIS A 9 -7.05 3.89 -17.92
C HIS A 9 -6.15 5.11 -17.63
N PRO A 10 -6.72 6.34 -17.46
CA PRO A 10 -5.98 7.53 -17.02
C PRO A 10 -4.97 7.28 -15.88
N PRO A 11 -4.13 8.29 -15.55
CA PRO A 11 -3.12 8.21 -14.48
C PRO A 11 -3.53 7.38 -13.26
N PRO A 12 -2.54 6.76 -12.58
CA PRO A 12 -2.75 5.81 -11.48
C PRO A 12 -3.38 6.41 -10.22
N ARG A 13 -4.16 7.48 -10.37
CA ARG A 13 -4.89 8.06 -9.26
C ARG A 13 -6.20 7.32 -9.08
N THR A 14 -6.48 6.44 -10.03
CA THR A 14 -7.64 5.57 -9.96
C THR A 14 -7.51 4.43 -10.98
N SER A 15 -6.31 4.29 -11.53
CA SER A 15 -6.06 3.27 -12.53
C SER A 15 -5.53 2.00 -11.87
N MET A 16 -4.21 1.81 -11.92
CA MET A 16 -3.57 0.68 -11.27
C MET A 16 -3.66 0.81 -9.75
N THR A 17 -4.83 0.50 -9.23
CA THR A 17 -5.04 0.52 -7.82
C THR A 17 -4.47 -0.76 -7.22
N GLU A 18 -3.46 -0.61 -6.40
CA GLU A 18 -2.78 -1.75 -5.84
C GLU A 18 -3.37 -2.07 -4.47
N GLU A 19 -3.93 -3.24 -4.31
CA GLU A 19 -4.48 -3.60 -3.01
C GLU A 19 -3.54 -4.59 -2.33
N TYR A 20 -2.82 -4.10 -1.35
CA TYR A 20 -1.72 -4.84 -0.79
C TYR A 20 -2.14 -5.70 0.39
N ARG A 21 -1.83 -6.99 0.29
CA ARG A 21 -2.06 -7.92 1.38
C ARG A 21 -0.81 -7.96 2.25
N VAL A 22 -0.85 -7.24 3.36
CA VAL A 22 0.29 -7.12 4.23
C VAL A 22 -0.01 -7.73 5.60
N PRO A 23 0.79 -8.72 6.03
CA PRO A 23 0.61 -9.40 7.32
C PRO A 23 0.56 -8.38 8.46
N ASP A 24 -0.25 -8.69 9.47
CA ASP A 24 -0.58 -7.72 10.52
C ASP A 24 0.66 -7.28 11.30
N GLY A 25 1.66 -8.13 11.39
CA GLY A 25 2.91 -7.73 12.01
C GLY A 25 3.72 -6.84 11.10
N MET A 26 3.54 -7.03 9.81
CA MET A 26 4.28 -6.29 8.80
C MET A 26 3.69 -4.90 8.63
N VAL A 27 2.37 -4.77 8.84
CA VAL A 27 1.75 -3.44 8.80
C VAL A 27 2.19 -2.65 10.03
N GLY A 28 2.39 -3.33 11.15
CA GLY A 28 2.96 -2.68 12.31
C GLY A 28 4.35 -2.12 12.02
N LEU A 29 5.06 -2.78 11.11
CA LEU A 29 6.38 -2.30 10.70
C LEU A 29 6.31 -1.29 9.54
N ILE A 30 5.23 -1.33 8.74
CA ILE A 30 5.10 -0.39 7.62
C ILE A 30 4.81 1.00 8.15
N ILE A 31 4.15 1.04 9.29
CA ILE A 31 3.93 2.28 10.01
C ILE A 31 5.15 2.61 10.86
N GLY A 32 6.01 1.61 11.05
CA GLY A 32 7.26 1.78 11.74
C GLY A 32 7.10 2.14 13.20
N ARG A 33 7.07 3.43 13.46
CA ARG A 33 7.00 3.95 14.82
C ARG A 33 5.59 3.84 15.37
N GLY A 34 4.69 3.30 14.57
CA GLY A 34 3.32 3.12 15.01
C GLY A 34 2.33 3.89 14.18
N GLY A 35 2.78 4.45 13.05
CA GLY A 35 1.84 5.08 12.14
C GLY A 35 2.49 6.09 11.22
N GLU A 36 3.17 7.06 11.81
CA GLU A 36 3.64 8.23 11.06
C GLU A 36 4.58 7.90 9.90
N GLN A 37 5.27 6.76 9.92
CA GLN A 37 6.26 6.47 8.88
C GLN A 37 5.59 6.45 7.51
N ILE A 38 4.54 5.65 7.38
CA ILE A 38 3.83 5.57 6.12
C ILE A 38 3.24 6.93 5.76
N ASN A 39 2.61 7.58 6.74
CA ASN A 39 2.02 8.90 6.54
C ASN A 39 3.03 9.88 5.98
N LYS A 40 4.27 9.75 6.44
CA LYS A 40 5.35 10.61 5.99
C LYS A 40 5.76 10.25 4.57
N ILE A 41 5.84 8.96 4.27
CA ILE A 41 6.25 8.50 2.94
C ILE A 41 5.21 8.84 1.88
N GLN A 42 3.95 8.52 2.16
CA GLN A 42 2.88 8.76 1.21
C GLN A 42 2.66 10.26 1.01
N GLN A 43 2.90 11.05 2.06
CA GLN A 43 2.80 12.50 1.95
C GLN A 43 3.98 13.06 1.17
N ASP A 44 5.13 12.44 1.38
CA ASP A 44 6.37 12.85 0.72
C ASP A 44 6.29 12.64 -0.80
N SER A 45 5.55 11.63 -1.20
CA SER A 45 5.41 11.30 -2.61
C SER A 45 4.14 11.89 -3.21
N GLY A 46 3.05 11.82 -2.44
CA GLY A 46 1.77 12.28 -2.94
C GLY A 46 0.83 11.13 -3.21
N CYS A 47 1.23 9.93 -2.80
CA CYS A 47 0.43 8.75 -2.99
C CYS A 47 -0.67 8.65 -1.95
N LYS A 48 -1.86 8.29 -2.41
CA LYS A 48 -3.02 8.13 -1.55
C LYS A 48 -3.00 6.75 -0.92
N VAL A 49 -2.09 6.55 0.00
CA VAL A 49 -1.95 5.27 0.66
C VAL A 49 -2.95 5.16 1.79
N GLN A 50 -3.97 4.35 1.59
CA GLN A 50 -5.02 4.19 2.57
C GLN A 50 -4.86 2.86 3.28
N ILE A 51 -4.50 2.92 4.55
CA ILE A 51 -4.33 1.73 5.36
C ILE A 51 -5.70 1.22 5.82
N SER A 52 -6.10 0.07 5.32
CA SER A 52 -7.39 -0.52 5.67
C SER A 52 -7.22 -1.51 6.81
N PRO A 53 -7.58 -1.09 8.03
CA PRO A 53 -7.41 -1.91 9.24
C PRO A 53 -8.45 -3.01 9.36
N ASP A 54 -9.57 -2.83 8.67
CA ASP A 54 -10.67 -3.77 8.72
C ASP A 54 -10.38 -4.97 7.83
N SER A 55 -9.84 -4.66 6.64
CA SER A 55 -9.37 -5.67 5.69
C SER A 55 -10.54 -6.38 5.00
N GLY A 56 -11.33 -7.12 5.77
CA GLY A 56 -12.51 -7.76 5.24
C GLY A 56 -12.22 -9.10 4.60
N GLY A 57 -11.66 -9.08 3.40
CA GLY A 57 -11.42 -10.31 2.66
C GLY A 57 -10.13 -11.00 3.06
N LEU A 58 -9.34 -10.32 3.87
CA LEU A 58 -8.03 -10.81 4.25
C LEU A 58 -7.96 -10.96 5.77
N PRO A 59 -7.21 -11.96 6.27
CA PRO A 59 -6.95 -12.12 7.70
C PRO A 59 -5.86 -11.15 8.14
N GLU A 60 -5.11 -10.70 7.15
CA GLU A 60 -4.03 -9.77 7.35
C GLU A 60 -4.53 -8.34 7.14
N ARG A 61 -3.62 -7.42 6.97
CA ARG A 61 -3.95 -6.04 6.75
C ARG A 61 -4.05 -5.77 5.26
N SER A 62 -4.93 -4.86 4.86
CA SER A 62 -5.04 -4.49 3.47
C SER A 62 -4.71 -3.01 3.30
N VAL A 63 -4.02 -2.68 2.22
CA VAL A 63 -3.58 -1.32 1.99
C VAL A 63 -3.79 -0.94 0.53
N SER A 64 -4.57 0.10 0.28
CA SER A 64 -4.80 0.53 -1.09
C SER A 64 -3.82 1.59 -1.52
N LEU A 65 -3.14 1.31 -2.61
CA LEU A 65 -2.16 2.20 -3.19
C LEU A 65 -2.72 2.89 -4.43
N THR A 66 -2.77 4.22 -4.40
CA THR A 66 -3.19 4.99 -5.56
C THR A 66 -2.50 6.36 -5.55
N GLY A 67 -2.35 7.00 -6.71
CA GLY A 67 -1.74 8.33 -6.73
C GLY A 67 -1.22 8.72 -8.11
N ALA A 68 0.06 9.01 -8.19
CA ALA A 68 0.68 9.38 -9.45
C ALA A 68 1.78 8.37 -9.80
N PRO A 69 2.25 8.34 -11.07
CA PRO A 69 3.26 7.38 -11.50
C PRO A 69 4.45 7.28 -10.55
N GLU A 70 4.95 8.44 -10.13
CA GLU A 70 6.05 8.51 -9.19
C GLU A 70 5.58 8.20 -7.78
N SER A 71 4.47 8.82 -7.39
CA SER A 71 3.97 8.74 -6.03
C SER A 71 3.64 7.31 -5.64
N VAL A 72 2.89 6.63 -6.51
CA VAL A 72 2.42 5.29 -6.22
C VAL A 72 3.59 4.30 -6.24
N GLN A 73 4.65 4.65 -6.97
CA GLN A 73 5.84 3.81 -7.04
C GLN A 73 6.64 3.90 -5.73
N LYS A 74 6.82 5.13 -5.25
CA LYS A 74 7.50 5.37 -3.98
C LYS A 74 6.77 4.66 -2.84
N ALA A 75 5.46 4.85 -2.80
CA ALA A 75 4.63 4.23 -1.79
C ALA A 75 4.74 2.70 -1.86
N LYS A 76 4.54 2.16 -3.05
CA LYS A 76 4.55 0.72 -3.24
C LYS A 76 5.93 0.12 -3.04
N MET A 77 6.98 0.92 -3.18
CA MET A 77 8.33 0.40 -2.97
C MET A 77 8.55 0.15 -1.48
N MET A 78 7.94 0.98 -0.63
CA MET A 78 7.93 0.73 0.82
C MET A 78 7.13 -0.53 1.12
N LEU A 79 5.95 -0.61 0.54
CA LEU A 79 5.04 -1.74 0.74
C LEU A 79 5.69 -3.03 0.28
N ASP A 80 6.20 -3.04 -0.94
CA ASP A 80 6.83 -4.21 -1.52
C ASP A 80 7.96 -4.71 -0.66
N ASP A 81 8.70 -3.77 -0.08
CA ASP A 81 9.83 -4.11 0.79
C ASP A 81 9.39 -4.96 1.98
N ILE A 82 8.50 -4.42 2.80
CA ILE A 82 8.05 -5.11 4.00
C ILE A 82 7.14 -6.30 3.67
N VAL A 83 6.29 -6.14 2.67
CA VAL A 83 5.39 -7.21 2.29
C VAL A 83 6.14 -8.39 1.70
N SER A 84 7.31 -8.14 1.13
CA SER A 84 8.12 -9.22 0.61
C SER A 84 8.81 -9.99 1.74
N ARG A 85 9.18 -9.28 2.81
CA ARG A 85 9.80 -9.94 3.96
C ARG A 85 8.75 -10.64 4.83
N GLY A 86 7.48 -10.34 4.58
CA GLY A 86 6.41 -11.00 5.32
C GLY A 86 5.72 -12.08 4.50
N ARG A 87 5.22 -11.71 3.34
CA ARG A 87 4.52 -12.63 2.45
C ARG A 87 5.49 -13.32 1.50
N GLY A 88 6.66 -13.67 2.02
CA GLY A 88 7.66 -14.36 1.24
C GLY A 88 7.38 -15.83 1.15
N GLY A 89 6.51 -16.22 0.23
CA GLY A 89 6.12 -17.60 0.10
C GLY A 89 4.70 -17.73 -0.36
N ILE A 1 -4.40 -13.46 -4.30
CA ILE A 1 -4.71 -12.31 -5.12
C ILE A 1 -3.81 -11.13 -4.79
N SER A 2 -3.63 -10.22 -5.72
CA SER A 2 -2.81 -9.05 -5.49
C SER A 2 -3.27 -7.90 -6.38
N SER A 3 -2.97 -6.68 -5.94
CA SER A 3 -3.28 -5.48 -6.72
C SER A 3 -4.80 -5.33 -6.93
N GLN A 4 -5.19 -4.52 -7.91
CA GLN A 4 -6.57 -4.49 -8.38
C GLN A 4 -6.60 -4.17 -9.86
N LEU A 5 -6.75 -2.87 -10.17
CA LEU A 5 -6.91 -2.40 -11.54
C LEU A 5 -7.21 -0.91 -11.59
N GLY A 6 -7.52 -0.44 -12.79
CA GLY A 6 -7.99 0.91 -12.99
C GLY A 6 -9.03 0.96 -14.09
N PRO A 7 -10.29 1.31 -13.76
CA PRO A 7 -11.39 1.28 -14.71
C PRO A 7 -11.31 2.36 -15.78
N ILE A 8 -10.62 3.45 -15.47
CA ILE A 8 -10.52 4.58 -16.39
C ILE A 8 -9.06 4.87 -16.72
N HIS A 9 -8.87 5.65 -17.79
CA HIS A 9 -7.55 5.86 -18.39
C HIS A 9 -6.76 7.05 -17.81
N PRO A 10 -7.40 8.05 -17.12
CA PRO A 10 -6.67 9.07 -16.36
C PRO A 10 -5.45 8.52 -15.59
N PRO A 11 -4.58 9.42 -15.08
CA PRO A 11 -3.39 9.04 -14.29
C PRO A 11 -3.71 8.05 -13.16
N PRO A 12 -2.67 7.42 -12.58
CA PRO A 12 -2.81 6.41 -11.50
C PRO A 12 -3.40 6.95 -10.20
N ARG A 13 -4.34 7.89 -10.31
CA ARG A 13 -5.12 8.35 -9.17
C ARG A 13 -6.32 7.43 -9.00
N THR A 14 -6.41 6.44 -9.89
CA THR A 14 -7.47 5.45 -9.85
C THR A 14 -7.31 4.42 -10.97
N SER A 15 -6.41 4.70 -11.93
CA SER A 15 -6.20 3.81 -13.07
C SER A 15 -5.31 2.62 -12.70
N MET A 16 -4.91 2.55 -11.44
CA MET A 16 -4.17 1.40 -10.96
C MET A 16 -4.16 1.38 -9.43
N THR A 17 -5.30 1.04 -8.87
CA THR A 17 -5.37 0.82 -7.43
C THR A 17 -4.84 -0.56 -7.11
N GLU A 18 -3.83 -0.58 -6.26
CA GLU A 18 -3.22 -1.83 -5.86
C GLU A 18 -3.70 -2.22 -4.46
N GLU A 19 -4.36 -3.37 -4.36
CA GLU A 19 -4.70 -3.89 -3.05
C GLU A 19 -3.56 -4.79 -2.60
N TYR A 20 -2.75 -4.28 -1.69
CA TYR A 20 -1.54 -4.97 -1.30
C TYR A 20 -1.80 -5.85 -0.09
N ARG A 21 -1.43 -7.11 -0.20
CA ARG A 21 -1.61 -8.05 0.90
C ARG A 21 -0.49 -7.93 1.90
N VAL A 22 -0.84 -7.44 3.07
CA VAL A 22 0.11 -7.23 4.14
C VAL A 22 -0.39 -7.88 5.42
N PRO A 23 0.40 -8.81 5.98
CA PRO A 23 0.04 -9.48 7.21
C PRO A 23 0.09 -8.52 8.39
N ASP A 24 -0.73 -8.76 9.41
CA ASP A 24 -0.98 -7.77 10.45
C ASP A 24 0.32 -7.26 11.10
N GLY A 25 1.29 -8.15 11.27
CA GLY A 25 2.57 -7.77 11.84
C GLY A 25 3.34 -6.81 10.95
N MET A 26 3.15 -6.95 9.64
CA MET A 26 3.83 -6.10 8.68
C MET A 26 3.15 -4.75 8.61
N VAL A 27 1.93 -4.68 9.13
CA VAL A 27 1.22 -3.41 9.25
C VAL A 27 1.89 -2.57 10.32
N GLY A 28 2.21 -3.21 11.44
CA GLY A 28 2.92 -2.52 12.49
C GLY A 28 4.30 -2.06 12.04
N LEU A 29 4.92 -2.81 11.14
CA LEU A 29 6.24 -2.44 10.64
C LEU A 29 6.18 -1.50 9.43
N ILE A 30 5.08 -1.51 8.69
CA ILE A 30 4.95 -0.63 7.52
C ILE A 30 4.81 0.81 8.00
N ILE A 31 4.23 0.97 9.16
CA ILE A 31 4.20 2.27 9.82
C ILE A 31 5.46 2.47 10.63
N GLY A 32 6.18 1.37 10.85
CA GLY A 32 7.44 1.38 11.58
C GLY A 32 7.29 1.98 12.96
N ARG A 33 7.48 3.28 13.02
CA ARG A 33 7.34 4.04 14.25
C ARG A 33 5.88 4.27 14.60
N GLY A 34 5.10 3.20 14.55
CA GLY A 34 3.72 3.24 15.01
C GLY A 34 2.79 4.09 14.15
N GLY A 35 3.23 4.51 12.98
CA GLY A 35 2.32 5.21 12.09
C GLY A 35 2.98 6.24 11.22
N GLU A 36 3.90 6.99 11.81
CA GLU A 36 4.51 8.14 11.15
C GLU A 36 5.20 7.77 9.84
N GLN A 37 5.75 6.57 9.75
CA GLN A 37 6.53 6.19 8.58
C GLN A 37 5.70 6.23 7.31
N ILE A 38 4.55 5.55 7.31
CA ILE A 38 3.72 5.49 6.12
C ILE A 38 3.25 6.88 5.72
N ASN A 39 2.86 7.68 6.71
CA ASN A 39 2.45 9.06 6.44
C ASN A 39 3.59 9.80 5.77
N LYS A 40 4.78 9.65 6.34
CA LYS A 40 5.97 10.29 5.83
C LYS A 40 6.27 9.83 4.40
N ILE A 41 6.07 8.55 4.14
CA ILE A 41 6.35 7.97 2.83
C ILE A 41 5.33 8.43 1.79
N GLN A 42 4.04 8.31 2.12
CA GLN A 42 2.99 8.63 1.17
C GLN A 42 2.88 10.13 0.97
N GLN A 43 3.29 10.91 1.96
CA GLN A 43 3.31 12.36 1.86
C GLN A 43 4.52 12.82 1.05
N ASP A 44 5.63 12.10 1.23
CA ASP A 44 6.87 12.37 0.52
C ASP A 44 6.68 12.18 -0.98
N SER A 45 5.99 11.11 -1.34
CA SER A 45 5.76 10.78 -2.73
C SER A 45 4.54 11.52 -3.29
N GLY A 46 3.50 11.65 -2.47
CA GLY A 46 2.28 12.30 -2.92
C GLY A 46 1.19 11.28 -3.20
N CYS A 47 1.44 10.05 -2.78
CA CYS A 47 0.49 8.96 -3.01
C CYS A 47 -0.52 8.92 -1.89
N LYS A 48 -1.69 8.37 -2.19
CA LYS A 48 -2.80 8.34 -1.26
C LYS A 48 -2.95 6.92 -0.73
N VAL A 49 -2.00 6.55 0.11
CA VAL A 49 -1.92 5.21 0.65
C VAL A 49 -2.87 5.07 1.84
N GLN A 50 -3.81 4.16 1.72
CA GLN A 50 -4.82 3.96 2.74
C GLN A 50 -4.67 2.60 3.38
N ILE A 51 -4.44 2.61 4.69
CA ILE A 51 -4.29 1.37 5.42
C ILE A 51 -5.66 0.82 5.78
N SER A 52 -6.17 -0.05 4.93
CA SER A 52 -7.54 -0.54 5.04
C SER A 52 -7.65 -1.62 6.10
N PRO A 53 -8.33 -1.31 7.21
CA PRO A 53 -8.57 -2.24 8.31
C PRO A 53 -9.75 -3.15 8.00
N ASP A 54 -10.45 -2.82 6.92
CA ASP A 54 -11.58 -3.62 6.48
C ASP A 54 -11.06 -4.86 5.76
N SER A 55 -9.98 -4.65 5.01
CA SER A 55 -9.25 -5.72 4.32
C SER A 55 -10.06 -6.31 3.16
N GLY A 56 -11.24 -6.85 3.45
CA GLY A 56 -12.12 -7.35 2.42
C GLY A 56 -11.76 -8.74 1.95
N GLY A 57 -10.87 -8.83 0.98
CA GLY A 57 -10.45 -10.10 0.45
C GLY A 57 -9.30 -10.68 1.24
N LEU A 58 -8.92 -9.98 2.28
CA LEU A 58 -7.70 -10.29 3.03
C LEU A 58 -8.04 -10.51 4.50
N PRO A 59 -7.41 -11.50 5.14
CA PRO A 59 -7.62 -11.78 6.57
C PRO A 59 -6.68 -10.97 7.44
N GLU A 60 -5.56 -10.57 6.86
CA GLU A 60 -4.52 -9.88 7.57
C GLU A 60 -4.76 -8.37 7.56
N ARG A 61 -4.34 -7.71 6.49
CA ARG A 61 -4.62 -6.30 6.30
C ARG A 61 -4.45 -5.96 4.83
N SER A 62 -5.13 -4.94 4.35
CA SER A 62 -4.97 -4.55 2.97
C SER A 62 -4.58 -3.09 2.87
N VAL A 63 -3.54 -2.81 2.10
CA VAL A 63 -3.12 -1.44 1.88
C VAL A 63 -3.52 -1.00 0.49
N SER A 64 -4.40 -0.01 0.43
CA SER A 64 -4.79 0.54 -0.84
C SER A 64 -3.74 1.50 -1.33
N LEU A 65 -3.19 1.20 -2.47
CA LEU A 65 -2.17 2.02 -3.04
C LEU A 65 -2.64 2.69 -4.32
N THR A 66 -2.91 3.99 -4.22
CA THR A 66 -3.34 4.80 -5.34
C THR A 66 -2.88 6.24 -5.14
N GLY A 67 -2.51 6.95 -6.20
CA GLY A 67 -2.07 8.32 -6.04
C GLY A 67 -1.68 8.99 -7.34
N ALA A 68 -0.39 9.02 -7.60
CA ALA A 68 0.15 9.68 -8.78
C ALA A 68 1.25 8.81 -9.39
N PRO A 69 1.65 9.08 -10.65
CA PRO A 69 2.65 8.27 -11.36
C PRO A 69 3.87 7.90 -10.50
N GLU A 70 4.66 8.90 -10.14
CA GLU A 70 5.84 8.68 -9.32
C GLU A 70 5.44 8.26 -7.91
N SER A 71 4.40 8.90 -7.42
CA SER A 71 3.96 8.75 -6.05
C SER A 71 3.60 7.29 -5.74
N VAL A 72 2.84 6.68 -6.62
CA VAL A 72 2.33 5.35 -6.37
C VAL A 72 3.44 4.30 -6.50
N GLN A 73 4.40 4.54 -7.37
CA GLN A 73 5.54 3.65 -7.51
C GLN A 73 6.39 3.69 -6.24
N LYS A 74 6.58 4.89 -5.72
CA LYS A 74 7.41 5.10 -4.54
C LYS A 74 6.73 4.55 -3.30
N ALA A 75 5.42 4.78 -3.18
CA ALA A 75 4.65 4.30 -2.05
C ALA A 75 4.61 2.77 -2.01
N LYS A 76 4.49 2.16 -3.18
CA LYS A 76 4.37 0.71 -3.29
C LYS A 76 5.74 0.09 -3.19
N MET A 77 6.74 0.90 -3.47
CA MET A 77 8.13 0.52 -3.30
C MET A 77 8.42 0.17 -1.83
N MET A 78 7.97 1.03 -0.92
CA MET A 78 8.12 0.75 0.51
C MET A 78 7.24 -0.42 0.93
N LEU A 79 6.05 -0.48 0.36
CA LEU A 79 5.11 -1.57 0.63
C LEU A 79 5.73 -2.90 0.26
N ASP A 80 6.28 -2.98 -0.94
CA ASP A 80 6.98 -4.17 -1.42
C ASP A 80 8.06 -4.59 -0.44
N ASP A 81 8.78 -3.62 0.07
CA ASP A 81 9.90 -3.86 0.97
C ASP A 81 9.45 -4.58 2.23
N ILE A 82 8.49 -4.01 2.94
CA ILE A 82 8.02 -4.57 4.19
C ILE A 82 7.21 -5.84 3.95
N VAL A 83 6.37 -5.83 2.94
CA VAL A 83 5.56 -7.00 2.64
C VAL A 83 6.44 -8.20 2.26
N SER A 84 7.64 -7.92 1.78
CA SER A 84 8.57 -8.97 1.44
C SER A 84 9.38 -9.43 2.68
N ARG A 85 9.56 -8.56 3.66
CA ARG A 85 10.27 -8.94 4.88
C ARG A 85 9.38 -9.80 5.78
N GLY A 86 8.09 -9.81 5.47
CA GLY A 86 7.16 -10.69 6.16
C GLY A 86 6.65 -11.83 5.28
N ARG A 87 6.37 -11.52 4.02
CA ARG A 87 5.83 -12.50 3.09
C ARG A 87 6.82 -12.75 1.95
N GLY A 88 8.07 -12.97 2.30
CA GLY A 88 9.07 -13.29 1.29
C GLY A 88 9.26 -14.79 1.18
N GLY A 89 8.16 -15.51 1.30
CA GLY A 89 8.19 -16.95 1.26
C GLY A 89 7.57 -17.55 2.50
N ILE A 1 -10.58 -9.16 -5.26
CA ILE A 1 -9.45 -9.91 -5.79
C ILE A 1 -8.13 -9.24 -5.40
N SER A 2 -8.24 -8.02 -4.86
CA SER A 2 -7.10 -7.21 -4.40
C SER A 2 -6.09 -6.99 -5.53
N SER A 3 -4.87 -6.60 -5.15
CA SER A 3 -3.83 -6.26 -6.09
C SER A 3 -4.24 -5.05 -6.94
N GLN A 4 -3.48 -4.78 -7.99
CA GLN A 4 -3.80 -3.68 -8.90
C GLN A 4 -5.11 -3.92 -9.64
N LEU A 5 -6.11 -3.14 -9.28
CA LEU A 5 -7.36 -3.12 -10.00
C LEU A 5 -7.24 -2.16 -11.16
N GLY A 6 -7.69 -2.58 -12.34
CA GLY A 6 -7.64 -1.72 -13.50
C GLY A 6 -9.01 -1.48 -14.10
N PRO A 7 -9.84 -0.61 -13.48
CA PRO A 7 -11.15 -0.25 -14.01
C PRO A 7 -11.06 0.80 -15.12
N ILE A 8 -10.48 1.95 -14.78
CA ILE A 8 -10.35 3.04 -15.73
C ILE A 8 -8.90 3.21 -16.16
N HIS A 9 -8.70 3.84 -17.30
CA HIS A 9 -7.37 4.02 -17.89
C HIS A 9 -6.68 5.35 -17.46
N PRO A 10 -7.45 6.43 -17.12
CA PRO A 10 -6.89 7.66 -16.51
C PRO A 10 -5.74 7.43 -15.50
N PRO A 11 -5.02 8.50 -15.15
CA PRO A 11 -3.89 8.45 -14.19
C PRO A 11 -4.16 7.62 -12.94
N PRO A 12 -3.09 7.08 -12.32
CA PRO A 12 -3.17 6.14 -11.17
C PRO A 12 -3.77 6.75 -9.90
N ARG A 13 -4.37 7.93 -10.04
CA ARG A 13 -5.06 8.57 -8.92
C ARG A 13 -6.27 7.72 -8.49
N THR A 14 -6.77 6.92 -9.42
CA THR A 14 -7.89 6.05 -9.12
C THR A 14 -7.91 4.81 -10.04
N SER A 15 -7.01 4.76 -11.02
CA SER A 15 -7.02 3.66 -11.97
C SER A 15 -6.37 2.42 -11.39
N MET A 16 -5.06 2.29 -11.61
CA MET A 16 -4.30 1.14 -11.12
C MET A 16 -4.16 1.18 -9.61
N THR A 17 -5.24 0.84 -8.93
CA THR A 17 -5.27 0.84 -7.48
C THR A 17 -4.72 -0.49 -6.99
N GLU A 18 -3.61 -0.44 -6.28
CA GLU A 18 -2.96 -1.65 -5.80
C GLU A 18 -3.46 -1.97 -4.41
N GLU A 19 -4.09 -3.11 -4.26
CA GLU A 19 -4.51 -3.55 -2.94
C GLU A 19 -3.47 -4.50 -2.42
N TYR A 20 -2.63 -4.02 -1.53
CA TYR A 20 -1.49 -4.78 -1.09
C TYR A 20 -1.82 -5.52 0.20
N ARG A 21 -1.70 -6.84 0.17
CA ARG A 21 -1.96 -7.66 1.33
C ARG A 21 -0.74 -7.67 2.24
N VAL A 22 -0.92 -7.28 3.48
CA VAL A 22 0.17 -7.14 4.43
C VAL A 22 -0.22 -7.73 5.79
N PRO A 23 0.58 -8.67 6.31
CA PRO A 23 0.26 -9.38 7.55
C PRO A 23 0.12 -8.46 8.77
N ASP A 24 -0.67 -8.88 9.74
CA ASP A 24 -1.02 -8.05 10.89
C ASP A 24 0.21 -7.42 11.56
N GLY A 25 1.20 -8.23 11.89
CA GLY A 25 2.39 -7.70 12.53
C GLY A 25 3.23 -6.88 11.57
N MET A 26 3.16 -7.21 10.30
CA MET A 26 3.99 -6.56 9.30
C MET A 26 3.42 -5.19 8.93
N VAL A 27 2.10 -5.03 9.06
CA VAL A 27 1.50 -3.72 8.87
C VAL A 27 1.79 -2.84 10.09
N GLY A 28 2.02 -3.48 11.23
CA GLY A 28 2.53 -2.76 12.38
C GLY A 28 3.95 -2.28 12.13
N LEU A 29 4.65 -2.97 11.24
CA LEU A 29 5.99 -2.57 10.85
C LEU A 29 5.99 -1.57 9.69
N ILE A 30 4.95 -1.56 8.86
CA ILE A 30 4.89 -0.60 7.76
C ILE A 30 4.65 0.79 8.33
N ILE A 31 3.91 0.83 9.44
CA ILE A 31 3.74 2.07 10.18
C ILE A 31 4.93 2.28 11.12
N GLY A 32 5.70 1.20 11.31
CA GLY A 32 6.96 1.25 12.02
C GLY A 32 6.85 1.83 13.41
N ARG A 33 7.09 3.13 13.51
CA ARG A 33 7.03 3.85 14.78
C ARG A 33 5.63 3.84 15.36
N GLY A 34 4.66 3.38 14.57
CA GLY A 34 3.32 3.20 15.07
C GLY A 34 2.27 3.90 14.22
N GLY A 35 2.70 4.47 13.10
CA GLY A 35 1.75 5.07 12.18
C GLY A 35 2.36 6.11 11.27
N GLU A 36 3.05 7.08 11.87
CA GLU A 36 3.61 8.23 11.15
C GLU A 36 4.52 7.81 9.98
N GLN A 37 5.05 6.59 10.02
CA GLN A 37 5.91 6.11 8.96
C GLN A 37 5.20 6.13 7.62
N ILE A 38 4.03 5.52 7.54
CA ILE A 38 3.30 5.47 6.30
C ILE A 38 2.85 6.87 5.90
N ASN A 39 2.51 7.68 6.89
CA ASN A 39 2.15 9.08 6.66
C ASN A 39 3.31 9.81 6.02
N LYS A 40 4.52 9.53 6.52
CA LYS A 40 5.74 10.05 5.93
C LYS A 40 5.86 9.57 4.49
N ILE A 41 5.84 8.27 4.30
CA ILE A 41 6.01 7.65 2.99
C ILE A 41 5.04 8.20 1.96
N GLN A 42 3.74 8.10 2.23
CA GLN A 42 2.73 8.42 1.24
C GLN A 42 2.67 9.90 0.94
N GLN A 43 2.91 10.74 1.94
CA GLN A 43 2.81 12.17 1.77
C GLN A 43 4.08 12.70 1.11
N ASP A 44 5.21 12.10 1.44
CA ASP A 44 6.50 12.49 0.90
C ASP A 44 6.57 12.16 -0.59
N SER A 45 5.81 11.16 -1.00
CA SER A 45 5.77 10.74 -2.40
C SER A 45 4.62 11.41 -3.16
N GLY A 46 3.46 11.51 -2.52
CA GLY A 46 2.31 12.15 -3.13
C GLY A 46 1.22 11.18 -3.50
N CYS A 47 1.29 10.01 -2.90
CA CYS A 47 0.29 8.99 -3.09
C CYS A 47 -0.77 9.02 -1.99
N LYS A 48 -1.91 8.40 -2.28
CA LYS A 48 -2.96 8.21 -1.30
C LYS A 48 -2.91 6.79 -0.78
N VAL A 49 -1.95 6.52 0.08
CA VAL A 49 -1.79 5.20 0.66
C VAL A 49 -2.61 5.09 1.93
N GLN A 50 -3.67 4.32 1.87
CA GLN A 50 -4.57 4.20 3.00
C GLN A 50 -4.54 2.80 3.60
N ILE A 51 -4.54 2.73 4.92
CA ILE A 51 -4.46 1.47 5.62
C ILE A 51 -5.87 0.97 5.95
N SER A 52 -6.24 -0.16 5.37
CA SER A 52 -7.55 -0.76 5.63
C SER A 52 -7.45 -1.81 6.73
N PRO A 53 -7.98 -1.48 7.93
CA PRO A 53 -7.91 -2.36 9.09
C PRO A 53 -8.95 -3.48 9.04
N ASP A 54 -10.07 -3.20 8.41
CA ASP A 54 -11.16 -4.17 8.32
C ASP A 54 -10.85 -5.20 7.24
N SER A 55 -10.37 -4.69 6.11
CA SER A 55 -9.87 -5.50 5.00
C SER A 55 -11.00 -6.27 4.31
N GLY A 56 -11.57 -7.25 5.01
CA GLY A 56 -12.67 -8.01 4.46
C GLY A 56 -12.27 -9.42 4.09
N GLY A 57 -11.76 -9.58 2.88
CA GLY A 57 -11.44 -10.90 2.36
C GLY A 57 -10.09 -11.40 2.80
N LEU A 58 -9.38 -10.59 3.57
CA LEU A 58 -8.02 -10.93 3.98
C LEU A 58 -7.94 -11.01 5.51
N PRO A 59 -7.28 -12.05 6.03
CA PRO A 59 -7.08 -12.21 7.48
C PRO A 59 -6.01 -11.25 7.98
N GLU A 60 -5.24 -10.76 7.02
CA GLU A 60 -4.19 -9.81 7.27
C GLU A 60 -4.74 -8.40 7.06
N ARG A 61 -3.85 -7.45 6.89
CA ARG A 61 -4.24 -6.09 6.65
C ARG A 61 -4.14 -5.80 5.16
N SER A 62 -4.87 -4.80 4.68
CA SER A 62 -4.80 -4.46 3.27
C SER A 62 -4.55 -2.97 3.10
N VAL A 63 -3.64 -2.64 2.19
CA VAL A 63 -3.29 -1.25 1.96
C VAL A 63 -3.63 -0.85 0.53
N SER A 64 -4.32 0.27 0.37
CA SER A 64 -4.66 0.75 -0.96
C SER A 64 -3.60 1.72 -1.47
N LEU A 65 -3.12 1.43 -2.66
CA LEU A 65 -2.11 2.23 -3.31
C LEU A 65 -2.70 3.02 -4.48
N THR A 66 -2.66 4.34 -4.38
CA THR A 66 -3.10 5.22 -5.44
C THR A 66 -2.32 6.53 -5.40
N GLY A 67 -2.23 7.23 -6.52
CA GLY A 67 -1.55 8.52 -6.53
C GLY A 67 -1.04 8.91 -7.90
N ALA A 68 0.02 9.69 -7.94
CA ALA A 68 0.64 10.07 -9.20
C ALA A 68 1.55 8.95 -9.69
N PRO A 69 1.88 8.89 -10.99
CA PRO A 69 2.72 7.82 -11.56
C PRO A 69 3.99 7.59 -10.75
N GLU A 70 4.71 8.67 -10.46
CA GLU A 70 5.93 8.61 -9.68
C GLU A 70 5.62 8.18 -8.25
N SER A 71 4.59 8.78 -7.69
CA SER A 71 4.22 8.55 -6.32
C SER A 71 3.84 7.10 -6.09
N VAL A 72 2.89 6.59 -6.89
CA VAL A 72 2.34 5.26 -6.65
C VAL A 72 3.40 4.18 -6.83
N GLN A 73 4.43 4.46 -7.62
CA GLN A 73 5.56 3.56 -7.73
C GLN A 73 6.38 3.60 -6.44
N LYS A 74 6.72 4.81 -6.02
CA LYS A 74 7.53 5.03 -4.82
C LYS A 74 6.86 4.40 -3.60
N ALA A 75 5.58 4.73 -3.41
CA ALA A 75 4.78 4.20 -2.31
C ALA A 75 4.82 2.68 -2.28
N LYS A 76 4.59 2.06 -3.43
CA LYS A 76 4.60 0.61 -3.53
C LYS A 76 5.99 0.05 -3.31
N MET A 77 7.03 0.86 -3.49
CA MET A 77 8.39 0.41 -3.22
C MET A 77 8.58 0.16 -1.73
N MET A 78 8.03 1.04 -0.90
CA MET A 78 8.02 0.80 0.54
C MET A 78 7.13 -0.39 0.89
N LEU A 79 5.94 -0.43 0.33
CA LEU A 79 4.98 -1.50 0.59
C LEU A 79 5.58 -2.86 0.22
N ASP A 80 6.01 -2.97 -1.02
CA ASP A 80 6.64 -4.19 -1.51
C ASP A 80 7.81 -4.57 -0.63
N ASP A 81 8.64 -3.59 -0.30
CA ASP A 81 9.83 -3.83 0.49
C ASP A 81 9.51 -4.55 1.79
N ILE A 82 8.58 -4.00 2.55
CA ILE A 82 8.25 -4.54 3.85
C ILE A 82 7.42 -5.82 3.75
N VAL A 83 6.43 -5.81 2.88
CA VAL A 83 5.57 -6.98 2.73
C VAL A 83 6.38 -8.17 2.25
N SER A 84 7.29 -7.93 1.33
CA SER A 84 8.12 -8.99 0.78
C SER A 84 9.15 -9.48 1.78
N ARG A 85 9.60 -8.63 2.70
CA ARG A 85 10.61 -9.03 3.66
C ARG A 85 10.03 -9.96 4.70
N GLY A 86 8.71 -9.91 4.88
CA GLY A 86 8.09 -10.85 5.81
C GLY A 86 6.58 -10.90 5.73
N ARG A 87 6.04 -11.32 4.59
CA ARG A 87 4.62 -11.58 4.52
C ARG A 87 4.32 -12.99 5.01
N GLY A 88 4.34 -13.16 6.32
CA GLY A 88 4.06 -14.46 6.90
C GLY A 88 3.70 -14.35 8.36
N GLY A 89 2.42 -14.50 8.66
CA GLY A 89 1.97 -14.43 10.04
C GLY A 89 0.63 -13.74 10.16
N ILE A 1 -9.18 -7.88 -3.92
CA ILE A 1 -8.57 -9.06 -3.35
C ILE A 1 -7.23 -9.33 -4.03
N SER A 2 -6.15 -9.00 -3.33
CA SER A 2 -4.78 -9.24 -3.81
C SER A 2 -4.47 -8.34 -5.01
N SER A 3 -3.90 -7.18 -4.71
CA SER A 3 -3.53 -6.21 -5.74
C SER A 3 -4.78 -5.73 -6.47
N GLN A 4 -4.59 -5.33 -7.73
CA GLN A 4 -5.67 -5.10 -8.69
C GLN A 4 -5.06 -4.70 -10.02
N LEU A 5 -5.13 -3.40 -10.32
CA LEU A 5 -4.54 -2.79 -11.51
C LEU A 5 -5.23 -1.47 -11.80
N GLY A 6 -6.34 -1.55 -12.52
CA GLY A 6 -7.08 -0.37 -12.88
C GLY A 6 -7.85 -0.58 -14.16
N PRO A 7 -9.19 -0.70 -14.08
CA PRO A 7 -10.04 -0.93 -15.24
C PRO A 7 -10.14 0.31 -16.13
N ILE A 8 -9.60 1.41 -15.65
CA ILE A 8 -9.62 2.67 -16.37
C ILE A 8 -8.20 3.06 -16.75
N HIS A 9 -8.02 3.64 -17.93
CA HIS A 9 -6.67 3.91 -18.46
C HIS A 9 -6.08 5.33 -18.14
N PRO A 10 -6.85 6.33 -17.62
CA PRO A 10 -6.28 7.65 -17.24
C PRO A 10 -5.12 7.56 -16.23
N PRO A 11 -4.59 8.69 -15.75
CA PRO A 11 -3.55 8.71 -14.71
C PRO A 11 -3.85 7.74 -13.56
N PRO A 12 -2.80 7.27 -12.87
CA PRO A 12 -2.88 6.24 -11.81
C PRO A 12 -3.65 6.66 -10.56
N ARG A 13 -4.67 7.48 -10.73
CA ARG A 13 -5.55 7.86 -9.63
C ARG A 13 -6.63 6.79 -9.44
N THR A 14 -6.45 5.71 -10.19
CA THR A 14 -7.31 4.54 -10.11
C THR A 14 -6.74 3.45 -11.04
N SER A 15 -5.86 3.87 -11.94
CA SER A 15 -5.26 2.98 -12.92
C SER A 15 -4.02 2.28 -12.37
N MET A 16 -3.80 2.41 -11.09
CA MET A 16 -2.68 1.75 -10.42
C MET A 16 -3.07 1.38 -9.02
N THR A 17 -4.34 1.09 -8.81
CA THR A 17 -4.81 0.74 -7.50
C THR A 17 -4.45 -0.70 -7.21
N GLU A 18 -3.58 -0.89 -6.24
CA GLU A 18 -3.21 -2.21 -5.79
C GLU A 18 -3.53 -2.33 -4.31
N GLU A 19 -4.41 -3.27 -3.96
CA GLU A 19 -4.69 -3.50 -2.57
C GLU A 19 -3.69 -4.52 -2.05
N TYR A 20 -2.81 -4.05 -1.20
CA TYR A 20 -1.63 -4.80 -0.86
C TYR A 20 -1.89 -5.71 0.32
N ARG A 21 -1.65 -7.00 0.12
CA ARG A 21 -1.85 -7.99 1.17
C ARG A 21 -0.67 -8.01 2.11
N VAL A 22 -0.86 -7.42 3.27
CA VAL A 22 0.19 -7.27 4.25
C VAL A 22 -0.21 -7.92 5.57
N PRO A 23 0.61 -8.85 6.07
CA PRO A 23 0.34 -9.56 7.32
C PRO A 23 0.18 -8.58 8.49
N ASP A 24 -0.65 -8.93 9.45
CA ASP A 24 -1.03 -8.00 10.51
C ASP A 24 0.18 -7.40 11.24
N GLY A 25 1.09 -8.25 11.70
CA GLY A 25 2.29 -7.75 12.35
C GLY A 25 3.17 -6.95 11.40
N MET A 26 3.03 -7.25 10.12
CA MET A 26 3.87 -6.65 9.11
C MET A 26 3.39 -5.24 8.77
N VAL A 27 2.09 -4.98 8.90
CA VAL A 27 1.60 -3.63 8.76
C VAL A 27 2.05 -2.80 9.96
N GLY A 28 2.27 -3.49 11.08
CA GLY A 28 2.91 -2.86 12.22
C GLY A 28 4.31 -2.42 11.88
N LEU A 29 4.96 -3.13 10.97
CA LEU A 29 6.30 -2.77 10.52
C LEU A 29 6.28 -1.71 9.41
N ILE A 30 5.24 -1.71 8.57
CA ILE A 30 5.18 -0.74 7.46
C ILE A 30 4.94 0.67 7.98
N ILE A 31 4.31 0.74 9.15
CA ILE A 31 4.14 2.02 9.82
C ILE A 31 5.40 2.40 10.59
N GLY A 32 6.28 1.42 10.77
CA GLY A 32 7.60 1.66 11.33
C GLY A 32 7.56 2.14 12.76
N ARG A 33 7.54 3.45 12.93
CA ARG A 33 7.51 4.09 14.23
C ARG A 33 6.11 4.05 14.84
N GLY A 34 5.30 3.12 14.36
CA GLY A 34 3.96 2.96 14.90
C GLY A 34 2.90 3.69 14.08
N GLY A 35 3.30 4.27 12.95
CA GLY A 35 2.33 4.91 12.08
C GLY A 35 2.92 6.00 11.22
N GLU A 36 3.74 6.86 11.83
CA GLU A 36 4.27 8.04 11.16
C GLU A 36 5.04 7.72 9.87
N GLN A 37 5.65 6.53 9.79
CA GLN A 37 6.49 6.21 8.65
C GLN A 37 5.69 6.20 7.35
N ILE A 38 4.59 5.45 7.31
CA ILE A 38 3.80 5.34 6.09
C ILE A 38 3.22 6.71 5.73
N ASN A 39 2.81 7.47 6.74
CA ASN A 39 2.28 8.80 6.52
C ASN A 39 3.36 9.68 5.90
N LYS A 40 4.57 9.56 6.43
CA LYS A 40 5.73 10.25 5.90
C LYS A 40 5.96 9.89 4.43
N ILE A 41 5.84 8.60 4.13
CA ILE A 41 6.09 8.10 2.79
C ILE A 41 5.02 8.56 1.80
N GLN A 42 3.77 8.34 2.16
CA GLN A 42 2.66 8.61 1.26
C GLN A 42 2.46 10.12 1.07
N GLN A 43 2.75 10.89 2.11
CA GLN A 43 2.62 12.34 2.05
C GLN A 43 3.75 12.95 1.24
N ASP A 44 4.95 12.39 1.41
CA ASP A 44 6.12 12.85 0.68
C ASP A 44 5.94 12.62 -0.82
N SER A 45 5.55 11.41 -1.19
CA SER A 45 5.40 11.05 -2.58
C SER A 45 4.18 11.75 -3.20
N GLY A 46 3.07 11.72 -2.48
CA GLY A 46 1.84 12.29 -3.00
C GLY A 46 0.81 11.22 -3.27
N CYS A 47 1.22 9.97 -3.07
CA CYS A 47 0.32 8.83 -3.25
C CYS A 47 -0.58 8.68 -2.03
N LYS A 48 -1.84 8.46 -2.28
CA LYS A 48 -2.83 8.35 -1.23
C LYS A 48 -2.87 6.94 -0.69
N VAL A 49 -1.86 6.61 0.08
CA VAL A 49 -1.75 5.30 0.68
C VAL A 49 -2.58 5.23 1.95
N GLN A 50 -3.60 4.39 1.92
CA GLN A 50 -4.51 4.25 3.04
C GLN A 50 -4.49 2.84 3.58
N ILE A 51 -4.32 2.75 4.89
CA ILE A 51 -4.26 1.46 5.54
C ILE A 51 -5.67 0.96 5.83
N SER A 52 -6.09 -0.07 5.10
CA SER A 52 -7.42 -0.63 5.23
C SER A 52 -7.48 -1.61 6.40
N PRO A 53 -8.21 -1.23 7.48
CA PRO A 53 -8.39 -2.07 8.65
C PRO A 53 -9.33 -3.23 8.37
N ASP A 54 -10.24 -3.02 7.44
CA ASP A 54 -11.17 -4.06 7.03
C ASP A 54 -10.79 -4.54 5.65
N SER A 55 -9.91 -5.53 5.61
CA SER A 55 -9.38 -6.03 4.36
C SER A 55 -10.46 -6.67 3.51
N GLY A 56 -11.36 -7.40 4.17
CA GLY A 56 -12.50 -7.98 3.49
C GLY A 56 -12.19 -9.29 2.81
N GLY A 57 -11.28 -9.26 1.86
CA GLY A 57 -10.88 -10.46 1.15
C GLY A 57 -9.68 -11.11 1.77
N LEU A 58 -9.25 -10.55 2.89
CA LEU A 58 -7.99 -10.94 3.51
C LEU A 58 -8.22 -11.30 4.97
N PRO A 59 -7.39 -12.19 5.53
CA PRO A 59 -7.39 -12.48 6.97
C PRO A 59 -6.41 -11.56 7.71
N GLU A 60 -5.70 -10.77 6.94
CA GLU A 60 -4.68 -9.88 7.47
C GLU A 60 -5.03 -8.43 7.14
N ARG A 61 -4.02 -7.59 7.04
CA ARG A 61 -4.27 -6.18 6.76
C ARG A 61 -4.21 -5.93 5.26
N SER A 62 -4.82 -4.86 4.81
CA SER A 62 -4.70 -4.48 3.42
C SER A 62 -4.36 -3.01 3.30
N VAL A 63 -3.71 -2.62 2.23
CA VAL A 63 -3.30 -1.24 2.03
C VAL A 63 -3.62 -0.80 0.61
N SER A 64 -4.24 0.36 0.46
CA SER A 64 -4.52 0.87 -0.87
C SER A 64 -3.39 1.73 -1.38
N LEU A 65 -2.93 1.39 -2.57
CA LEU A 65 -1.91 2.14 -3.25
C LEU A 65 -2.49 2.86 -4.48
N THR A 66 -2.64 4.18 -4.38
CA THR A 66 -3.13 4.97 -5.52
C THR A 66 -2.60 6.42 -5.47
N GLY A 67 -2.12 6.95 -6.60
CA GLY A 67 -1.60 8.30 -6.61
C GLY A 67 -1.07 8.72 -7.98
N ALA A 68 -0.04 9.55 -7.99
CA ALA A 68 0.58 9.98 -9.24
C ALA A 68 1.53 8.89 -9.74
N PRO A 69 1.89 8.90 -11.04
CA PRO A 69 2.70 7.84 -11.67
C PRO A 69 3.91 7.39 -10.84
N GLU A 70 4.78 8.33 -10.49
CA GLU A 70 5.96 7.99 -9.73
C GLU A 70 5.66 7.95 -8.22
N SER A 71 4.71 8.78 -7.81
CA SER A 71 4.31 8.82 -6.40
C SER A 71 3.74 7.48 -5.97
N VAL A 72 2.90 6.89 -6.82
CA VAL A 72 2.30 5.61 -6.53
C VAL A 72 3.36 4.52 -6.51
N GLN A 73 4.44 4.74 -7.26
CA GLN A 73 5.53 3.79 -7.32
C GLN A 73 6.34 3.86 -6.02
N LYS A 74 6.72 5.07 -5.63
CA LYS A 74 7.48 5.29 -4.40
C LYS A 74 6.75 4.66 -3.21
N ALA A 75 5.45 4.88 -3.17
CA ALA A 75 4.59 4.29 -2.15
C ALA A 75 4.71 2.77 -2.16
N LYS A 76 4.48 2.18 -3.33
CA LYS A 76 4.52 0.73 -3.47
C LYS A 76 5.91 0.17 -3.25
N MET A 77 6.94 1.00 -3.39
CA MET A 77 8.31 0.56 -3.15
C MET A 77 8.53 0.24 -1.67
N MET A 78 8.02 1.10 -0.79
CA MET A 78 8.10 0.83 0.65
C MET A 78 7.23 -0.38 1.01
N LEU A 79 6.13 -0.51 0.30
CA LEU A 79 5.21 -1.63 0.51
C LEU A 79 5.86 -2.94 0.08
N ASP A 80 6.43 -2.91 -1.11
CA ASP A 80 7.14 -4.05 -1.69
C ASP A 80 8.19 -4.57 -0.71
N ASP A 81 8.91 -3.64 -0.11
CA ASP A 81 9.98 -3.98 0.82
C ASP A 81 9.44 -4.67 2.07
N ILE A 82 8.57 -3.99 2.81
CA ILE A 82 8.07 -4.49 4.08
C ILE A 82 7.19 -5.73 3.88
N VAL A 83 6.36 -5.72 2.85
CA VAL A 83 5.50 -6.85 2.58
C VAL A 83 6.33 -8.05 2.14
N SER A 84 7.49 -7.82 1.56
CA SER A 84 8.39 -8.91 1.20
C SER A 84 9.03 -9.49 2.45
N ARG A 85 9.15 -8.67 3.50
CA ARG A 85 9.68 -9.14 4.78
C ARG A 85 8.76 -10.20 5.36
N GLY A 86 7.46 -9.96 5.25
CA GLY A 86 6.49 -10.91 5.76
C GLY A 86 6.12 -11.97 4.74
N ARG A 87 5.60 -11.53 3.60
CA ARG A 87 5.19 -12.41 2.52
C ARG A 87 6.36 -12.69 1.59
N GLY A 88 7.43 -13.22 2.15
CA GLY A 88 8.60 -13.54 1.37
C GLY A 88 9.73 -14.04 2.24
N GLY A 89 10.89 -13.40 2.11
CA GLY A 89 12.03 -13.77 2.91
C GLY A 89 13.00 -12.62 3.08
N ILE A 1 -11.49 -9.16 -5.75
CA ILE A 1 -11.19 -7.77 -6.11
C ILE A 1 -10.12 -7.22 -5.16
N SER A 2 -8.90 -7.66 -5.37
CA SER A 2 -7.77 -7.25 -4.57
C SER A 2 -6.48 -7.35 -5.39
N SER A 3 -5.34 -7.20 -4.72
CA SER A 3 -4.02 -7.30 -5.36
C SER A 3 -3.74 -6.06 -6.21
N GLN A 4 -4.45 -5.89 -7.31
CA GLN A 4 -4.23 -4.78 -8.22
C GLN A 4 -5.48 -4.49 -9.03
N LEU A 5 -5.71 -3.20 -9.27
CA LEU A 5 -6.84 -2.73 -10.04
C LEU A 5 -6.40 -1.67 -11.05
N GLY A 6 -6.22 -2.11 -12.28
CA GLY A 6 -5.94 -1.20 -13.37
C GLY A 6 -6.58 -1.68 -14.66
N PRO A 7 -7.92 -1.70 -14.73
CA PRO A 7 -8.64 -2.17 -15.90
C PRO A 7 -8.68 -1.12 -17.01
N ILE A 8 -8.28 0.09 -16.66
CA ILE A 8 -8.26 1.20 -17.62
C ILE A 8 -6.87 1.82 -17.66
N HIS A 9 -6.56 2.44 -18.79
CA HIS A 9 -5.22 2.96 -19.06
C HIS A 9 -4.98 4.42 -18.58
N PRO A 10 -6.03 5.29 -18.38
CA PRO A 10 -5.84 6.63 -17.82
C PRO A 10 -4.86 6.71 -16.63
N PRO A 11 -4.46 7.94 -16.22
CA PRO A 11 -3.55 8.16 -15.09
C PRO A 11 -3.80 7.26 -13.87
N PRO A 12 -2.77 7.06 -13.02
CA PRO A 12 -2.81 6.15 -11.87
C PRO A 12 -3.77 6.58 -10.75
N ARG A 13 -4.82 7.30 -11.13
CA ARG A 13 -5.90 7.65 -10.23
C ARG A 13 -6.74 6.42 -9.95
N THR A 14 -6.72 5.50 -10.91
CA THR A 14 -7.48 4.27 -10.82
C THR A 14 -6.87 3.21 -11.75
N SER A 15 -5.70 3.51 -12.29
CA SER A 15 -5.00 2.59 -13.18
C SER A 15 -3.90 1.86 -12.44
N MET A 16 -3.59 2.35 -11.26
CA MET A 16 -2.51 1.80 -10.47
C MET A 16 -2.94 1.60 -9.04
N THR A 17 -4.19 1.26 -8.85
CA THR A 17 -4.68 1.01 -7.51
C THR A 17 -4.24 -0.39 -7.11
N GLU A 18 -3.35 -0.47 -6.14
CA GLU A 18 -2.83 -1.75 -5.73
C GLU A 18 -3.34 -2.07 -4.33
N GLU A 19 -4.08 -3.15 -4.22
CA GLU A 19 -4.61 -3.54 -2.93
C GLU A 19 -3.69 -4.57 -2.32
N TYR A 20 -2.90 -4.12 -1.37
CA TYR A 20 -1.77 -4.89 -0.87
C TYR A 20 -2.15 -5.75 0.32
N ARG A 21 -2.00 -7.05 0.14
CA ARG A 21 -2.23 -8.01 1.21
C ARG A 21 -0.99 -8.09 2.09
N VAL A 22 -1.14 -7.67 3.34
CA VAL A 22 -0.02 -7.55 4.25
C VAL A 22 -0.37 -8.13 5.63
N PRO A 23 0.51 -8.97 6.18
CA PRO A 23 0.32 -9.55 7.52
C PRO A 23 0.29 -8.48 8.59
N ASP A 24 -0.51 -8.72 9.64
CA ASP A 24 -0.79 -7.72 10.67
C ASP A 24 0.48 -7.26 11.39
N GLY A 25 1.46 -8.14 11.50
CA GLY A 25 2.72 -7.75 12.11
C GLY A 25 3.54 -6.87 11.19
N MET A 26 3.42 -7.14 9.89
CA MET A 26 4.20 -6.42 8.90
C MET A 26 3.61 -5.04 8.64
N VAL A 27 2.30 -4.90 8.79
CA VAL A 27 1.69 -3.59 8.70
C VAL A 27 2.10 -2.76 9.92
N GLY A 28 2.30 -3.42 11.05
CA GLY A 28 2.86 -2.75 12.20
C GLY A 28 4.28 -2.29 11.93
N LEU A 29 4.96 -2.96 11.02
CA LEU A 29 6.31 -2.56 10.63
C LEU A 29 6.32 -1.57 9.47
N ILE A 30 5.25 -1.54 8.67
CA ILE A 30 5.17 -0.58 7.55
C ILE A 30 4.93 0.82 8.10
N ILE A 31 4.31 0.87 9.27
CA ILE A 31 4.17 2.12 10.00
C ILE A 31 5.41 2.37 10.86
N GLY A 32 6.21 1.32 11.02
CA GLY A 32 7.51 1.41 11.69
C GLY A 32 7.41 1.91 13.12
N ARG A 33 7.65 3.19 13.27
CA ARG A 33 7.58 3.86 14.57
C ARG A 33 6.20 3.73 15.19
N GLY A 34 5.20 3.48 14.35
CA GLY A 34 3.86 3.29 14.85
C GLY A 34 2.80 3.86 13.94
N GLY A 35 3.22 4.58 12.91
CA GLY A 35 2.26 5.10 11.95
C GLY A 35 2.85 6.14 11.02
N GLU A 36 3.55 7.11 11.59
CA GLU A 36 4.01 8.28 10.85
C GLU A 36 4.94 7.92 9.68
N GLN A 37 5.58 6.74 9.71
CA GLN A 37 6.50 6.36 8.65
C GLN A 37 5.79 6.32 7.30
N ILE A 38 4.71 5.55 7.22
CA ILE A 38 3.97 5.43 5.96
C ILE A 38 3.31 6.76 5.61
N ASN A 39 2.80 7.45 6.63
CA ASN A 39 2.15 8.74 6.45
C ASN A 39 3.14 9.74 5.86
N LYS A 40 4.39 9.64 6.29
CA LYS A 40 5.46 10.47 5.77
C LYS A 40 5.66 10.19 4.29
N ILE A 41 5.96 8.94 3.97
CA ILE A 41 6.29 8.55 2.60
C ILE A 41 5.14 8.82 1.62
N GLN A 42 3.90 8.54 2.02
CA GLN A 42 2.78 8.71 1.12
C GLN A 42 2.46 10.18 0.86
N GLN A 43 2.54 11.02 1.89
CA GLN A 43 2.30 12.43 1.73
C GLN A 43 3.47 13.11 1.04
N ASP A 44 4.64 12.54 1.26
CA ASP A 44 5.89 13.04 0.69
C ASP A 44 5.92 12.84 -0.81
N SER A 45 5.52 11.66 -1.24
CA SER A 45 5.50 11.33 -2.66
C SER A 45 4.26 11.92 -3.34
N GLY A 46 3.14 11.95 -2.61
CA GLY A 46 1.90 12.44 -3.18
C GLY A 46 0.92 11.31 -3.42
N CYS A 47 1.27 10.12 -2.96
CA CYS A 47 0.44 8.94 -3.14
C CYS A 47 -0.50 8.78 -1.96
N LYS A 48 -1.73 8.36 -2.24
CA LYS A 48 -2.71 8.17 -1.20
C LYS A 48 -2.71 6.72 -0.75
N VAL A 49 -1.87 6.43 0.23
CA VAL A 49 -1.74 5.09 0.77
C VAL A 49 -2.60 4.94 2.01
N GLN A 50 -3.70 4.23 1.87
CA GLN A 50 -4.66 4.10 2.95
C GLN A 50 -4.57 2.71 3.59
N ILE A 51 -4.23 2.68 4.87
CA ILE A 51 -4.16 1.43 5.61
C ILE A 51 -5.57 0.97 5.98
N SER A 52 -5.99 -0.17 5.46
CA SER A 52 -7.34 -0.66 5.72
C SER A 52 -7.32 -1.85 6.67
N PRO A 53 -7.87 -1.65 7.87
CA PRO A 53 -8.02 -2.70 8.86
C PRO A 53 -9.04 -3.75 8.40
N ASP A 54 -10.09 -3.29 7.74
CA ASP A 54 -11.06 -4.19 7.14
C ASP A 54 -10.51 -4.70 5.83
N SER A 55 -9.68 -5.73 5.93
CA SER A 55 -8.89 -6.20 4.81
C SER A 55 -9.73 -6.99 3.80
N GLY A 56 -11.03 -7.07 4.05
CA GLY A 56 -11.95 -7.60 3.06
C GLY A 56 -11.93 -9.11 2.99
N GLY A 57 -11.11 -9.64 2.09
CA GLY A 57 -10.98 -11.07 1.96
C GLY A 57 -9.84 -11.61 2.78
N LEU A 58 -9.02 -10.70 3.28
CA LEU A 58 -7.84 -11.06 4.06
C LEU A 58 -8.11 -10.82 5.54
N PRO A 59 -7.59 -11.71 6.41
CA PRO A 59 -7.75 -11.57 7.86
C PRO A 59 -6.63 -10.71 8.48
N GLU A 60 -5.54 -10.57 7.75
CA GLU A 60 -4.37 -9.88 8.26
C GLU A 60 -4.49 -8.37 8.09
N ARG A 61 -4.11 -7.85 6.93
CA ARG A 61 -4.27 -6.43 6.65
C ARG A 61 -4.22 -6.18 5.15
N SER A 62 -4.84 -5.10 4.70
CA SER A 62 -4.77 -4.73 3.31
C SER A 62 -4.61 -3.22 3.19
N VAL A 63 -3.84 -2.79 2.20
CA VAL A 63 -3.52 -1.38 2.03
C VAL A 63 -3.78 -0.94 0.60
N SER A 64 -4.42 0.20 0.41
CA SER A 64 -4.67 0.70 -0.91
C SER A 64 -3.57 1.64 -1.37
N LEU A 65 -3.04 1.35 -2.55
CA LEU A 65 -2.02 2.16 -3.17
C LEU A 65 -2.58 2.88 -4.39
N THR A 66 -2.68 4.21 -4.33
CA THR A 66 -3.14 5.00 -5.48
C THR A 66 -2.54 6.41 -5.46
N GLY A 67 -2.29 7.00 -6.63
CA GLY A 67 -1.74 8.35 -6.67
C GLY A 67 -1.23 8.76 -8.03
N ALA A 68 -0.01 9.31 -8.05
CA ALA A 68 0.62 9.76 -9.27
C ALA A 68 1.66 8.74 -9.73
N PRO A 69 2.11 8.80 -11.01
CA PRO A 69 3.03 7.79 -11.58
C PRO A 69 4.27 7.54 -10.71
N GLU A 70 4.92 8.60 -10.28
CA GLU A 70 6.12 8.47 -9.45
C GLU A 70 5.74 8.13 -8.00
N SER A 71 4.71 8.79 -7.50
CA SER A 71 4.32 8.65 -6.09
C SER A 71 3.87 7.24 -5.81
N VAL A 72 3.11 6.70 -6.73
CA VAL A 72 2.53 5.38 -6.59
C VAL A 72 3.62 4.31 -6.56
N GLN A 73 4.75 4.59 -7.17
CA GLN A 73 5.88 3.67 -7.16
C GLN A 73 6.69 3.83 -5.88
N LYS A 74 6.76 5.05 -5.36
CA LYS A 74 7.43 5.31 -4.10
C LYS A 74 6.66 4.64 -2.97
N ALA A 75 5.35 4.78 -3.03
CA ALA A 75 4.44 4.18 -2.06
C ALA A 75 4.60 2.65 -2.05
N LYS A 76 4.58 2.06 -3.23
CA LYS A 76 4.60 0.61 -3.35
C LYS A 76 6.02 0.11 -3.13
N MET A 77 6.98 1.00 -3.28
CA MET A 77 8.37 0.71 -2.97
C MET A 77 8.49 0.27 -1.51
N MET A 78 7.99 1.11 -0.60
CA MET A 78 8.01 0.80 0.83
C MET A 78 7.14 -0.42 1.12
N LEU A 79 6.03 -0.53 0.40
CA LEU A 79 5.08 -1.61 0.61
C LEU A 79 5.69 -2.95 0.26
N ASP A 80 6.16 -3.08 -0.98
CA ASP A 80 6.80 -4.31 -1.45
C ASP A 80 7.91 -4.73 -0.51
N ASP A 81 8.67 -3.76 -0.05
CA ASP A 81 9.80 -4.00 0.85
C ASP A 81 9.37 -4.81 2.06
N ILE A 82 8.44 -4.26 2.82
CA ILE A 82 8.02 -4.86 4.07
C ILE A 82 7.09 -6.04 3.84
N VAL A 83 6.14 -5.89 2.92
CA VAL A 83 5.19 -6.95 2.65
C VAL A 83 5.93 -8.19 2.18
N SER A 84 6.95 -8.02 1.36
CA SER A 84 7.71 -9.16 0.85
C SER A 84 8.52 -9.82 1.96
N ARG A 85 9.10 -9.00 2.84
CA ARG A 85 9.97 -9.55 3.89
C ARG A 85 9.15 -10.18 5.02
N GLY A 86 7.84 -10.01 4.97
CA GLY A 86 6.98 -10.67 5.93
C GLY A 86 5.95 -11.57 5.29
N ARG A 87 5.98 -11.63 3.96
CA ARG A 87 5.03 -12.41 3.19
C ARG A 87 5.55 -12.62 1.77
N GLY A 88 6.09 -13.79 1.51
CA GLY A 88 6.61 -14.08 0.20
C GLY A 88 8.02 -13.53 0.02
N GLY A 89 8.96 -14.13 0.74
CA GLY A 89 10.34 -13.70 0.65
C GLY A 89 11.29 -14.86 0.83
N ILE A 1 -10.08 -7.82 -7.89
CA ILE A 1 -10.35 -7.20 -6.60
C ILE A 1 -9.04 -6.97 -5.86
N SER A 2 -8.48 -8.05 -5.33
CA SER A 2 -7.22 -7.99 -4.61
C SER A 2 -6.06 -7.96 -5.58
N SER A 3 -4.87 -7.63 -5.06
CA SER A 3 -3.64 -7.56 -5.85
C SER A 3 -3.62 -6.31 -6.72
N GLN A 4 -4.49 -6.25 -7.73
CA GLN A 4 -4.50 -5.13 -8.66
C GLN A 4 -5.90 -4.85 -9.19
N LEU A 5 -6.24 -3.57 -9.23
CA LEU A 5 -7.49 -3.10 -9.79
C LEU A 5 -7.17 -2.25 -11.01
N GLY A 6 -7.92 -2.44 -12.09
CA GLY A 6 -7.72 -1.63 -13.27
C GLY A 6 -8.95 -1.55 -14.15
N PRO A 7 -10.05 -0.96 -13.66
CA PRO A 7 -11.28 -0.85 -14.43
C PRO A 7 -11.30 0.39 -15.30
N ILE A 8 -10.46 1.35 -14.96
CA ILE A 8 -10.39 2.62 -15.68
C ILE A 8 -8.94 2.88 -16.09
N HIS A 9 -8.73 3.37 -17.30
CA HIS A 9 -7.39 3.52 -17.86
C HIS A 9 -6.71 4.90 -17.61
N PRO A 10 -7.41 5.99 -17.22
CA PRO A 10 -6.78 7.30 -16.94
C PRO A 10 -5.66 7.21 -15.88
N PRO A 11 -4.99 8.34 -15.56
CA PRO A 11 -3.91 8.39 -14.55
C PRO A 11 -4.20 7.54 -13.30
N PRO A 12 -3.12 7.08 -12.62
CA PRO A 12 -3.21 6.19 -11.46
C PRO A 12 -3.75 6.87 -10.20
N ARG A 13 -4.68 7.78 -10.40
CA ARG A 13 -5.36 8.46 -9.31
C ARG A 13 -6.52 7.62 -8.83
N THR A 14 -6.94 6.72 -9.71
CA THR A 14 -8.04 5.80 -9.42
C THR A 14 -8.03 4.67 -10.45
N SER A 15 -6.87 4.44 -11.05
CA SER A 15 -6.73 3.45 -12.09
C SER A 15 -6.11 2.17 -11.55
N MET A 16 -4.80 2.10 -11.60
CA MET A 16 -4.08 0.93 -11.13
C MET A 16 -3.97 0.93 -9.60
N THR A 17 -5.04 0.54 -8.94
CA THR A 17 -5.02 0.41 -7.50
C THR A 17 -4.48 -0.96 -7.13
N GLU A 18 -3.34 -0.99 -6.48
CA GLU A 18 -2.76 -2.26 -6.08
C GLU A 18 -3.19 -2.57 -4.65
N GLU A 19 -3.92 -3.66 -4.47
CA GLU A 19 -4.38 -4.02 -3.15
C GLU A 19 -3.39 -4.96 -2.51
N TYR A 20 -2.65 -4.42 -1.56
CA TYR A 20 -1.54 -5.10 -0.93
C TYR A 20 -2.00 -5.85 0.31
N ARG A 21 -1.78 -7.17 0.30
CA ARG A 21 -2.08 -7.98 1.46
C ARG A 21 -0.89 -7.99 2.40
N VAL A 22 -0.99 -7.21 3.45
CA VAL A 22 0.10 -7.07 4.40
C VAL A 22 -0.32 -7.58 5.77
N PRO A 23 0.51 -8.46 6.34
CA PRO A 23 0.26 -9.07 7.65
C PRO A 23 0.08 -8.03 8.76
N ASP A 24 -0.70 -8.38 9.76
CA ASP A 24 -1.04 -7.46 10.85
C ASP A 24 0.21 -6.92 11.56
N GLY A 25 1.15 -7.80 11.85
CA GLY A 25 2.40 -7.36 12.47
C GLY A 25 3.29 -6.64 11.48
N MET A 26 3.17 -7.01 10.22
CA MET A 26 4.03 -6.47 9.18
C MET A 26 3.56 -5.08 8.77
N VAL A 27 2.27 -4.80 8.90
CA VAL A 27 1.77 -3.45 8.68
C VAL A 27 2.16 -2.59 9.88
N GLY A 28 2.35 -3.23 11.03
CA GLY A 28 2.96 -2.55 12.15
C GLY A 28 4.34 -2.04 11.79
N LEU A 29 5.02 -2.77 10.92
CA LEU A 29 6.29 -2.31 10.36
C LEU A 29 6.10 -1.34 9.20
N ILE A 30 4.93 -1.37 8.56
CA ILE A 30 4.59 -0.40 7.52
C ILE A 30 4.58 0.99 8.13
N ILE A 31 3.96 1.07 9.28
CA ILE A 31 3.94 2.28 10.06
C ILE A 31 5.23 2.43 10.86
N GLY A 32 5.97 1.32 10.97
CA GLY A 32 7.31 1.31 11.53
C GLY A 32 7.39 1.80 12.95
N ARG A 33 7.56 3.11 13.09
CA ARG A 33 7.70 3.75 14.40
C ARG A 33 6.34 3.81 15.11
N GLY A 34 5.32 3.28 14.46
CA GLY A 34 4.01 3.18 15.09
C GLY A 34 2.93 3.88 14.31
N GLY A 35 3.31 4.58 13.25
CA GLY A 35 2.32 5.25 12.43
C GLY A 35 2.92 6.35 11.58
N GLU A 36 3.83 7.11 12.17
CA GLU A 36 4.43 8.27 11.50
C GLU A 36 5.13 7.85 10.21
N GLN A 37 5.75 6.67 10.20
CA GLN A 37 6.60 6.26 9.08
C GLN A 37 5.82 6.25 7.78
N ILE A 38 4.62 5.65 7.80
CA ILE A 38 3.83 5.58 6.59
C ILE A 38 3.35 6.97 6.19
N ASN A 39 3.03 7.82 7.17
CA ASN A 39 2.61 9.18 6.87
C ASN A 39 3.76 9.90 6.19
N LYS A 40 4.95 9.61 6.67
CA LYS A 40 6.18 10.18 6.14
C LYS A 40 6.37 9.77 4.67
N ILE A 41 6.32 8.47 4.41
CA ILE A 41 6.47 7.94 3.06
C ILE A 41 5.33 8.39 2.15
N GLN A 42 4.12 8.28 2.66
CA GLN A 42 2.92 8.68 1.94
C GLN A 42 2.99 10.15 1.53
N GLN A 43 3.41 10.97 2.48
CA GLN A 43 3.52 12.42 2.27
C GLN A 43 4.68 12.71 1.31
N ASP A 44 5.79 12.01 1.51
CA ASP A 44 6.96 12.12 0.65
C ASP A 44 6.63 11.80 -0.79
N SER A 45 5.90 10.72 -1.00
CA SER A 45 5.57 10.28 -2.34
C SER A 45 4.43 11.10 -2.94
N GLY A 46 3.38 11.28 -2.17
CA GLY A 46 2.21 11.97 -2.66
C GLY A 46 1.12 10.99 -3.04
N CYS A 47 1.38 9.72 -2.75
CA CYS A 47 0.43 8.67 -3.05
C CYS A 47 -0.60 8.54 -1.93
N LYS A 48 -1.82 8.25 -2.33
CA LYS A 48 -2.93 8.11 -1.40
C LYS A 48 -3.02 6.66 -0.94
N VAL A 49 -2.14 6.30 -0.02
CA VAL A 49 -2.05 4.93 0.45
C VAL A 49 -3.10 4.68 1.52
N GLN A 50 -4.11 3.91 1.16
CA GLN A 50 -5.21 3.65 2.08
C GLN A 50 -4.92 2.41 2.92
N ILE A 51 -4.62 2.63 4.19
CA ILE A 51 -4.38 1.54 5.12
C ILE A 51 -5.70 1.11 5.74
N SER A 52 -6.34 0.12 5.15
CA SER A 52 -7.63 -0.36 5.66
C SER A 52 -7.43 -1.50 6.65
N PRO A 53 -7.62 -1.21 7.96
CA PRO A 53 -7.40 -2.18 9.03
C PRO A 53 -8.48 -3.25 9.08
N ASP A 54 -9.71 -2.87 8.74
CA ASP A 54 -10.83 -3.80 8.70
C ASP A 54 -10.82 -4.61 7.41
N SER A 55 -9.98 -4.17 6.47
CA SER A 55 -9.73 -4.84 5.18
C SER A 55 -11.02 -5.26 4.45
N GLY A 56 -11.54 -6.43 4.79
CA GLY A 56 -12.72 -6.93 4.11
C GLY A 56 -12.47 -8.29 3.47
N GLY A 57 -11.77 -8.28 2.35
CA GLY A 57 -11.42 -9.53 1.68
C GLY A 57 -10.22 -10.18 2.31
N LEU A 58 -9.69 -9.54 3.35
CA LEU A 58 -8.42 -9.92 3.92
C LEU A 58 -8.54 -10.14 5.43
N PRO A 59 -7.78 -11.10 5.98
CA PRO A 59 -7.76 -11.37 7.42
C PRO A 59 -6.74 -10.49 8.16
N GLU A 60 -5.84 -9.86 7.42
CA GLU A 60 -4.82 -9.03 8.00
C GLU A 60 -5.06 -7.56 7.66
N ARG A 61 -4.31 -7.03 6.72
CA ARG A 61 -4.40 -5.63 6.39
C ARG A 61 -4.41 -5.44 4.88
N SER A 62 -5.36 -4.67 4.39
CA SER A 62 -5.43 -4.39 2.97
C SER A 62 -5.03 -2.96 2.70
N VAL A 63 -3.90 -2.79 2.03
CA VAL A 63 -3.39 -1.47 1.71
C VAL A 63 -3.64 -1.16 0.26
N SER A 64 -4.40 -0.11 0.01
CA SER A 64 -4.65 0.30 -1.36
C SER A 64 -3.58 1.27 -1.83
N LEU A 65 -2.98 0.93 -2.94
CA LEU A 65 -1.97 1.77 -3.55
C LEU A 65 -2.56 2.53 -4.73
N THR A 66 -2.81 3.82 -4.54
CA THR A 66 -3.28 4.68 -5.61
C THR A 66 -2.84 6.12 -5.36
N GLY A 67 -2.59 6.88 -6.41
CA GLY A 67 -2.17 8.27 -6.23
C GLY A 67 -1.77 8.95 -7.52
N ALA A 68 -0.48 8.92 -7.82
CA ALA A 68 0.05 9.57 -9.01
C ALA A 68 1.17 8.72 -9.59
N PRO A 69 1.55 8.93 -10.87
CA PRO A 69 2.55 8.10 -11.56
C PRO A 69 3.81 7.83 -10.74
N GLU A 70 4.46 8.90 -10.28
CA GLU A 70 5.69 8.76 -9.52
C GLU A 70 5.37 8.50 -8.05
N SER A 71 4.27 9.08 -7.59
CA SER A 71 3.86 8.98 -6.19
C SER A 71 3.53 7.54 -5.82
N VAL A 72 2.78 6.88 -6.68
CA VAL A 72 2.31 5.53 -6.40
C VAL A 72 3.46 4.54 -6.44
N GLN A 73 4.50 4.87 -7.20
CA GLN A 73 5.67 4.00 -7.30
C GLN A 73 6.46 4.02 -5.99
N LYS A 74 6.64 5.21 -5.43
CA LYS A 74 7.37 5.36 -4.18
C LYS A 74 6.61 4.70 -3.02
N ALA A 75 5.31 4.93 -2.99
CA ALA A 75 4.45 4.29 -2.01
C ALA A 75 4.63 2.78 -2.05
N LYS A 76 4.56 2.23 -3.27
CA LYS A 76 4.66 0.80 -3.48
C LYS A 76 6.07 0.27 -3.22
N MET A 77 7.09 1.10 -3.37
CA MET A 77 8.46 0.63 -3.19
C MET A 77 8.72 0.32 -1.71
N MET A 78 8.03 1.05 -0.83
CA MET A 78 8.09 0.72 0.60
C MET A 78 7.20 -0.47 0.92
N LEU A 79 6.07 -0.56 0.23
CA LEU A 79 5.13 -1.67 0.40
C LEU A 79 5.78 -2.98 -0.01
N ASP A 80 6.37 -3.00 -1.19
CA ASP A 80 7.08 -4.15 -1.71
C ASP A 80 8.18 -4.56 -0.74
N ASP A 81 8.90 -3.56 -0.25
CA ASP A 81 9.99 -3.76 0.68
C ASP A 81 9.55 -4.55 1.91
N ILE A 82 8.58 -3.99 2.62
CA ILE A 82 8.11 -4.57 3.87
C ILE A 82 7.29 -5.84 3.65
N VAL A 83 6.38 -5.81 2.69
CA VAL A 83 5.50 -6.94 2.46
C VAL A 83 6.28 -8.15 1.94
N SER A 84 7.39 -7.90 1.24
CA SER A 84 8.25 -8.99 0.80
C SER A 84 8.95 -9.61 2.02
N ARG A 85 9.42 -8.77 2.94
CA ARG A 85 10.08 -9.26 4.15
C ARG A 85 9.06 -9.88 5.11
N GLY A 86 7.79 -9.63 4.85
CA GLY A 86 6.74 -10.16 5.69
C GLY A 86 6.15 -11.44 5.15
N ARG A 87 5.97 -11.52 3.84
CA ARG A 87 5.38 -12.70 3.22
C ARG A 87 5.77 -12.82 1.75
N GLY A 88 5.65 -11.73 1.02
CA GLY A 88 5.89 -11.75 -0.41
C GLY A 88 4.65 -11.39 -1.20
N GLY A 89 3.51 -11.88 -0.73
CA GLY A 89 2.24 -11.57 -1.36
C GLY A 89 1.10 -12.24 -0.66
N ILE A 1 -4.61 -13.23 -7.60
CA ILE A 1 -5.27 -11.93 -7.56
C ILE A 1 -4.90 -11.22 -6.27
N SER A 2 -3.70 -10.66 -6.25
CA SER A 2 -3.22 -9.91 -5.11
C SER A 2 -2.59 -8.60 -5.59
N SER A 3 -3.06 -7.50 -5.02
CA SER A 3 -2.54 -6.16 -5.31
C SER A 3 -2.98 -5.66 -6.68
N GLN A 4 -3.67 -6.51 -7.42
CA GLN A 4 -4.00 -6.21 -8.80
C GLN A 4 -5.40 -5.62 -8.94
N LEU A 5 -5.47 -4.30 -8.99
CA LEU A 5 -6.73 -3.62 -9.30
C LEU A 5 -6.53 -2.70 -10.50
N GLY A 6 -6.81 -3.22 -11.68
CA GLY A 6 -6.69 -2.43 -12.89
C GLY A 6 -7.99 -2.37 -13.66
N PRO A 7 -8.99 -1.61 -13.18
CA PRO A 7 -10.29 -1.49 -13.82
C PRO A 7 -10.30 -0.44 -14.92
N ILE A 8 -10.07 0.81 -14.55
CA ILE A 8 -10.11 1.92 -15.49
C ILE A 8 -8.68 2.29 -15.92
N HIS A 9 -8.56 2.88 -17.10
CA HIS A 9 -7.23 3.14 -17.69
C HIS A 9 -6.61 4.52 -17.36
N PRO A 10 -7.39 5.56 -16.95
CA PRO A 10 -6.84 6.83 -16.44
C PRO A 10 -5.61 6.67 -15.51
N PRO A 11 -4.96 7.80 -15.14
CA PRO A 11 -3.82 7.81 -14.21
C PRO A 11 -4.07 7.00 -12.93
N PRO A 12 -2.98 6.54 -12.27
CA PRO A 12 -3.03 5.67 -11.08
C PRO A 12 -3.66 6.32 -9.85
N ARG A 13 -4.29 7.47 -10.04
CA ARG A 13 -4.94 8.19 -8.95
C ARG A 13 -6.08 7.35 -8.38
N THR A 14 -6.59 6.43 -9.19
CA THR A 14 -7.69 5.57 -8.79
C THR A 14 -7.72 4.31 -9.64
N SER A 15 -6.94 4.30 -10.72
CA SER A 15 -6.98 3.20 -11.67
C SER A 15 -6.20 2.00 -11.20
N MET A 16 -4.89 2.00 -11.42
CA MET A 16 -4.05 0.89 -11.02
C MET A 16 -3.85 0.91 -9.51
N THR A 17 -4.89 0.55 -8.80
CA THR A 17 -4.83 0.49 -7.36
C THR A 17 -4.16 -0.79 -6.94
N GLU A 18 -3.21 -0.69 -6.05
CA GLU A 18 -2.58 -1.88 -5.54
C GLU A 18 -3.30 -2.26 -4.25
N GLU A 19 -3.91 -3.43 -4.24
CA GLU A 19 -4.55 -3.91 -3.03
C GLU A 19 -3.61 -4.90 -2.36
N TYR A 20 -2.85 -4.41 -1.41
CA TYR A 20 -1.74 -5.18 -0.89
C TYR A 20 -2.15 -6.00 0.31
N ARG A 21 -2.07 -7.32 0.14
CA ARG A 21 -2.36 -8.25 1.21
C ARG A 21 -1.14 -8.40 2.10
N VAL A 22 -1.22 -7.76 3.25
CA VAL A 22 -0.10 -7.71 4.16
C VAL A 22 -0.48 -8.28 5.53
N PRO A 23 0.36 -9.18 6.07
CA PRO A 23 0.17 -9.73 7.41
C PRO A 23 0.25 -8.64 8.45
N ASP A 24 -0.68 -8.70 9.40
CA ASP A 24 -0.92 -7.61 10.37
C ASP A 24 0.35 -7.16 11.09
N GLY A 25 1.24 -8.10 11.40
CA GLY A 25 2.48 -7.77 12.07
C GLY A 25 3.38 -6.92 11.21
N MET A 26 3.35 -7.16 9.91
CA MET A 26 4.18 -6.43 8.97
C MET A 26 3.57 -5.06 8.71
N VAL A 27 2.32 -4.91 9.13
CA VAL A 27 1.66 -3.62 9.08
C VAL A 27 2.20 -2.72 10.18
N GLY A 28 2.42 -3.30 11.35
CA GLY A 28 3.06 -2.57 12.42
C GLY A 28 4.47 -2.18 12.05
N LEU A 29 5.09 -2.97 11.19
CA LEU A 29 6.44 -2.68 10.72
C LEU A 29 6.45 -1.73 9.52
N ILE A 30 5.37 -1.70 8.74
CA ILE A 30 5.30 -0.81 7.58
C ILE A 30 5.11 0.63 8.05
N ILE A 31 4.53 0.78 9.23
CA ILE A 31 4.45 2.07 9.87
C ILE A 31 5.68 2.29 10.75
N GLY A 32 6.39 1.19 11.01
CA GLY A 32 7.66 1.22 11.71
C GLY A 32 7.54 1.70 13.14
N ARG A 33 7.59 3.01 13.31
CA ARG A 33 7.54 3.63 14.62
C ARG A 33 6.12 3.70 15.15
N GLY A 34 5.18 3.22 14.35
CA GLY A 34 3.81 3.12 14.80
C GLY A 34 2.82 3.90 13.97
N GLY A 35 3.29 4.53 12.90
CA GLY A 35 2.38 5.22 12.01
C GLY A 35 3.07 6.23 11.11
N GLU A 36 3.89 7.07 11.70
CA GLU A 36 4.56 8.17 10.99
C GLU A 36 5.14 7.75 9.64
N GLN A 37 5.80 6.58 9.61
CA GLN A 37 6.63 6.22 8.47
C GLN A 37 5.82 6.21 7.17
N ILE A 38 4.65 5.59 7.19
CA ILE A 38 3.85 5.52 5.98
C ILE A 38 3.39 6.91 5.55
N ASN A 39 2.74 7.64 6.46
CA ASN A 39 2.20 8.95 6.15
C ASN A 39 3.30 9.87 5.63
N LYS A 40 4.46 9.80 6.27
CA LYS A 40 5.60 10.61 5.90
C LYS A 40 6.00 10.36 4.44
N ILE A 41 6.10 9.10 4.06
CA ILE A 41 6.53 8.73 2.72
C ILE A 41 5.43 8.96 1.67
N GLN A 42 4.20 8.54 1.98
CA GLN A 42 3.10 8.66 1.02
C GLN A 42 2.71 10.11 0.80
N GLN A 43 2.62 10.89 1.87
CA GLN A 43 2.21 12.28 1.77
C GLN A 43 3.30 13.11 1.09
N ASP A 44 4.54 12.78 1.38
CA ASP A 44 5.69 13.46 0.78
C ASP A 44 5.69 13.30 -0.74
N SER A 45 5.54 12.05 -1.18
CA SER A 45 5.58 11.75 -2.60
C SER A 45 4.32 12.22 -3.32
N GLY A 46 3.20 12.19 -2.62
CA GLY A 46 1.93 12.58 -3.22
C GLY A 46 1.03 11.39 -3.45
N CYS A 47 1.44 10.25 -2.92
CA CYS A 47 0.68 9.02 -3.05
C CYS A 47 -0.46 9.01 -2.04
N LYS A 48 -1.52 8.30 -2.39
CA LYS A 48 -2.70 8.18 -1.55
C LYS A 48 -2.76 6.77 -0.98
N VAL A 49 -2.09 6.56 0.13
CA VAL A 49 -1.99 5.23 0.72
C VAL A 49 -2.91 5.10 1.92
N GLN A 50 -3.93 4.28 1.78
CA GLN A 50 -4.88 4.07 2.86
C GLN A 50 -4.69 2.69 3.46
N ILE A 51 -4.30 2.66 4.72
CA ILE A 51 -4.16 1.41 5.46
C ILE A 51 -5.52 0.96 5.98
N SER A 52 -6.20 0.11 5.23
CA SER A 52 -7.52 -0.37 5.61
C SER A 52 -7.42 -1.46 6.67
N PRO A 53 -7.92 -1.16 7.88
CA PRO A 53 -7.87 -2.06 9.03
C PRO A 53 -8.87 -3.20 8.89
N ASP A 54 -10.05 -2.88 8.41
CA ASP A 54 -11.05 -3.91 8.12
C ASP A 54 -10.99 -4.24 6.65
N SER A 55 -10.01 -5.04 6.29
CA SER A 55 -9.75 -5.39 4.90
C SER A 55 -10.93 -6.14 4.27
N GLY A 56 -11.69 -6.83 5.10
CA GLY A 56 -12.86 -7.55 4.61
C GLY A 56 -12.49 -8.81 3.87
N GLY A 57 -11.96 -8.65 2.67
CA GLY A 57 -11.51 -9.78 1.88
C GLY A 57 -10.26 -10.41 2.47
N LEU A 58 -9.63 -9.68 3.38
CA LEU A 58 -8.42 -10.15 4.04
C LEU A 58 -8.61 -10.13 5.55
N PRO A 59 -8.13 -11.17 6.25
CA PRO A 59 -8.18 -11.24 7.72
C PRO A 59 -7.03 -10.48 8.35
N GLU A 60 -6.10 -10.08 7.51
CA GLU A 60 -4.87 -9.45 7.96
C GLU A 60 -4.92 -7.94 7.79
N ARG A 61 -4.42 -7.43 6.68
CA ARG A 61 -4.52 -6.01 6.38
C ARG A 61 -4.57 -5.79 4.89
N SER A 62 -5.26 -4.75 4.46
CA SER A 62 -5.28 -4.38 3.06
C SER A 62 -4.80 -2.95 2.88
N VAL A 63 -3.64 -2.80 2.25
CA VAL A 63 -3.09 -1.48 2.01
C VAL A 63 -3.40 -1.06 0.59
N SER A 64 -4.18 0.00 0.46
CA SER A 64 -4.49 0.51 -0.86
C SER A 64 -3.42 1.47 -1.33
N LEU A 65 -2.97 1.27 -2.54
CA LEU A 65 -1.94 2.10 -3.10
C LEU A 65 -2.42 2.79 -4.37
N THR A 66 -2.46 4.11 -4.32
CA THR A 66 -2.97 4.93 -5.40
C THR A 66 -2.29 6.30 -5.41
N GLY A 67 -2.26 6.97 -6.55
CA GLY A 67 -1.71 8.31 -6.58
C GLY A 67 -1.12 8.66 -7.93
N ALA A 68 -0.12 9.52 -7.95
CA ALA A 68 0.56 9.87 -9.18
C ALA A 68 1.55 8.77 -9.55
N PRO A 69 1.84 8.60 -10.85
CA PRO A 69 2.71 7.52 -11.34
C PRO A 69 3.97 7.32 -10.50
N GLU A 70 4.69 8.41 -10.25
CA GLU A 70 5.93 8.36 -9.49
C GLU A 70 5.65 8.23 -8.00
N SER A 71 4.56 8.85 -7.56
CA SER A 71 4.19 8.86 -6.16
C SER A 71 3.74 7.48 -5.72
N VAL A 72 2.97 6.81 -6.57
CA VAL A 72 2.43 5.51 -6.25
C VAL A 72 3.56 4.48 -6.20
N GLN A 73 4.59 4.67 -7.02
CA GLN A 73 5.72 3.75 -7.03
C GLN A 73 6.49 3.88 -5.72
N LYS A 74 6.69 5.12 -5.26
CA LYS A 74 7.40 5.37 -4.00
C LYS A 74 6.73 4.63 -2.84
N ALA A 75 5.41 4.72 -2.79
CA ALA A 75 4.64 4.07 -1.75
C ALA A 75 4.72 2.55 -1.84
N LYS A 76 4.75 2.05 -3.06
CA LYS A 76 4.70 0.61 -3.28
C LYS A 76 6.08 0.04 -3.12
N MET A 77 7.05 0.91 -3.27
CA MET A 77 8.43 0.60 -3.00
C MET A 77 8.60 0.20 -1.54
N MET A 78 8.06 1.04 -0.65
CA MET A 78 8.08 0.73 0.78
C MET A 78 7.19 -0.47 1.09
N LEU A 79 6.05 -0.52 0.44
CA LEU A 79 5.08 -1.60 0.65
C LEU A 79 5.67 -2.94 0.27
N ASP A 80 6.07 -3.07 -0.97
CA ASP A 80 6.63 -4.31 -1.49
C ASP A 80 7.78 -4.76 -0.61
N ASP A 81 8.59 -3.80 -0.19
CA ASP A 81 9.77 -4.07 0.62
C ASP A 81 9.42 -4.80 1.92
N ILE A 82 8.51 -4.23 2.71
CA ILE A 82 8.19 -4.80 4.01
C ILE A 82 7.20 -5.96 3.88
N VAL A 83 6.24 -5.84 2.98
CA VAL A 83 5.29 -6.91 2.78
C VAL A 83 6.02 -8.16 2.35
N SER A 84 6.87 -8.04 1.34
CA SER A 84 7.61 -9.17 0.81
C SER A 84 8.44 -9.83 1.91
N ARG A 85 9.18 -9.01 2.66
CA ARG A 85 10.09 -9.54 3.68
C ARG A 85 9.33 -10.30 4.77
N GLY A 86 8.04 -10.02 4.92
CA GLY A 86 7.25 -10.73 5.92
C GLY A 86 6.12 -11.54 5.33
N ARG A 87 6.12 -11.73 4.01
CA ARG A 87 5.05 -12.47 3.34
C ARG A 87 5.59 -13.57 2.44
N GLY A 88 6.59 -13.25 1.62
CA GLY A 88 7.05 -14.20 0.64
C GLY A 88 8.56 -14.31 0.55
N GLY A 89 9.24 -13.18 0.69
CA GLY A 89 10.69 -13.17 0.57
C GLY A 89 11.15 -12.14 -0.44
N ILE A 1 -11.39 -9.66 -4.95
CA ILE A 1 -10.21 -9.34 -5.73
C ILE A 1 -9.35 -8.33 -5.00
N SER A 2 -8.05 -8.38 -5.24
CA SER A 2 -7.13 -7.50 -4.55
C SER A 2 -5.94 -7.17 -5.44
N SER A 3 -4.93 -6.54 -4.86
CA SER A 3 -3.71 -6.15 -5.57
C SER A 3 -4.05 -5.11 -6.65
N GLN A 4 -3.22 -5.03 -7.67
CA GLN A 4 -3.43 -4.12 -8.79
C GLN A 4 -4.83 -4.23 -9.41
N LEU A 5 -5.62 -3.18 -9.27
CA LEU A 5 -6.89 -3.07 -9.95
C LEU A 5 -6.81 -2.02 -11.05
N GLY A 6 -7.15 -2.41 -12.27
CA GLY A 6 -7.12 -1.46 -13.37
C GLY A 6 -8.39 -1.49 -14.19
N PRO A 7 -9.49 -0.90 -13.68
CA PRO A 7 -10.76 -0.86 -14.40
C PRO A 7 -10.70 0.10 -15.58
N ILE A 8 -10.51 1.37 -15.29
CA ILE A 8 -10.37 2.40 -16.31
C ILE A 8 -8.92 2.81 -16.45
N HIS A 9 -8.47 3.06 -17.68
CA HIS A 9 -7.05 3.35 -17.94
C HIS A 9 -6.62 4.85 -18.04
N PRO A 10 -7.25 5.81 -17.31
CA PRO A 10 -6.65 7.14 -17.08
C PRO A 10 -5.27 7.06 -16.36
N PRO A 11 -4.74 8.17 -15.80
CA PRO A 11 -3.57 8.12 -14.91
C PRO A 11 -3.79 7.17 -13.71
N PRO A 12 -2.69 6.79 -13.01
CA PRO A 12 -2.73 5.82 -11.89
C PRO A 12 -3.47 6.31 -10.65
N ARG A 13 -4.50 7.10 -10.86
CA ARG A 13 -5.35 7.55 -9.77
C ARG A 13 -6.52 6.60 -9.61
N THR A 14 -6.40 5.44 -10.24
CA THR A 14 -7.39 4.37 -10.16
C THR A 14 -7.07 3.25 -11.15
N SER A 15 -6.21 3.54 -12.12
CA SER A 15 -5.90 2.60 -13.19
C SER A 15 -4.94 1.51 -12.75
N MET A 16 -4.35 1.69 -11.59
CA MET A 16 -3.62 0.63 -10.92
C MET A 16 -3.71 0.83 -9.42
N THR A 17 -4.90 0.63 -8.89
CA THR A 17 -5.12 0.74 -7.47
C THR A 17 -4.62 -0.54 -6.82
N GLU A 18 -3.61 -0.41 -6.00
CA GLU A 18 -2.95 -1.57 -5.45
C GLU A 18 -3.54 -1.90 -4.09
N GLU A 19 -4.10 -3.09 -3.95
CA GLU A 19 -4.58 -3.55 -2.67
C GLU A 19 -3.60 -4.58 -2.13
N TYR A 20 -2.78 -4.17 -1.18
CA TYR A 20 -1.65 -4.98 -0.75
C TYR A 20 -2.02 -5.87 0.43
N ARG A 21 -1.78 -7.17 0.26
CA ARG A 21 -2.00 -8.13 1.34
C ARG A 21 -0.79 -8.14 2.27
N VAL A 22 -0.94 -7.50 3.41
CA VAL A 22 0.13 -7.37 4.37
C VAL A 22 -0.31 -7.89 5.74
N PRO A 23 0.49 -8.82 6.31
CA PRO A 23 0.20 -9.43 7.61
C PRO A 23 0.02 -8.39 8.71
N ASP A 24 -0.82 -8.70 9.67
CA ASP A 24 -1.17 -7.77 10.74
C ASP A 24 0.06 -7.32 11.54
N GLY A 25 0.99 -8.24 11.75
CA GLY A 25 2.23 -7.89 12.40
C GLY A 25 3.11 -7.06 11.49
N MET A 26 3.05 -7.37 10.21
CA MET A 26 3.90 -6.75 9.22
C MET A 26 3.38 -5.36 8.85
N VAL A 27 2.09 -5.10 9.07
CA VAL A 27 1.56 -3.75 8.92
C VAL A 27 1.94 -2.92 10.13
N GLY A 28 2.07 -3.57 11.28
CA GLY A 28 2.64 -2.90 12.43
C GLY A 28 4.07 -2.46 12.15
N LEU A 29 4.72 -3.18 11.25
CA LEU A 29 6.06 -2.83 10.81
C LEU A 29 6.07 -1.90 9.59
N ILE A 30 4.99 -1.91 8.78
CA ILE A 30 4.92 -1.06 7.58
C ILE A 30 4.81 0.40 8.00
N ILE A 31 4.15 0.61 9.12
CA ILE A 31 4.04 1.92 9.73
C ILE A 31 5.38 2.34 10.33
N GLY A 32 6.29 1.35 10.42
CA GLY A 32 7.72 1.64 10.63
C GLY A 32 8.09 2.02 12.05
N ARG A 33 7.09 2.24 12.88
CA ARG A 33 7.32 2.73 14.23
C ARG A 33 6.01 2.76 15.00
N GLY A 34 4.92 3.01 14.28
CA GLY A 34 3.63 3.04 14.91
C GLY A 34 2.59 3.77 14.07
N GLY A 35 3.01 4.31 12.93
CA GLY A 35 2.05 4.91 12.03
C GLY A 35 2.66 5.94 11.12
N GLU A 36 3.62 6.70 11.66
CA GLU A 36 4.20 7.82 10.95
C GLU A 36 4.82 7.43 9.61
N GLN A 37 5.51 6.29 9.54
CA GLN A 37 6.32 5.99 8.37
C GLN A 37 5.50 5.94 7.09
N ILE A 38 4.34 5.29 7.13
CA ILE A 38 3.52 5.17 5.93
C ILE A 38 3.05 6.54 5.46
N ASN A 39 2.53 7.34 6.38
CA ASN A 39 2.04 8.67 6.05
C ASN A 39 3.21 9.54 5.63
N LYS A 40 4.36 9.30 6.24
CA LYS A 40 5.58 10.02 5.94
C LYS A 40 5.95 9.84 4.47
N ILE A 41 5.97 8.59 4.03
CA ILE A 41 6.35 8.26 2.66
C ILE A 41 5.23 8.59 1.67
N GLN A 42 3.98 8.31 2.02
CA GLN A 42 2.88 8.57 1.11
C GLN A 42 2.64 10.08 0.96
N GLN A 43 3.00 10.84 1.98
CA GLN A 43 2.94 12.30 1.91
C GLN A 43 4.14 12.81 1.12
N ASP A 44 5.30 12.21 1.37
CA ASP A 44 6.53 12.55 0.67
C ASP A 44 6.40 12.32 -0.82
N SER A 45 5.74 11.24 -1.20
CA SER A 45 5.54 10.89 -2.59
C SER A 45 4.39 11.68 -3.20
N GLY A 46 3.30 11.79 -2.45
CA GLY A 46 2.10 12.40 -2.96
C GLY A 46 1.04 11.37 -3.23
N CYS A 47 1.38 10.12 -2.94
CA CYS A 47 0.46 9.01 -3.12
C CYS A 47 -0.52 8.95 -1.96
N LYS A 48 -1.78 8.66 -2.27
CA LYS A 48 -2.81 8.58 -1.25
C LYS A 48 -2.94 7.14 -0.78
N VAL A 49 -2.02 6.74 0.09
CA VAL A 49 -1.97 5.38 0.59
C VAL A 49 -2.81 5.26 1.86
N GLN A 50 -3.77 4.35 1.82
CA GLN A 50 -4.70 4.18 2.93
C GLN A 50 -4.57 2.78 3.51
N ILE A 51 -4.50 2.71 4.83
CA ILE A 51 -4.38 1.42 5.51
C ILE A 51 -5.78 0.89 5.86
N SER A 52 -6.28 -0.01 5.03
CA SER A 52 -7.63 -0.55 5.21
C SER A 52 -7.64 -1.67 6.27
N PRO A 53 -8.21 -1.39 7.45
CA PRO A 53 -8.23 -2.32 8.57
C PRO A 53 -9.38 -3.32 8.48
N ASP A 54 -10.40 -2.97 7.72
CA ASP A 54 -11.57 -3.83 7.58
C ASP A 54 -11.27 -4.95 6.60
N SER A 55 -10.53 -4.59 5.55
CA SER A 55 -10.08 -5.51 4.53
C SER A 55 -11.25 -5.99 3.68
N GLY A 56 -12.00 -6.97 4.18
CA GLY A 56 -13.14 -7.46 3.44
C GLY A 56 -12.74 -8.48 2.39
N GLY A 57 -11.93 -9.43 2.79
CA GLY A 57 -11.43 -10.43 1.87
C GLY A 57 -10.14 -11.05 2.36
N LEU A 58 -9.36 -10.27 3.09
CA LEU A 58 -8.09 -10.74 3.63
C LEU A 58 -8.17 -10.78 5.15
N PRO A 59 -7.53 -11.79 5.77
CA PRO A 59 -7.51 -11.93 7.23
C PRO A 59 -6.42 -11.06 7.84
N GLU A 60 -5.84 -10.24 7.00
CA GLU A 60 -4.72 -9.40 7.37
C GLU A 60 -5.03 -7.95 7.02
N ARG A 61 -4.01 -7.16 6.79
CA ARG A 61 -4.20 -5.78 6.44
C ARG A 61 -4.19 -5.63 4.91
N SER A 62 -5.05 -4.78 4.40
CA SER A 62 -5.04 -4.48 2.98
C SER A 62 -4.70 -3.02 2.75
N VAL A 63 -3.52 -2.77 2.23
CA VAL A 63 -3.03 -1.41 2.04
C VAL A 63 -3.29 -0.99 0.61
N SER A 64 -4.14 0.00 0.43
CA SER A 64 -4.44 0.49 -0.89
C SER A 64 -3.51 1.63 -1.24
N LEU A 65 -2.99 1.60 -2.44
CA LEU A 65 -2.12 2.66 -2.89
C LEU A 65 -2.61 3.24 -4.21
N THR A 66 -2.74 4.56 -4.25
CA THR A 66 -3.22 5.25 -5.43
C THR A 66 -2.65 6.67 -5.49
N GLY A 67 -2.39 7.19 -6.69
CA GLY A 67 -1.90 8.57 -6.80
C GLY A 67 -1.35 8.89 -8.18
N ALA A 68 -0.24 9.59 -8.21
CA ALA A 68 0.45 9.91 -9.46
C ALA A 68 1.46 8.81 -9.78
N PRO A 69 1.91 8.70 -11.05
CA PRO A 69 2.81 7.62 -11.48
C PRO A 69 4.02 7.46 -10.55
N GLU A 70 4.78 8.53 -10.39
CA GLU A 70 5.98 8.51 -9.58
C GLU A 70 5.62 8.34 -8.11
N SER A 71 4.53 8.96 -7.71
CA SER A 71 4.10 8.96 -6.33
C SER A 71 3.64 7.57 -5.89
N VAL A 72 2.80 6.95 -6.70
CA VAL A 72 2.20 5.68 -6.33
C VAL A 72 3.24 4.57 -6.33
N GLN A 73 4.22 4.65 -7.23
CA GLN A 73 5.25 3.63 -7.30
C GLN A 73 6.21 3.75 -6.13
N LYS A 74 6.47 4.98 -5.71
CA LYS A 74 7.31 5.25 -4.54
C LYS A 74 6.70 4.59 -3.31
N ALA A 75 5.40 4.80 -3.15
CA ALA A 75 4.66 4.24 -2.03
C ALA A 75 4.64 2.71 -2.07
N LYS A 76 4.58 2.16 -3.27
CA LYS A 76 4.48 0.71 -3.44
C LYS A 76 5.85 0.09 -3.31
N MET A 77 6.86 0.90 -3.55
CA MET A 77 8.23 0.48 -3.40
C MET A 77 8.54 0.18 -1.94
N MET A 78 8.09 1.04 -1.03
CA MET A 78 8.28 0.79 0.39
C MET A 78 7.35 -0.32 0.85
N LEU A 79 6.21 -0.47 0.18
CA LEU A 79 5.26 -1.52 0.48
C LEU A 79 5.87 -2.89 0.16
N ASP A 80 6.31 -3.05 -1.08
CA ASP A 80 6.92 -4.30 -1.54
C ASP A 80 8.13 -4.64 -0.68
N ASP A 81 8.79 -3.61 -0.16
CA ASP A 81 9.96 -3.78 0.67
C ASP A 81 9.62 -4.56 1.95
N ILE A 82 8.72 -4.02 2.76
CA ILE A 82 8.38 -4.62 4.04
C ILE A 82 7.55 -5.87 3.86
N VAL A 83 6.67 -5.87 2.88
CA VAL A 83 5.87 -7.06 2.60
C VAL A 83 6.77 -8.19 2.10
N SER A 84 7.93 -7.84 1.58
CA SER A 84 8.92 -8.84 1.17
C SER A 84 9.54 -9.49 2.40
N ARG A 85 9.83 -8.69 3.42
CA ARG A 85 10.44 -9.22 4.65
C ARG A 85 9.42 -10.03 5.45
N GLY A 86 8.13 -9.83 5.14
CA GLY A 86 7.09 -10.53 5.86
C GLY A 86 6.54 -11.73 5.11
N ARG A 87 6.20 -11.53 3.86
CA ARG A 87 5.61 -12.58 3.04
C ARG A 87 6.62 -13.12 2.03
N GLY A 88 7.89 -13.07 2.41
CA GLY A 88 8.94 -13.59 1.56
C GLY A 88 9.13 -15.08 1.72
N GLY A 89 8.06 -15.82 1.50
CA GLY A 89 8.11 -17.26 1.60
C GLY A 89 6.91 -17.88 0.92
#